data_8JMI
#
_entry.id   8JMI
#
_cell.length_a   1.00
_cell.length_b   1.00
_cell.length_c   1.00
_cell.angle_alpha   90.00
_cell.angle_beta   90.00
_cell.angle_gamma   90.00
#
_symmetry.space_group_name_H-M   'P 1'
#
loop_
_entity.id
_entity.type
_entity.pdbx_description
1 polymer 'Gustatory receptor for sugar taste 64a'
2 branched alpha-D-glucopyranose-(1-4)-beta-D-glucopyranose
#
_entity_poly.entity_id   1
_entity_poly.type   'polypeptide(L)'
_entity_poly.pdbx_seq_one_letter_code
;MWSHPQFEKGGSSGGVDMKGPNLNFRKTPSKDNGVKQVESLARPETPPPKFVEDSNLEFNVLASEKLPNYTNLDLFHRAV
FPFMFLAQCVAIMPLVGIRESNPRRVRFAYKSIPMFVTLIFMIATSILFLSMFTHLLKIGITAKNFVGLVFFGCVLSAYV
VFIRLAKKWPAVVRIWTRTEIPFTKPPYEIPKRNLSRRVQLAALAIIGLSLGEHALYQVSAILSYTRRIQMCANITTVPS
FNNYMQTNYDYVFQLLPYSPIIAVLILLINGACTFVWNYMDLFIMMISKGLSYRFEQITTRIRKLEHEEVCESVFIQIRE
HYVKMCELLEFVDSAMSSLILLSCVNNLYFVCYQLLNVFNKLRWPINYIYFWYSLLYLIGRTAFVFLTAADINEESKRGL
GVLRRVSSRSWCVEVERLIFQMTTQTVALSGKKFYFLTRRLLFGMAGTIVTYELVLLQFDEPNRRKGLQPLCA
;
_entity_poly.pdbx_strand_id   A,B,C,D
#
loop_
_chem_comp.id
_chem_comp.type
_chem_comp.name
_chem_comp.formula
BGC D-saccharide, beta linking beta-D-glucopyranose 'C6 H12 O6'
GLC D-saccharide, alpha linking alpha-D-glucopyranose 'C6 H12 O6'
#
# COMPACT_ATOMS: atom_id res chain seq x y z
N LEU A 67 -24.27 -3.54 -45.32
CA LEU A 67 -23.57 -4.02 -44.13
C LEU A 67 -22.14 -4.46 -44.49
N PRO A 68 -21.20 -4.29 -43.56
CA PRO A 68 -19.81 -4.64 -43.86
C PRO A 68 -19.64 -6.14 -44.08
N ASN A 69 -18.65 -6.48 -44.90
CA ASN A 69 -18.36 -7.88 -45.22
C ASN A 69 -17.50 -8.45 -44.09
N TYR A 70 -18.15 -9.14 -43.15
CA TYR A 70 -17.47 -9.70 -41.99
C TYR A 70 -16.54 -10.85 -42.34
N THR A 71 -16.65 -11.42 -43.55
CA THR A 71 -15.91 -12.64 -43.86
C THR A 71 -14.41 -12.41 -43.82
N ASN A 72 -13.93 -11.30 -44.37
CA ASN A 72 -12.51 -11.04 -44.50
C ASN A 72 -12.01 -9.92 -43.58
N LEU A 73 -12.91 -9.19 -42.94
CA LEU A 73 -12.49 -8.07 -42.11
C LEU A 73 -11.68 -8.54 -40.90
N ASP A 74 -10.75 -7.70 -40.46
CA ASP A 74 -9.89 -8.02 -39.32
C ASP A 74 -10.60 -7.60 -38.04
N LEU A 75 -11.58 -8.40 -37.65
CA LEU A 75 -12.44 -8.11 -36.50
C LEU A 75 -12.10 -9.04 -35.34
N PHE A 76 -12.48 -8.60 -34.14
CA PHE A 76 -12.24 -9.40 -32.94
C PHE A 76 -13.00 -10.71 -32.99
N HIS A 77 -14.27 -10.68 -33.41
CA HIS A 77 -15.08 -11.89 -33.42
C HIS A 77 -14.48 -12.94 -34.33
N ARG A 78 -14.05 -12.54 -35.53
CA ARG A 78 -13.37 -13.47 -36.41
C ARG A 78 -12.10 -14.01 -35.77
N ALA A 79 -11.40 -13.19 -34.98
CA ALA A 79 -10.16 -13.62 -34.36
C ALA A 79 -10.40 -14.66 -33.28
N VAL A 80 -11.48 -14.52 -32.51
CA VAL A 80 -11.66 -15.32 -31.31
C VAL A 80 -12.65 -16.47 -31.47
N PHE A 81 -13.53 -16.44 -32.46
CA PHE A 81 -14.58 -17.46 -32.53
C PHE A 81 -14.03 -18.88 -32.66
N PRO A 82 -12.89 -19.15 -33.29
CA PRO A 82 -12.39 -20.54 -33.28
C PRO A 82 -12.13 -21.06 -31.87
N PHE A 83 -11.52 -20.24 -31.02
CA PHE A 83 -11.23 -20.67 -29.65
C PHE A 83 -12.48 -20.62 -28.78
N MET A 84 -13.41 -19.72 -29.06
CA MET A 84 -14.70 -19.76 -28.37
C MET A 84 -15.43 -21.06 -28.69
N PHE A 85 -15.36 -21.52 -29.94
CA PHE A 85 -15.97 -22.80 -30.30
C PHE A 85 -15.23 -23.97 -29.67
N LEU A 86 -13.90 -23.89 -29.60
CA LEU A 86 -13.14 -24.92 -28.91
C LEU A 86 -13.58 -25.02 -27.45
N ALA A 87 -13.78 -23.88 -26.79
CA ALA A 87 -14.29 -23.88 -25.43
C ALA A 87 -15.72 -24.42 -25.38
N GLN A 88 -16.52 -24.10 -26.39
CA GLN A 88 -17.87 -24.66 -26.46
C GLN A 88 -17.83 -26.18 -26.52
N CYS A 89 -16.82 -26.74 -27.17
CA CYS A 89 -16.71 -28.19 -27.25
C CYS A 89 -16.70 -28.83 -25.87
N VAL A 90 -16.08 -28.16 -24.89
CA VAL A 90 -16.15 -28.58 -23.50
C VAL A 90 -17.24 -27.83 -22.74
N ALA A 91 -18.13 -27.13 -23.45
CA ALA A 91 -19.33 -26.53 -22.88
C ALA A 91 -18.99 -25.45 -21.86
N ILE A 92 -18.22 -24.46 -22.31
CA ILE A 92 -17.78 -23.38 -21.45
C ILE A 92 -18.78 -22.22 -21.53
N MET A 93 -18.97 -21.68 -22.73
CA MET A 93 -19.77 -20.47 -22.94
C MET A 93 -20.86 -20.80 -23.95
N PRO A 94 -22.05 -21.22 -23.49
CA PRO A 94 -23.04 -21.79 -24.40
C PRO A 94 -23.77 -20.76 -25.26
N LEU A 95 -23.18 -20.39 -26.39
CA LEU A 95 -23.79 -19.47 -27.33
C LEU A 95 -24.17 -20.20 -28.62
N VAL A 96 -25.17 -19.67 -29.32
CA VAL A 96 -25.64 -20.27 -30.57
C VAL A 96 -25.11 -19.44 -31.73
N GLY A 97 -24.59 -20.12 -32.75
CA GLY A 97 -24.07 -19.44 -33.91
C GLY A 97 -22.81 -18.63 -33.64
N ILE A 98 -21.93 -19.17 -32.80
CA ILE A 98 -20.67 -18.49 -32.53
C ILE A 98 -19.75 -18.50 -33.75
N ARG A 99 -19.89 -19.49 -34.62
CA ARG A 99 -19.08 -19.58 -35.83
C ARG A 99 -19.58 -18.68 -36.96
N GLU A 100 -20.76 -18.10 -36.82
CA GLU A 100 -21.30 -17.27 -37.89
C GLU A 100 -20.40 -16.08 -38.14
N SER A 101 -20.17 -15.78 -39.43
CA SER A 101 -19.32 -14.65 -39.78
C SER A 101 -19.92 -13.33 -39.30
N ASN A 102 -21.25 -13.22 -39.38
CA ASN A 102 -21.92 -12.02 -38.89
C ASN A 102 -22.08 -12.12 -37.38
N PRO A 103 -21.47 -11.24 -36.59
CA PRO A 103 -21.66 -11.31 -35.13
C PRO A 103 -23.09 -11.03 -34.71
N ARG A 104 -23.90 -10.40 -35.55
CA ARG A 104 -25.30 -10.16 -35.22
C ARG A 104 -26.09 -11.46 -35.10
N ARG A 105 -25.60 -12.56 -35.66
CA ARG A 105 -26.26 -13.84 -35.59
C ARG A 105 -25.90 -14.62 -34.34
N VAL A 106 -25.02 -14.09 -33.50
CA VAL A 106 -24.68 -14.73 -32.22
C VAL A 106 -25.81 -14.44 -31.24
N ARG A 107 -26.36 -15.48 -30.64
CA ARG A 107 -27.45 -15.34 -29.69
C ARG A 107 -27.25 -16.34 -28.56
N PHE A 108 -27.90 -16.04 -27.43
CA PHE A 108 -27.88 -16.91 -26.25
C PHE A 108 -29.27 -17.52 -26.08
N ALA A 109 -29.34 -18.84 -26.07
CA ALA A 109 -30.60 -19.56 -25.92
C ALA A 109 -30.43 -20.66 -24.89
N TYR A 110 -31.29 -20.66 -23.87
CA TYR A 110 -31.25 -21.73 -22.87
C TYR A 110 -31.57 -23.08 -23.50
N LYS A 111 -32.57 -23.12 -24.38
CA LYS A 111 -32.91 -24.35 -25.11
C LYS A 111 -32.07 -24.39 -26.39
N SER A 112 -30.86 -24.93 -26.25
CA SER A 112 -29.95 -25.08 -27.37
C SER A 112 -28.95 -26.17 -27.03
N ILE A 113 -28.31 -26.71 -28.08
CA ILE A 113 -27.31 -27.76 -27.87
C ILE A 113 -26.18 -27.28 -26.98
N PRO A 114 -25.61 -26.09 -27.17
CA PRO A 114 -24.55 -25.63 -26.25
C PRO A 114 -24.99 -25.63 -24.80
N MET A 115 -26.23 -25.20 -24.52
CA MET A 115 -26.69 -25.18 -23.13
C MET A 115 -26.90 -26.59 -22.61
N PHE A 116 -27.34 -27.52 -23.46
CA PHE A 116 -27.46 -28.91 -23.04
C PHE A 116 -26.10 -29.49 -22.67
N VAL A 117 -25.09 -29.24 -23.50
CA VAL A 117 -23.75 -29.75 -23.20
C VAL A 117 -23.22 -29.09 -21.93
N THR A 118 -23.52 -27.80 -21.74
CA THR A 118 -23.09 -27.11 -20.53
C THR A 118 -23.74 -27.72 -19.30
N LEU A 119 -25.03 -28.05 -19.39
CA LEU A 119 -25.71 -28.70 -18.27
C LEU A 119 -25.09 -30.05 -17.98
N ILE A 120 -24.80 -30.84 -19.02
CA ILE A 120 -24.17 -32.14 -18.80
C ILE A 120 -22.82 -31.98 -18.11
N PHE A 121 -22.00 -31.06 -18.60
CA PHE A 121 -20.67 -30.87 -18.03
C PHE A 121 -20.75 -30.34 -16.60
N MET A 122 -21.71 -29.45 -16.33
CA MET A 122 -21.86 -28.94 -14.97
C MET A 122 -22.35 -30.02 -14.02
N ILE A 123 -23.27 -30.89 -14.49
CA ILE A 123 -23.71 -32.00 -13.67
C ILE A 123 -22.54 -32.93 -13.35
N ALA A 124 -21.72 -33.22 -14.35
CA ALA A 124 -20.58 -34.12 -14.13
C ALA A 124 -19.55 -33.48 -13.20
N THR A 125 -19.31 -32.17 -13.36
CA THR A 125 -18.40 -31.48 -12.48
C THR A 125 -18.93 -31.45 -11.05
N SER A 126 -20.24 -31.30 -10.90
CA SER A 126 -20.84 -31.37 -9.57
C SER A 126 -20.67 -32.77 -8.98
N ILE A 127 -20.79 -33.80 -9.82
CA ILE A 127 -20.55 -35.16 -9.34
C ILE A 127 -19.12 -35.29 -8.82
N LEU A 128 -18.16 -34.78 -9.59
CA LEU A 128 -16.76 -34.84 -9.17
C LEU A 128 -16.53 -34.05 -7.90
N PHE A 129 -17.14 -32.87 -7.80
CA PHE A 129 -16.98 -32.03 -6.61
C PHE A 129 -17.56 -32.71 -5.37
N LEU A 130 -18.74 -33.32 -5.51
CA LEU A 130 -19.32 -34.07 -4.41
C LEU A 130 -18.45 -35.26 -4.04
N SER A 131 -17.89 -35.95 -5.03
CA SER A 131 -16.98 -37.05 -4.76
C SER A 131 -15.80 -36.58 -3.92
N MET A 132 -15.17 -35.48 -4.33
CA MET A 132 -14.04 -34.95 -3.58
C MET A 132 -14.46 -34.53 -2.17
N PHE A 133 -15.62 -33.87 -2.06
CA PHE A 133 -16.08 -33.41 -0.75
C PHE A 133 -16.30 -34.58 0.20
N THR A 134 -17.00 -35.62 -0.28
CA THR A 134 -17.26 -36.78 0.56
C THR A 134 -15.96 -37.52 0.90
N HIS A 135 -15.05 -37.66 -0.07
CA HIS A 135 -13.78 -38.33 0.21
C HIS A 135 -12.99 -37.58 1.27
N LEU A 136 -12.91 -36.25 1.15
CA LEU A 136 -12.15 -35.48 2.13
C LEU A 136 -12.82 -35.53 3.50
N LEU A 137 -14.15 -35.50 3.53
CA LEU A 137 -14.84 -35.67 4.82
C LEU A 137 -14.52 -37.01 5.44
N LYS A 138 -14.50 -38.08 4.62
CA LYS A 138 -14.17 -39.39 5.15
C LYS A 138 -12.74 -39.44 5.68
N ILE A 139 -11.79 -38.84 4.95
CA ILE A 139 -10.39 -38.87 5.35
C ILE A 139 -9.95 -37.59 6.05
N GLY A 140 -10.88 -36.67 6.31
CA GLY A 140 -10.52 -35.41 6.95
C GLY A 140 -9.95 -34.41 5.96
N ILE A 141 -10.32 -33.14 6.12
CA ILE A 141 -9.90 -32.07 5.22
C ILE A 141 -8.59 -31.48 5.74
N THR A 142 -7.58 -31.43 4.88
CA THR A 142 -6.32 -30.80 5.18
C THR A 142 -6.06 -29.68 4.17
N ALA A 143 -5.22 -28.73 4.57
CA ALA A 143 -4.88 -27.63 3.67
C ALA A 143 -4.31 -28.15 2.36
N LYS A 144 -3.61 -29.29 2.39
CA LYS A 144 -3.08 -29.87 1.17
C LYS A 144 -4.17 -30.56 0.35
N ASN A 145 -5.09 -31.26 1.02
CA ASN A 145 -6.21 -31.88 0.31
C ASN A 145 -7.15 -30.83 -0.28
N PHE A 146 -7.39 -29.75 0.45
CA PHE A 146 -8.39 -28.77 0.05
C PHE A 146 -8.20 -28.28 -1.38
N VAL A 147 -6.94 -28.17 -1.83
CA VAL A 147 -6.68 -27.72 -3.20
C VAL A 147 -7.58 -28.45 -4.18
N GLY A 148 -7.66 -29.78 -4.07
CA GLY A 148 -8.50 -30.53 -4.98
C GLY A 148 -9.90 -29.97 -5.04
N LEU A 149 -10.58 -29.89 -3.88
CA LEU A 149 -11.91 -29.30 -3.86
C LEU A 149 -11.91 -27.94 -4.53
N VAL A 150 -10.97 -27.08 -4.15
CA VAL A 150 -10.93 -25.74 -4.72
C VAL A 150 -10.95 -25.82 -6.23
N PHE A 151 -10.07 -26.65 -6.80
CA PHE A 151 -10.06 -26.82 -8.25
C PHE A 151 -11.47 -27.00 -8.77
N PHE A 152 -12.14 -28.08 -8.36
CA PHE A 152 -13.47 -28.34 -8.88
C PHE A 152 -14.39 -27.17 -8.59
N GLY A 153 -14.35 -26.63 -7.37
CA GLY A 153 -15.16 -25.47 -7.08
C GLY A 153 -14.94 -24.37 -8.09
N CYS A 154 -13.68 -23.97 -8.30
CA CYS A 154 -13.39 -22.95 -9.29
C CYS A 154 -14.00 -23.34 -10.63
N VAL A 155 -13.77 -24.57 -11.08
CA VAL A 155 -14.28 -24.98 -12.37
C VAL A 155 -15.78 -24.78 -12.42
N LEU A 156 -16.49 -25.26 -11.40
CA LEU A 156 -17.93 -25.06 -11.38
C LEU A 156 -18.26 -23.58 -11.45
N SER A 157 -17.63 -22.78 -10.59
CA SER A 157 -17.84 -21.34 -10.64
C SER A 157 -17.61 -20.85 -12.06
N ALA A 158 -16.51 -21.25 -12.68
CA ALA A 158 -16.22 -20.80 -14.03
C ALA A 158 -17.42 -21.04 -14.94
N TYR A 159 -17.96 -22.27 -14.93
CA TYR A 159 -19.11 -22.56 -15.77
C TYR A 159 -20.20 -21.55 -15.53
N VAL A 160 -20.59 -21.36 -14.27
CA VAL A 160 -21.65 -20.41 -13.98
C VAL A 160 -21.27 -19.05 -14.52
N VAL A 161 -20.06 -18.58 -14.19
CA VAL A 161 -19.64 -17.27 -14.65
C VAL A 161 -19.73 -17.22 -16.17
N PHE A 162 -19.19 -18.23 -16.84
CA PHE A 162 -19.19 -18.18 -18.30
C PHE A 162 -20.61 -18.19 -18.83
N ILE A 163 -21.51 -18.95 -18.21
CA ILE A 163 -22.90 -18.91 -18.65
C ILE A 163 -23.42 -17.48 -18.61
N ARG A 164 -23.19 -16.81 -17.48
CA ARG A 164 -23.60 -15.41 -17.39
C ARG A 164 -22.92 -14.59 -18.47
N LEU A 165 -21.62 -14.83 -18.67
CA LEU A 165 -20.91 -14.13 -19.73
C LEU A 165 -21.56 -14.39 -21.07
N ALA A 166 -21.93 -15.64 -21.34
CA ALA A 166 -22.64 -15.94 -22.58
C ALA A 166 -23.90 -15.11 -22.68
N LYS A 167 -24.65 -15.00 -21.59
CA LYS A 167 -25.87 -14.21 -21.61
C LYS A 167 -25.59 -12.80 -22.08
N LYS A 168 -24.44 -12.25 -21.70
CA LYS A 168 -24.09 -10.87 -22.08
C LYS A 168 -23.32 -10.80 -23.38
N TRP A 169 -22.85 -11.92 -23.92
CA TRP A 169 -21.90 -11.85 -25.03
C TRP A 169 -22.50 -11.23 -26.28
N PRO A 170 -23.70 -11.61 -26.71
CA PRO A 170 -24.25 -11.03 -27.94
C PRO A 170 -24.21 -9.51 -27.94
N ALA A 171 -24.89 -8.86 -27.00
CA ALA A 171 -24.77 -7.42 -26.86
C ALA A 171 -23.32 -6.99 -26.98
N VAL A 172 -22.46 -7.50 -26.09
CA VAL A 172 -21.05 -7.16 -26.13
C VAL A 172 -20.53 -7.27 -27.56
N VAL A 173 -20.59 -8.47 -28.13
CA VAL A 173 -19.97 -8.65 -29.44
C VAL A 173 -20.55 -7.64 -30.42
N ARG A 174 -21.87 -7.47 -30.40
CA ARG A 174 -22.48 -6.49 -31.29
C ARG A 174 -21.81 -5.14 -31.14
N ILE A 175 -21.84 -4.58 -29.93
CA ILE A 175 -21.22 -3.26 -29.76
C ILE A 175 -19.77 -3.33 -30.20
N TRP A 176 -19.05 -4.37 -29.77
CA TRP A 176 -17.65 -4.48 -30.14
C TRP A 176 -17.49 -4.33 -31.64
N THR A 177 -18.26 -5.11 -32.40
CA THR A 177 -18.13 -5.04 -33.85
C THR A 177 -18.35 -3.61 -34.33
N ARG A 178 -19.47 -3.00 -33.92
CA ARG A 178 -19.78 -1.66 -34.44
C ARG A 178 -18.79 -0.63 -33.91
N THR A 179 -18.08 -0.93 -32.82
CA THR A 179 -17.06 -0.02 -32.35
C THR A 179 -15.78 -0.12 -33.18
N GLU A 180 -15.48 -1.29 -33.73
CA GLU A 180 -14.21 -1.52 -34.38
C GLU A 180 -14.28 -1.39 -35.90
N ILE A 181 -15.46 -1.13 -36.47
CA ILE A 181 -15.55 -0.92 -37.91
C ILE A 181 -14.73 0.30 -38.35
N PRO A 182 -14.78 1.44 -37.65
CA PRO A 182 -13.96 2.58 -38.08
C PRO A 182 -12.48 2.28 -38.18
N PHE A 183 -11.96 1.39 -37.33
CA PHE A 183 -10.53 1.10 -37.33
C PHE A 183 -10.12 0.14 -38.44
N THR A 184 -11.06 -0.42 -39.19
CA THR A 184 -10.75 -1.29 -40.32
C THR A 184 -10.52 -0.50 -41.61
N LYS A 185 -10.63 0.81 -41.57
CA LYS A 185 -10.48 1.68 -42.73
C LYS A 185 -9.50 2.79 -42.40
N PRO A 186 -8.95 3.46 -43.40
CA PRO A 186 -8.01 4.55 -43.14
C PRO A 186 -8.65 5.60 -42.26
N PRO A 187 -7.84 6.39 -41.53
CA PRO A 187 -6.38 6.44 -41.53
C PRO A 187 -5.73 5.37 -40.66
N TYR A 188 -6.46 4.33 -40.28
CA TYR A 188 -5.91 3.25 -39.48
C TYR A 188 -5.43 2.12 -40.37
N GLU A 189 -4.24 1.59 -40.05
CA GLU A 189 -3.64 0.50 -40.79
C GLU A 189 -3.51 -0.73 -39.90
N ILE A 190 -3.57 -1.89 -40.54
CA ILE A 190 -3.44 -3.16 -39.81
C ILE A 190 -1.97 -3.34 -39.42
N PRO A 191 -1.65 -3.62 -38.16
CA PRO A 191 -0.24 -3.76 -37.77
C PRO A 191 0.41 -4.98 -38.43
N LYS A 192 1.72 -5.16 -38.20
CA LYS A 192 2.40 -6.32 -38.74
C LYS A 192 1.69 -7.60 -38.33
N ARG A 193 1.37 -7.73 -37.05
CA ARG A 193 0.63 -8.88 -36.52
C ARG A 193 -0.83 -8.45 -36.39
N ASN A 194 -1.68 -8.98 -37.27
CA ASN A 194 -3.09 -8.64 -37.20
C ASN A 194 -3.74 -9.31 -35.99
N LEU A 195 -4.96 -8.90 -35.69
CA LEU A 195 -5.63 -9.37 -34.48
C LEU A 195 -5.78 -10.88 -34.48
N SER A 196 -6.13 -11.45 -35.63
CA SER A 196 -6.28 -12.91 -35.71
C SER A 196 -4.98 -13.61 -35.38
N ARG A 197 -3.86 -13.11 -35.91
CA ARG A 197 -2.57 -13.75 -35.64
C ARG A 197 -2.18 -13.61 -34.17
N ARG A 198 -2.39 -12.43 -33.58
CA ARG A 198 -2.07 -12.26 -32.17
C ARG A 198 -2.88 -13.22 -31.30
N VAL A 199 -4.19 -13.29 -31.55
CA VAL A 199 -5.04 -14.18 -30.78
C VAL A 199 -4.62 -15.63 -30.99
N GLN A 200 -4.33 -16.01 -32.23
CA GLN A 200 -3.91 -17.38 -32.52
C GLN A 200 -2.62 -17.73 -31.78
N LEU A 201 -1.62 -16.85 -31.85
CA LEU A 201 -0.35 -17.14 -31.21
C LEU A 201 -0.54 -17.31 -29.71
N ALA A 202 -1.20 -16.33 -29.06
CA ALA A 202 -1.35 -16.41 -27.61
C ALA A 202 -2.18 -17.62 -27.20
N ALA A 203 -3.28 -17.87 -27.91
CA ALA A 203 -4.15 -18.98 -27.55
C ALA A 203 -3.47 -20.32 -27.78
N LEU A 204 -2.74 -20.47 -28.88
CA LEU A 204 -2.02 -21.71 -29.11
C LEU A 204 -0.94 -21.93 -28.07
N ALA A 205 -0.22 -20.87 -27.69
CA ALA A 205 0.77 -21.00 -26.62
C ALA A 205 0.11 -21.47 -25.34
N ILE A 206 -0.99 -20.83 -24.94
CA ILE A 206 -1.66 -21.20 -23.70
C ILE A 206 -2.16 -22.63 -23.77
N ILE A 207 -2.79 -23.01 -24.89
CA ILE A 207 -3.35 -24.35 -25.03
C ILE A 207 -2.26 -25.40 -24.99
N GLY A 208 -1.16 -25.17 -25.71
CA GLY A 208 -0.06 -26.12 -25.71
C GLY A 208 0.57 -26.26 -24.33
N LEU A 209 0.74 -25.14 -23.62
CA LEU A 209 1.32 -25.20 -22.29
C LEU A 209 0.39 -25.92 -21.33
N SER A 210 -0.92 -25.69 -21.45
CA SER A 210 -1.87 -26.41 -20.60
C SER A 210 -1.88 -27.90 -20.91
N LEU A 211 -1.82 -28.26 -22.19
CA LEU A 211 -1.73 -29.67 -22.56
C LEU A 211 -0.46 -30.30 -21.99
N GLY A 212 0.67 -29.59 -22.07
CA GLY A 212 1.89 -30.08 -21.48
C GLY A 212 1.79 -30.25 -19.98
N GLU A 213 1.15 -29.28 -19.31
CA GLU A 213 0.97 -29.37 -17.86
C GLU A 213 0.13 -30.59 -17.49
N HIS A 214 -0.98 -30.81 -18.19
CA HIS A 214 -1.84 -31.96 -17.86
C HIS A 214 -1.15 -33.27 -18.22
N ALA A 215 -0.42 -33.30 -19.33
CA ALA A 215 0.33 -34.50 -19.70
C ALA A 215 1.38 -34.83 -18.65
N LEU A 216 2.08 -33.81 -18.15
CA LEU A 216 3.06 -34.03 -17.10
C LEU A 216 2.38 -34.49 -15.82
N TYR A 217 1.21 -33.95 -15.51
CA TYR A 217 0.46 -34.41 -14.34
C TYR A 217 0.13 -35.89 -14.45
N GLN A 218 -0.43 -36.30 -15.59
CA GLN A 218 -0.80 -37.69 -15.79
C GLN A 218 0.44 -38.59 -15.78
N VAL A 219 1.51 -38.16 -16.43
CA VAL A 219 2.73 -38.96 -16.49
C VAL A 219 3.31 -39.13 -15.09
N SER A 220 3.34 -38.04 -14.31
CA SER A 220 3.87 -38.11 -12.96
C SER A 220 3.04 -39.07 -12.10
N ALA A 221 1.70 -38.96 -12.19
CA ALA A 221 0.86 -39.85 -11.40
C ALA A 221 1.08 -41.31 -11.80
N ILE A 222 1.08 -41.59 -13.11
CA ILE A 222 1.21 -42.96 -13.58
C ILE A 222 2.57 -43.52 -13.20
N LEU A 223 3.64 -42.73 -13.37
CA LEU A 223 4.98 -43.21 -13.06
C LEU A 223 5.13 -43.43 -11.56
N SER A 224 4.59 -42.53 -10.73
CA SER A 224 4.64 -42.75 -9.29
C SER A 224 3.95 -44.05 -8.92
N TYR A 225 2.74 -44.26 -9.44
CA TYR A 225 1.99 -45.48 -9.13
C TYR A 225 2.75 -46.72 -9.56
N THR A 226 3.18 -46.76 -10.83
CA THR A 226 3.85 -47.95 -11.36
C THR A 226 5.17 -48.21 -10.66
N ARG A 227 5.96 -47.16 -10.40
CA ARG A 227 7.25 -47.35 -9.74
C ARG A 227 7.05 -47.82 -8.30
N ARG A 228 6.07 -47.24 -7.60
CA ARG A 228 5.76 -47.73 -6.26
C ARG A 228 5.46 -49.22 -6.30
N ILE A 229 4.56 -49.64 -7.20
CA ILE A 229 4.19 -51.06 -7.24
C ILE A 229 5.40 -51.91 -7.59
N GLN A 230 6.20 -51.48 -8.56
CA GLN A 230 7.29 -52.33 -9.05
C GLN A 230 8.39 -52.50 -8.01
N MET A 231 8.86 -51.39 -7.42
CA MET A 231 9.93 -51.44 -6.43
C MET A 231 9.40 -51.55 -5.00
N CYS A 232 8.13 -51.89 -4.83
CA CYS A 232 7.59 -52.05 -3.48
C CYS A 232 8.28 -53.19 -2.74
N ALA A 233 8.57 -54.30 -3.43
CA ALA A 233 9.16 -55.48 -2.81
C ALA A 233 8.28 -56.02 -1.69
N ASN A 234 6.97 -55.80 -1.81
CA ASN A 234 5.97 -56.18 -0.83
C ASN A 234 4.69 -56.44 -1.62
N ILE A 235 3.53 -56.35 -0.97
CA ILE A 235 2.26 -56.59 -1.63
C ILE A 235 2.31 -55.98 -3.02
N THR A 236 1.99 -56.78 -4.04
CA THR A 236 2.28 -56.42 -5.42
C THR A 236 1.13 -55.65 -6.08
N THR A 237 -0.04 -56.26 -6.16
CA THR A 237 -1.18 -55.67 -6.86
C THR A 237 -0.76 -55.21 -8.25
N VAL A 238 -0.39 -56.21 -9.05
CA VAL A 238 0.20 -56.02 -10.38
C VAL A 238 -0.38 -54.79 -11.06
N PRO A 239 0.44 -53.91 -11.64
CA PRO A 239 -0.10 -52.67 -12.22
C PRO A 239 -1.14 -52.94 -13.29
N SER A 240 -2.17 -52.11 -13.31
CA SER A 240 -3.22 -52.22 -14.32
C SER A 240 -3.95 -50.88 -14.38
N PHE A 241 -4.67 -50.68 -15.48
CA PHE A 241 -5.44 -49.45 -15.64
C PHE A 241 -6.50 -49.34 -14.55
N ASN A 242 -7.19 -50.44 -14.25
CA ASN A 242 -8.27 -50.39 -13.27
C ASN A 242 -7.75 -50.10 -11.87
N ASN A 243 -6.64 -50.74 -11.48
CA ASN A 243 -6.11 -50.51 -10.14
C ASN A 243 -5.63 -49.07 -9.99
N TYR A 244 -4.96 -48.53 -11.02
CA TYR A 244 -4.56 -47.13 -10.99
C TYR A 244 -5.78 -46.21 -10.90
N MET A 245 -6.81 -46.50 -11.67
CA MET A 245 -8.01 -45.67 -11.64
C MET A 245 -8.64 -45.69 -10.25
N GLN A 246 -8.68 -46.86 -9.62
CA GLN A 246 -9.26 -46.98 -8.29
C GLN A 246 -8.38 -46.30 -7.23
N THR A 247 -7.06 -46.30 -7.45
CA THR A 247 -6.15 -45.76 -6.44
C THR A 247 -6.07 -44.23 -6.53
N ASN A 248 -5.61 -43.71 -7.66
CA ASN A 248 -5.39 -42.27 -7.76
C ASN A 248 -6.71 -41.50 -7.72
N TYR A 249 -7.77 -42.04 -8.31
CA TYR A 249 -9.08 -41.42 -8.34
C TYR A 249 -10.02 -42.10 -7.35
N ASP A 250 -9.48 -42.56 -6.22
CA ASP A 250 -10.30 -43.24 -5.23
C ASP A 250 -11.39 -42.33 -4.68
N TYR A 251 -11.17 -41.01 -4.73
CA TYR A 251 -12.19 -40.07 -4.27
C TYR A 251 -13.46 -40.16 -5.10
N VAL A 252 -13.36 -40.65 -6.34
CA VAL A 252 -14.55 -40.83 -7.18
C VAL A 252 -15.19 -42.18 -6.91
N PHE A 253 -14.43 -43.26 -7.13
CA PHE A 253 -14.97 -44.60 -7.05
C PHE A 253 -15.37 -44.99 -5.63
N GLN A 254 -14.94 -44.23 -4.62
CA GLN A 254 -15.44 -44.47 -3.27
C GLN A 254 -16.91 -44.10 -3.13
N LEU A 255 -17.46 -43.40 -4.12
CA LEU A 255 -18.87 -43.02 -4.14
C LEU A 255 -19.65 -43.68 -5.27
N LEU A 256 -19.01 -43.91 -6.41
CA LEU A 256 -19.63 -44.55 -7.56
C LEU A 256 -19.01 -45.93 -7.78
N PRO A 257 -19.80 -46.93 -8.15
CA PRO A 257 -19.21 -48.24 -8.47
C PRO A 257 -18.24 -48.13 -9.64
N TYR A 258 -17.13 -48.83 -9.53
CA TYR A 258 -16.11 -48.75 -10.57
C TYR A 258 -16.59 -49.40 -11.87
N SER A 259 -16.15 -48.83 -12.99
CA SER A 259 -16.40 -49.38 -14.31
C SER A 259 -15.43 -48.72 -15.30
N PRO A 260 -14.85 -49.48 -16.24
CA PRO A 260 -13.91 -48.85 -17.17
C PRO A 260 -14.51 -47.69 -17.94
N ILE A 261 -15.79 -47.78 -18.31
CA ILE A 261 -16.45 -46.67 -18.98
C ILE A 261 -16.45 -45.44 -18.07
N ILE A 262 -16.79 -45.62 -16.79
CA ILE A 262 -16.76 -44.52 -15.85
C ILE A 262 -15.32 -44.02 -15.69
N ALA A 263 -14.34 -44.90 -15.78
CA ALA A 263 -12.94 -44.47 -15.70
C ALA A 263 -12.60 -43.51 -16.84
N VAL A 264 -12.92 -43.90 -18.07
CA VAL A 264 -12.65 -43.02 -19.21
C VAL A 264 -13.44 -41.74 -19.09
N LEU A 265 -14.68 -41.82 -18.61
CA LEU A 265 -15.48 -40.63 -18.42
C LEU A 265 -14.81 -39.69 -17.42
N ILE A 266 -14.32 -40.21 -16.31
CA ILE A 266 -13.68 -39.37 -15.30
C ILE A 266 -12.42 -38.73 -15.86
N LEU A 267 -11.64 -39.49 -16.64
CA LEU A 267 -10.46 -38.90 -17.26
C LEU A 267 -10.83 -37.76 -18.20
N LEU A 268 -11.82 -37.97 -19.05
CA LEU A 268 -12.23 -36.94 -20.00
C LEU A 268 -12.77 -35.72 -19.27
N ILE A 269 -13.55 -35.94 -18.20
CA ILE A 269 -14.13 -34.84 -17.45
C ILE A 269 -13.06 -34.06 -16.71
N ASN A 270 -12.04 -34.74 -16.18
CA ASN A 270 -10.93 -34.02 -15.56
C ASN A 270 -10.17 -33.19 -16.59
N GLY A 271 -9.99 -33.74 -17.79
CA GLY A 271 -9.39 -32.95 -18.87
C GLY A 271 -10.21 -31.72 -19.19
N ALA A 272 -11.53 -31.88 -19.27
CA ALA A 272 -12.40 -30.74 -19.55
C ALA A 272 -12.32 -29.70 -18.45
N CYS A 273 -12.30 -30.15 -17.20
CA CYS A 273 -12.17 -29.22 -16.07
C CYS A 273 -10.85 -28.46 -16.13
N THR A 274 -9.77 -29.16 -16.47
CA THR A 274 -8.48 -28.48 -16.63
C THR A 274 -8.53 -27.47 -17.76
N PHE A 275 -9.19 -27.82 -18.87
CA PHE A 275 -9.29 -26.89 -19.99
C PHE A 275 -10.08 -25.65 -19.58
N VAL A 276 -11.15 -25.83 -18.80
CA VAL A 276 -11.92 -24.67 -18.33
C VAL A 276 -11.05 -23.81 -17.41
N TRP A 277 -10.32 -24.46 -16.51
CA TRP A 277 -9.44 -23.77 -15.58
C TRP A 277 -8.43 -22.90 -16.31
N ASN A 278 -7.90 -23.40 -17.43
CA ASN A 278 -6.96 -22.60 -18.21
C ASN A 278 -7.68 -21.61 -19.12
N TYR A 279 -8.91 -21.92 -19.52
CA TYR A 279 -9.61 -21.09 -20.49
C TYR A 279 -10.15 -19.82 -19.86
N MET A 280 -10.36 -19.78 -18.55
CA MET A 280 -10.70 -18.50 -17.93
C MET A 280 -9.61 -17.47 -18.25
N ASP A 281 -8.36 -17.82 -17.96
CA ASP A 281 -7.24 -16.94 -18.24
C ASP A 281 -7.08 -16.72 -19.74
N LEU A 282 -7.25 -17.79 -20.54
CA LEU A 282 -7.10 -17.64 -21.98
C LEU A 282 -8.11 -16.64 -22.54
N PHE A 283 -9.37 -16.72 -22.10
CA PHE A 283 -10.40 -15.81 -22.59
C PHE A 283 -10.11 -14.38 -22.16
N ILE A 284 -9.69 -14.19 -20.91
CA ILE A 284 -9.30 -12.85 -20.49
C ILE A 284 -8.19 -12.32 -21.39
N MET A 285 -7.23 -13.19 -21.74
CA MET A 285 -6.11 -12.78 -22.59
C MET A 285 -6.59 -12.37 -23.97
N MET A 286 -7.47 -13.16 -24.58
CA MET A 286 -7.95 -12.82 -25.92
C MET A 286 -8.72 -11.51 -25.91
N ILE A 287 -9.55 -11.28 -24.90
CA ILE A 287 -10.29 -10.04 -24.82
C ILE A 287 -9.34 -8.85 -24.66
N SER A 288 -8.31 -9.02 -23.81
CA SER A 288 -7.33 -7.96 -23.65
C SER A 288 -6.61 -7.66 -24.95
N LYS A 289 -6.25 -8.70 -25.70
CA LYS A 289 -5.63 -8.49 -27.01
C LYS A 289 -6.57 -7.72 -27.93
N GLY A 290 -7.85 -8.11 -27.95
CA GLY A 290 -8.79 -7.42 -28.81
C GLY A 290 -8.90 -5.93 -28.51
N LEU A 291 -8.88 -5.58 -27.22
CA LEU A 291 -9.01 -4.17 -26.86
C LEU A 291 -7.71 -3.40 -27.11
N SER A 292 -6.59 -3.96 -26.67
CA SER A 292 -5.31 -3.29 -26.87
C SER A 292 -4.94 -3.18 -28.33
N TYR A 293 -5.50 -4.03 -29.19
CA TYR A 293 -5.25 -3.91 -30.62
C TYR A 293 -5.78 -2.59 -31.16
N ARG A 294 -7.03 -2.25 -30.81
CA ARG A 294 -7.61 -0.99 -31.27
C ARG A 294 -6.94 0.20 -30.60
N PHE A 295 -6.59 0.06 -29.32
CA PHE A 295 -5.88 1.16 -28.66
C PHE A 295 -4.52 1.40 -29.31
N GLU A 296 -3.85 0.32 -29.72
CA GLU A 296 -2.57 0.45 -30.43
C GLU A 296 -2.75 1.08 -31.80
N GLN A 297 -3.85 0.75 -32.48
CA GLN A 297 -4.13 1.40 -33.75
C GLN A 297 -4.31 2.90 -33.56
N ILE A 298 -5.03 3.29 -32.51
CA ILE A 298 -5.19 4.72 -32.22
C ILE A 298 -3.83 5.36 -31.95
N THR A 299 -2.99 4.69 -31.15
CA THR A 299 -1.68 5.24 -30.84
C THR A 299 -0.85 5.40 -32.11
N THR A 300 -0.90 4.43 -33.02
CA THR A 300 -0.15 4.53 -34.26
C THR A 300 -0.66 5.68 -35.12
N ARG A 301 -1.98 5.84 -35.20
CA ARG A 301 -2.52 6.95 -35.96
C ARG A 301 -2.05 8.29 -35.39
N ILE A 302 -2.05 8.40 -34.06
CA ILE A 302 -1.56 9.63 -33.44
C ILE A 302 -0.08 9.84 -33.74
N ARG A 303 0.70 8.76 -33.69
CA ARG A 303 2.13 8.87 -34.00
C ARG A 303 2.33 9.37 -35.42
N LYS A 304 1.45 8.98 -36.34
CA LYS A 304 1.57 9.46 -37.71
C LYS A 304 1.46 10.97 -37.82
N LEU A 305 0.89 11.64 -36.80
CA LEU A 305 0.79 13.09 -36.76
C LEU A 305 1.98 13.73 -36.04
N GLU A 306 3.10 13.03 -35.97
CA GLU A 306 4.21 13.46 -35.12
C GLU A 306 4.71 14.84 -35.51
N HIS A 307 5.03 15.05 -36.79
CA HIS A 307 5.66 16.29 -37.23
C HIS A 307 4.83 16.99 -38.29
N GLU A 308 3.52 17.02 -38.10
CA GLU A 308 2.60 17.65 -39.05
C GLU A 308 1.68 18.62 -38.32
N GLU A 309 1.29 19.67 -39.02
CA GLU A 309 0.25 20.57 -38.53
C GLU A 309 -1.09 19.88 -38.73
N VAL A 310 -1.85 19.71 -37.66
CA VAL A 310 -3.06 18.88 -37.65
C VAL A 310 -4.27 19.78 -37.51
N CYS A 311 -5.24 19.62 -38.41
CA CYS A 311 -6.48 20.36 -38.33
C CYS A 311 -7.33 19.87 -37.17
N GLU A 312 -8.28 20.71 -36.75
CA GLU A 312 -9.13 20.36 -35.62
C GLU A 312 -9.96 19.13 -35.90
N SER A 313 -10.34 18.90 -37.16
CA SER A 313 -11.20 17.76 -37.49
C SER A 313 -10.48 16.43 -37.21
N VAL A 314 -9.18 16.37 -37.50
CA VAL A 314 -8.43 15.14 -37.23
C VAL A 314 -8.45 14.82 -35.75
N PHE A 315 -8.22 15.84 -34.91
CA PHE A 315 -8.25 15.62 -33.47
C PHE A 315 -9.67 15.27 -33.00
N ILE A 316 -10.69 15.86 -33.64
CA ILE A 316 -12.06 15.51 -33.29
C ILE A 316 -12.29 14.03 -33.54
N GLN A 317 -11.89 13.54 -34.71
CA GLN A 317 -12.09 12.13 -35.02
C GLN A 317 -11.29 11.23 -34.09
N ILE A 318 -10.05 11.61 -33.79
CA ILE A 318 -9.21 10.80 -32.92
C ILE A 318 -9.83 10.72 -31.53
N ARG A 319 -10.29 11.86 -31.00
CA ARG A 319 -10.89 11.87 -29.67
C ARG A 319 -12.18 11.07 -29.66
N GLU A 320 -12.99 11.17 -30.72
CA GLU A 320 -14.23 10.41 -30.77
C GLU A 320 -13.96 8.91 -30.82
N HIS A 321 -12.97 8.49 -31.61
CA HIS A 321 -12.61 7.08 -31.66
C HIS A 321 -12.07 6.59 -30.32
N TYR A 322 -11.24 7.41 -29.67
CA TYR A 322 -10.73 7.05 -28.36
C TYR A 322 -11.86 6.91 -27.34
N VAL A 323 -12.82 7.83 -27.38
CA VAL A 323 -13.96 7.77 -26.46
C VAL A 323 -14.80 6.53 -26.73
N LYS A 324 -15.01 6.20 -28.01
CA LYS A 324 -15.74 4.98 -28.35
C LYS A 324 -15.01 3.74 -27.86
N MET A 325 -13.68 3.73 -27.99
CA MET A 325 -12.88 2.62 -27.50
C MET A 325 -12.99 2.50 -25.99
N CYS A 326 -13.00 3.63 -25.28
CA CYS A 326 -13.14 3.59 -23.84
C CYS A 326 -14.53 3.14 -23.42
N GLU A 327 -15.56 3.53 -24.17
CA GLU A 327 -16.91 3.02 -23.90
C GLU A 327 -16.97 1.52 -24.10
N LEU A 328 -16.34 1.02 -25.16
CA LEU A 328 -16.28 -0.42 -25.39
C LEU A 328 -15.54 -1.12 -24.25
N LEU A 329 -14.44 -0.51 -23.79
CA LEU A 329 -13.71 -1.09 -22.66
C LEU A 329 -14.58 -1.13 -21.41
N GLU A 330 -15.34 -0.06 -21.16
CA GLU A 330 -16.23 -0.05 -19.99
C GLU A 330 -17.28 -1.15 -20.10
N PHE A 331 -17.88 -1.30 -21.27
CA PHE A 331 -18.91 -2.32 -21.45
C PHE A 331 -18.33 -3.71 -21.27
N VAL A 332 -17.18 -3.97 -21.89
CA VAL A 332 -16.54 -5.28 -21.80
C VAL A 332 -16.11 -5.56 -20.37
N ASP A 333 -15.61 -4.54 -19.67
CA ASP A 333 -15.21 -4.71 -18.28
C ASP A 333 -16.41 -5.04 -17.42
N SER A 334 -17.54 -4.36 -17.63
CA SER A 334 -18.75 -4.71 -16.89
C SER A 334 -19.15 -6.15 -17.16
N ALA A 335 -19.05 -6.58 -18.43
CA ALA A 335 -19.44 -7.95 -18.77
C ALA A 335 -18.49 -8.97 -18.15
N MET A 336 -17.20 -8.66 -18.08
CA MET A 336 -16.16 -9.63 -17.75
C MET A 336 -15.60 -9.46 -16.34
N SER A 337 -16.19 -8.58 -15.53
CA SER A 337 -15.64 -8.36 -14.19
C SER A 337 -15.72 -9.62 -13.34
N SER A 338 -16.81 -10.38 -13.44
CA SER A 338 -16.93 -11.60 -12.66
C SER A 338 -15.85 -12.60 -13.06
N LEU A 339 -15.63 -12.77 -14.37
CA LEU A 339 -14.58 -13.69 -14.82
C LEU A 339 -13.21 -13.22 -14.37
N ILE A 340 -12.95 -11.91 -14.45
CA ILE A 340 -11.65 -11.40 -14.02
C ILE A 340 -11.44 -11.64 -12.54
N LEU A 341 -12.46 -11.38 -11.72
CA LEU A 341 -12.34 -11.61 -10.29
C LEU A 341 -12.10 -13.07 -9.97
N LEU A 342 -12.86 -13.96 -10.60
CA LEU A 342 -12.70 -15.39 -10.34
C LEU A 342 -11.33 -15.87 -10.77
N SER A 343 -10.87 -15.44 -11.95
CA SER A 343 -9.56 -15.84 -12.43
C SER A 343 -8.47 -15.32 -11.51
N CYS A 344 -8.59 -14.07 -11.06
CA CYS A 344 -7.56 -13.50 -10.19
C CYS A 344 -7.48 -14.25 -8.87
N VAL A 345 -8.63 -14.50 -8.24
CA VAL A 345 -8.62 -15.18 -6.95
C VAL A 345 -8.10 -16.61 -7.11
N ASN A 346 -8.54 -17.30 -8.15
CA ASN A 346 -8.08 -18.68 -8.37
C ASN A 346 -6.58 -18.72 -8.63
N ASN A 347 -6.08 -17.81 -9.47
CA ASN A 347 -4.66 -17.77 -9.76
C ASN A 347 -3.85 -17.47 -8.50
N LEU A 348 -4.31 -16.51 -7.70
CA LEU A 348 -3.59 -16.18 -6.47
C LEU A 348 -3.54 -17.38 -5.54
N TYR A 349 -4.69 -18.03 -5.34
CA TYR A 349 -4.71 -19.18 -4.44
C TYR A 349 -3.79 -20.29 -4.92
N PHE A 350 -3.87 -20.64 -6.20
CA PHE A 350 -3.07 -21.75 -6.69
C PHE A 350 -1.59 -21.41 -6.73
N VAL A 351 -1.25 -20.17 -7.08
CA VAL A 351 0.15 -19.76 -7.07
C VAL A 351 0.71 -19.83 -5.66
N CYS A 352 -0.03 -19.33 -4.68
CA CYS A 352 0.45 -19.39 -3.30
C CYS A 352 0.58 -20.83 -2.83
N TYR A 353 -0.40 -21.67 -3.16
CA TYR A 353 -0.37 -23.06 -2.73
C TYR A 353 0.83 -23.80 -3.33
N GLN A 354 1.09 -23.60 -4.63
CA GLN A 354 2.21 -24.25 -5.26
C GLN A 354 3.53 -23.70 -4.74
N LEU A 355 3.61 -22.39 -4.51
CA LEU A 355 4.83 -21.81 -3.98
C LEU A 355 5.12 -22.31 -2.57
N LEU A 356 4.08 -22.62 -1.81
CA LEU A 356 4.28 -23.17 -0.47
C LEU A 356 4.88 -24.56 -0.51
N ASN A 357 4.88 -25.22 -1.67
CA ASN A 357 5.40 -26.57 -1.82
C ASN A 357 6.73 -26.61 -2.57
N VAL A 358 7.38 -25.46 -2.76
CA VAL A 358 8.63 -25.44 -3.52
C VAL A 358 9.72 -26.21 -2.78
N PHE A 359 9.75 -26.08 -1.45
CA PHE A 359 10.78 -26.73 -0.65
C PHE A 359 10.41 -28.15 -0.24
N ASN A 360 9.20 -28.61 -0.56
CA ASN A 360 8.85 -29.99 -0.27
C ASN A 360 9.71 -30.94 -1.09
N LYS A 361 9.85 -32.16 -0.57
CA LYS A 361 10.66 -33.19 -1.22
C LYS A 361 9.74 -34.19 -1.90
N LEU A 362 9.98 -34.44 -3.19
CA LEU A 362 9.21 -35.39 -3.97
C LEU A 362 10.07 -36.60 -4.28
N ARG A 363 9.41 -37.72 -4.56
CA ARG A 363 10.13 -38.98 -4.73
C ARG A 363 10.94 -39.00 -6.02
N TRP A 364 10.28 -38.83 -7.15
CA TRP A 364 10.90 -39.11 -8.43
C TRP A 364 11.28 -37.82 -9.15
N PRO A 365 12.26 -37.86 -10.05
CA PRO A 365 12.56 -36.68 -10.85
C PRO A 365 11.37 -36.22 -11.69
N ILE A 366 10.52 -37.13 -12.13
CA ILE A 366 9.33 -36.74 -12.88
C ILE A 366 8.39 -35.94 -11.99
N ASN A 367 8.33 -36.27 -10.70
CA ASN A 367 7.50 -35.49 -9.79
C ASN A 367 8.01 -34.05 -9.70
N TYR A 368 9.32 -33.87 -9.58
CA TYR A 368 9.87 -32.52 -9.57
C TYR A 368 9.59 -31.81 -10.89
N ILE A 369 9.75 -32.53 -12.00
CA ILE A 369 9.52 -31.92 -13.31
C ILE A 369 8.09 -31.43 -13.41
N TYR A 370 7.13 -32.28 -13.01
CA TYR A 370 5.73 -31.87 -13.07
C TYR A 370 5.46 -30.69 -12.14
N PHE A 371 5.94 -30.75 -10.91
CA PHE A 371 5.66 -29.68 -9.96
C PHE A 371 6.22 -28.35 -10.47
N TRP A 372 7.45 -28.35 -10.96
CA TRP A 372 8.06 -27.10 -11.38
C TRP A 372 7.48 -26.60 -12.69
N TYR A 373 7.15 -27.51 -13.61
CA TYR A 373 6.45 -27.10 -14.82
C TYR A 373 5.12 -26.47 -14.48
N SER A 374 4.36 -27.09 -13.57
CA SER A 374 3.06 -26.53 -13.19
C SER A 374 3.22 -25.18 -12.52
N LEU A 375 4.18 -25.05 -11.60
CA LEU A 375 4.37 -23.78 -10.90
C LEU A 375 4.79 -22.68 -11.87
N LEU A 376 5.78 -22.96 -12.72
CA LEU A 376 6.25 -21.96 -13.67
C LEU A 376 5.16 -21.60 -14.67
N TYR A 377 4.42 -22.60 -15.16
CA TYR A 377 3.34 -22.32 -16.09
C TYR A 377 2.25 -21.48 -15.44
N LEU A 378 1.90 -21.79 -14.19
CA LEU A 378 0.86 -21.03 -13.51
C LEU A 378 1.29 -19.60 -13.27
N ILE A 379 2.52 -19.41 -12.80
CA ILE A 379 3.03 -18.05 -12.57
C ILE A 379 3.10 -17.29 -13.90
N GLY A 380 3.59 -17.95 -14.95
CA GLY A 380 3.69 -17.29 -16.24
C GLY A 380 2.33 -16.97 -16.83
N ARG A 381 1.35 -17.85 -16.63
CA ARG A 381 0.00 -17.57 -17.12
C ARG A 381 -0.62 -16.40 -16.37
N THR A 382 -0.47 -16.36 -15.05
CA THR A 382 -0.96 -15.21 -14.29
C THR A 382 -0.28 -13.92 -14.76
N ALA A 383 1.04 -13.96 -14.88
CA ALA A 383 1.79 -12.77 -15.28
C ALA A 383 1.40 -12.34 -16.70
N PHE A 384 1.24 -13.30 -17.60
CA PHE A 384 0.88 -12.98 -18.98
C PHE A 384 -0.54 -12.43 -19.09
N VAL A 385 -1.50 -12.98 -18.34
CA VAL A 385 -2.84 -12.42 -18.34
C VAL A 385 -2.82 -11.00 -17.81
N PHE A 386 -2.13 -10.78 -16.68
CA PHE A 386 -2.05 -9.44 -16.12
C PHE A 386 -1.37 -8.48 -17.09
N LEU A 387 -0.30 -8.91 -17.75
CA LEU A 387 0.44 -8.04 -18.64
C LEU A 387 -0.36 -7.74 -19.91
N THR A 388 -1.06 -8.73 -20.44
CA THR A 388 -1.91 -8.49 -21.61
C THR A 388 -3.05 -7.53 -21.26
N ALA A 389 -3.64 -7.68 -20.07
CA ALA A 389 -4.69 -6.75 -19.67
C ALA A 389 -4.13 -5.36 -19.43
N ALA A 390 -2.93 -5.26 -18.84
CA ALA A 390 -2.31 -3.97 -18.60
C ALA A 390 -1.79 -3.33 -19.87
N ASP A 391 -1.60 -4.11 -20.94
CA ASP A 391 -1.20 -3.53 -22.20
C ASP A 391 -2.26 -2.57 -22.72
N ILE A 392 -3.52 -2.77 -22.35
CA ILE A 392 -4.56 -1.81 -22.71
C ILE A 392 -4.25 -0.46 -22.08
N ASN A 393 -3.95 -0.45 -20.79
CA ASN A 393 -3.62 0.80 -20.10
C ASN A 393 -2.35 1.43 -20.66
N GLU A 394 -1.33 0.60 -20.90
CA GLU A 394 -0.07 1.12 -21.44
C GLU A 394 -0.29 1.73 -22.82
N GLU A 395 -1.07 1.08 -23.67
CA GLU A 395 -1.34 1.61 -25.00
C GLU A 395 -2.16 2.89 -24.93
N SER A 396 -3.13 2.93 -24.01
CA SER A 396 -3.91 4.16 -23.84
C SER A 396 -3.01 5.33 -23.43
N LYS A 397 -2.04 5.07 -22.55
CA LYS A 397 -1.13 6.12 -22.11
C LYS A 397 -0.03 6.42 -23.13
N ARG A 398 0.20 5.51 -24.09
CA ARG A 398 1.31 5.73 -25.03
C ARG A 398 1.05 6.91 -25.96
N GLY A 399 -0.21 7.22 -26.24
CA GLY A 399 -0.51 8.35 -27.11
C GLY A 399 -0.30 9.70 -26.44
N LEU A 400 -0.19 9.73 -25.12
CA LEU A 400 0.02 10.99 -24.41
C LEU A 400 1.35 11.63 -24.80
N GLY A 401 2.39 10.81 -24.93
CA GLY A 401 3.69 11.35 -25.29
C GLY A 401 3.69 12.04 -26.64
N VAL A 402 2.92 11.51 -27.59
CA VAL A 402 2.85 12.10 -28.91
C VAL A 402 1.93 13.31 -28.91
N LEU A 403 0.86 13.26 -28.11
CA LEU A 403 -0.05 14.40 -28.03
C LEU A 403 0.62 15.59 -27.36
N ARG A 404 1.56 15.33 -26.44
CA ARG A 404 2.29 16.42 -25.80
C ARG A 404 3.22 17.14 -26.76
N ARG A 405 3.50 16.56 -27.92
CA ARG A 405 4.35 17.17 -28.92
C ARG A 405 3.58 18.02 -29.92
N VAL A 406 2.26 18.12 -29.77
CA VAL A 406 1.48 18.91 -30.71
C VAL A 406 1.95 20.35 -30.67
N SER A 407 2.07 20.96 -31.85
CA SER A 407 2.61 22.30 -31.96
C SER A 407 1.63 23.32 -31.36
N SER A 408 2.16 24.50 -31.04
CA SER A 408 1.33 25.57 -30.52
C SER A 408 0.27 26.00 -31.53
N ARG A 409 0.59 25.92 -32.82
CA ARG A 409 -0.38 26.28 -33.86
C ARG A 409 -1.49 25.24 -33.97
N SER A 410 -1.15 23.96 -33.86
CA SER A 410 -2.13 22.88 -33.97
C SER A 410 -2.90 22.65 -32.69
N TRP A 411 -2.44 23.19 -31.56
CA TRP A 411 -3.11 22.98 -30.29
C TRP A 411 -4.49 23.61 -30.31
N CYS A 412 -5.48 22.86 -29.83
CA CYS A 412 -6.86 23.34 -29.79
C CYS A 412 -7.56 22.70 -28.59
N VAL A 413 -8.84 23.03 -28.43
CA VAL A 413 -9.60 22.50 -27.30
C VAL A 413 -9.73 20.98 -27.40
N GLU A 414 -9.78 20.45 -28.63
CA GLU A 414 -9.93 18.99 -28.79
C GLU A 414 -8.70 18.25 -28.27
N VAL A 415 -7.51 18.76 -28.58
CA VAL A 415 -6.30 18.12 -28.08
C VAL A 415 -6.24 18.20 -26.57
N GLU A 416 -6.65 19.34 -26.00
CA GLU A 416 -6.66 19.48 -24.55
C GLU A 416 -7.64 18.49 -23.92
N ARG A 417 -8.83 18.34 -24.50
CA ARG A 417 -9.80 17.37 -23.99
C ARG A 417 -9.22 15.96 -24.04
N LEU A 418 -8.65 15.58 -25.18
CA LEU A 418 -8.13 14.22 -25.33
C LEU A 418 -6.98 13.98 -24.35
N ILE A 419 -6.08 14.94 -24.21
CA ILE A 419 -4.96 14.78 -23.30
C ILE A 419 -5.45 14.65 -21.87
N PHE A 420 -6.44 15.46 -21.48
CA PHE A 420 -6.99 15.36 -20.14
C PHE A 420 -7.59 13.98 -19.91
N GLN A 421 -8.33 13.46 -20.89
CA GLN A 421 -8.95 12.15 -20.72
C GLN A 421 -7.90 11.05 -20.62
N MET A 422 -6.89 11.06 -21.50
CA MET A 422 -5.84 10.06 -21.41
C MET A 422 -5.10 10.15 -20.09
N THR A 423 -4.85 11.37 -19.61
CA THR A 423 -4.06 11.56 -18.40
C THR A 423 -4.81 11.09 -17.16
N THR A 424 -6.08 11.49 -17.03
CA THR A 424 -6.79 11.30 -15.77
C THR A 424 -7.66 10.06 -15.73
N GLN A 425 -8.02 9.49 -16.88
CA GLN A 425 -8.85 8.30 -16.90
C GLN A 425 -7.99 7.05 -16.83
N THR A 426 -8.45 6.07 -16.07
CA THR A 426 -7.79 4.77 -15.98
C THR A 426 -8.42 3.85 -17.02
N VAL A 427 -7.73 3.67 -18.14
CA VAL A 427 -8.22 2.84 -19.23
C VAL A 427 -7.65 1.45 -19.02
N ALA A 428 -8.39 0.61 -18.30
CA ALA A 428 -7.92 -0.73 -17.99
C ALA A 428 -9.11 -1.60 -17.61
N LEU A 429 -8.94 -2.91 -17.82
CA LEU A 429 -9.88 -3.87 -17.27
C LEU A 429 -9.76 -3.91 -15.76
N SER A 430 -10.86 -4.22 -15.09
CA SER A 430 -10.92 -4.18 -13.64
C SER A 430 -11.67 -5.38 -13.10
N GLY A 431 -11.33 -5.77 -11.88
CA GLY A 431 -12.06 -6.80 -11.17
C GLY A 431 -13.22 -6.24 -10.37
N LYS A 432 -14.29 -5.86 -11.06
CA LYS A 432 -15.45 -5.22 -10.43
C LYS A 432 -15.07 -3.89 -9.79
N LYS A 433 -14.09 -3.21 -10.37
CA LYS A 433 -13.60 -1.91 -9.90
C LYS A 433 -12.97 -1.99 -8.51
N PHE A 434 -12.74 -3.20 -7.98
CA PHE A 434 -11.99 -3.33 -6.75
C PHE A 434 -10.50 -3.09 -7.00
N TYR A 435 -10.03 -3.45 -8.19
CA TYR A 435 -8.66 -3.22 -8.62
C TYR A 435 -8.67 -3.14 -10.13
N PHE A 436 -7.61 -2.57 -10.68
CA PHE A 436 -7.48 -2.38 -12.12
C PHE A 436 -6.26 -3.13 -12.62
N LEU A 437 -6.42 -3.86 -13.73
CA LEU A 437 -5.35 -4.67 -14.28
C LEU A 437 -4.29 -3.78 -14.91
N THR A 438 -3.25 -3.44 -14.15
CA THR A 438 -2.16 -2.62 -14.61
C THR A 438 -0.83 -3.26 -14.20
N ARG A 439 0.26 -2.71 -14.71
CA ARG A 439 1.58 -3.20 -14.31
C ARG A 439 1.80 -2.97 -12.83
N ARG A 440 1.34 -1.84 -12.30
CA ARG A 440 1.43 -1.58 -10.87
C ARG A 440 0.67 -2.64 -10.09
N LEU A 441 -0.50 -3.05 -10.58
CA LEU A 441 -1.26 -4.09 -9.90
C LEU A 441 -0.51 -5.41 -9.91
N LEU A 442 0.16 -5.74 -11.02
CA LEU A 442 0.93 -6.98 -11.06
C LEU A 442 2.10 -6.93 -10.09
N PHE A 443 2.76 -5.77 -10.00
CA PHE A 443 3.83 -5.62 -9.02
C PHE A 443 3.29 -5.78 -7.60
N GLY A 444 2.16 -5.16 -7.30
CA GLY A 444 1.56 -5.30 -5.98
C GLY A 444 1.14 -6.72 -5.69
N MET A 445 0.65 -7.43 -6.70
CA MET A 445 0.28 -8.84 -6.53
C MET A 445 1.51 -9.67 -6.23
N ALA A 446 2.62 -9.41 -6.92
CA ALA A 446 3.86 -10.13 -6.63
C ALA A 446 4.31 -9.87 -5.19
N GLY A 447 4.24 -8.60 -4.76
CA GLY A 447 4.63 -8.29 -3.39
C GLY A 447 3.73 -8.96 -2.37
N THR A 448 2.42 -8.95 -2.63
CA THR A 448 1.47 -9.61 -1.74
C THR A 448 1.73 -11.11 -1.68
N ILE A 449 2.03 -11.72 -2.82
CA ILE A 449 2.34 -13.15 -2.85
C ILE A 449 3.59 -13.43 -2.04
N VAL A 450 4.61 -12.58 -2.17
CA VAL A 450 5.84 -12.77 -1.40
C VAL A 450 5.54 -12.68 0.08
N THR A 451 4.75 -11.68 0.49
CA THR A 451 4.41 -11.54 1.91
C THR A 451 3.63 -12.75 2.42
N TYR A 452 2.64 -13.19 1.64
CA TYR A 452 1.86 -14.36 2.05
C TYR A 452 2.73 -15.60 2.16
N GLU A 453 3.64 -15.79 1.20
CA GLU A 453 4.53 -16.95 1.26
C GLU A 453 5.45 -16.88 2.46
N LEU A 454 5.98 -15.70 2.77
CA LEU A 454 6.84 -15.56 3.94
C LEU A 454 6.08 -15.90 5.21
N VAL A 455 4.84 -15.42 5.33
CA VAL A 455 4.07 -15.70 6.54
C VAL A 455 3.63 -17.16 6.59
N LEU A 456 3.39 -17.78 5.43
CA LEU A 456 2.80 -19.11 5.39
C LEU A 456 3.83 -20.22 5.46
N LEU A 457 5.09 -19.95 5.07
CA LEU A 457 6.10 -20.98 5.13
C LEU A 457 6.36 -21.44 6.56
N GLN A 458 5.95 -20.64 7.55
CA GLN A 458 6.00 -21.09 8.93
C GLN A 458 4.92 -22.13 9.22
N PHE A 459 3.75 -21.99 8.58
CA PHE A 459 2.65 -22.92 8.83
C PHE A 459 3.04 -24.35 8.46
N ASP A 460 3.68 -24.52 7.30
CA ASP A 460 3.99 -25.84 6.77
C ASP A 460 5.40 -26.31 7.10
N GLU A 461 6.14 -25.56 7.93
CA GLU A 461 7.47 -26.01 8.34
C GLU A 461 7.45 -27.41 8.95
N PRO A 462 6.56 -27.74 9.89
CA PRO A 462 6.49 -29.13 10.35
C PRO A 462 6.26 -30.11 9.22
N ASN A 463 5.37 -29.78 8.29
CA ASN A 463 5.12 -30.67 7.15
C ASN A 463 6.37 -30.81 6.29
N ARG A 464 7.09 -29.71 6.09
CA ARG A 464 8.32 -29.77 5.29
C ARG A 464 9.35 -30.67 5.96
N ARG A 465 9.48 -30.58 7.28
CA ARG A 465 10.43 -31.44 7.98
C ARG A 465 9.93 -32.87 8.15
N LYS A 466 8.65 -33.15 7.88
CA LYS A 466 8.19 -34.54 7.88
C LYS A 466 8.97 -35.35 6.85
N GLY A 467 9.17 -34.80 5.66
CA GLY A 467 9.92 -35.48 4.63
C GLY A 467 9.09 -36.49 3.88
N LEU A 468 9.76 -37.18 2.95
CA LEU A 468 9.09 -38.18 2.13
C LEU A 468 8.68 -39.38 2.98
N GLN A 469 7.48 -39.89 2.72
CA GLN A 469 7.01 -41.08 3.40
C GLN A 469 7.70 -42.31 2.81
N PRO A 470 7.73 -43.41 3.55
CA PRO A 470 8.30 -44.65 3.00
C PRO A 470 7.55 -45.07 1.74
N LEU A 471 8.31 -45.57 0.76
CA LEU A 471 7.68 -46.01 -0.49
C LEU A 471 6.73 -47.18 -0.25
N CYS A 472 7.15 -48.14 0.58
CA CYS A 472 6.31 -49.32 0.82
C CYS A 472 5.00 -48.93 1.49
N ALA A 473 5.06 -48.05 2.48
CA ALA A 473 3.87 -47.63 3.21
C ALA A 473 2.91 -46.88 2.29
N LEU B 67 28.87 20.05 -37.68
CA LEU B 67 28.57 19.23 -36.50
C LEU B 67 29.22 19.80 -35.25
N PRO B 68 28.59 19.63 -34.10
CA PRO B 68 29.13 20.21 -32.87
C PRO B 68 30.46 19.56 -32.49
N ASN B 69 31.29 20.35 -31.81
CA ASN B 69 32.61 19.89 -31.37
C ASN B 69 32.43 19.11 -30.06
N TYR B 70 32.37 17.79 -30.18
CA TYR B 70 32.14 16.93 -29.02
C TYR B 70 33.34 16.88 -28.07
N THR B 71 34.50 17.37 -28.49
CA THR B 71 35.71 17.19 -27.69
C THR B 71 35.59 17.90 -26.35
N ASN B 72 35.08 19.13 -26.35
CA ASN B 72 35.04 19.95 -25.14
C ASN B 72 33.64 20.16 -24.59
N LEU B 73 32.60 19.75 -25.32
CA LEU B 73 31.24 20.00 -24.87
C LEU B 73 30.94 19.19 -23.61
N ASP B 74 30.06 19.74 -22.78
CA ASP B 74 29.67 19.12 -21.51
C ASP B 74 28.51 18.16 -21.78
N LEU B 75 28.84 17.01 -22.37
CA LEU B 75 27.87 16.03 -22.79
C LEU B 75 27.91 14.81 -21.88
N PHE B 76 26.81 14.05 -21.90
CA PHE B 76 26.73 12.85 -21.08
C PHE B 76 27.75 11.80 -21.52
N HIS B 77 27.89 11.60 -22.83
CA HIS B 77 28.80 10.58 -23.32
C HIS B 77 30.24 10.87 -22.89
N ARG B 78 30.67 12.11 -23.01
CA ARG B 78 31.99 12.48 -22.51
C ARG B 78 32.10 12.23 -21.02
N ALA B 79 31.02 12.44 -20.27
CA ALA B 79 31.06 12.26 -18.83
C ALA B 79 31.21 10.80 -18.45
N VAL B 80 30.55 9.90 -19.18
CA VAL B 80 30.44 8.51 -18.74
C VAL B 80 31.39 7.54 -19.46
N PHE B 81 31.93 7.91 -20.63
CA PHE B 81 32.70 6.94 -21.39
C PHE B 81 33.94 6.43 -20.65
N PRO B 82 34.61 7.19 -19.79
CA PRO B 82 35.72 6.59 -19.05
C PRO B 82 35.30 5.40 -18.21
N PHE B 83 34.17 5.52 -17.51
CA PHE B 83 33.69 4.43 -16.67
C PHE B 83 33.06 3.33 -17.49
N MET B 84 32.44 3.66 -18.63
CA MET B 84 31.98 2.63 -19.55
C MET B 84 33.16 1.80 -20.05
N PHE B 85 34.29 2.46 -20.35
CA PHE B 85 35.47 1.72 -20.78
C PHE B 85 36.06 0.90 -19.63
N LEU B 86 36.04 1.44 -18.41
CA LEU B 86 36.48 0.66 -17.26
C LEU B 86 35.65 -0.60 -17.10
N ALA B 87 34.33 -0.48 -17.29
CA ALA B 87 33.47 -1.66 -17.27
C ALA B 87 33.78 -2.59 -18.43
N GLN B 88 34.09 -2.04 -19.60
CA GLN B 88 34.49 -2.85 -20.73
C GLN B 88 35.72 -3.68 -20.41
N CYS B 89 36.63 -3.11 -19.61
CA CYS B 89 37.84 -3.85 -19.24
C CYS B 89 37.49 -5.19 -18.60
N VAL B 90 36.41 -5.24 -17.83
CA VAL B 90 35.88 -6.50 -17.30
C VAL B 90 34.76 -7.05 -18.18
N ALA B 91 34.59 -6.50 -19.37
CA ALA B 91 33.70 -7.05 -20.39
C ALA B 91 32.24 -7.01 -19.94
N ILE B 92 31.77 -5.80 -19.61
CA ILE B 92 30.42 -5.61 -19.12
C ILE B 92 29.50 -5.29 -20.30
N MET B 93 29.78 -4.20 -21.01
CA MET B 93 28.91 -3.68 -22.07
C MET B 93 29.73 -3.62 -23.35
N PRO B 94 29.71 -4.68 -24.18
CA PRO B 94 30.64 -4.77 -25.31
C PRO B 94 30.29 -3.87 -26.49
N LEU B 95 30.74 -2.62 -26.42
CA LEU B 95 30.54 -1.66 -27.51
C LEU B 95 31.89 -1.33 -28.15
N VAL B 96 31.83 -0.95 -29.43
CA VAL B 96 33.03 -0.59 -30.20
C VAL B 96 33.11 0.92 -30.30
N GLY B 97 34.30 1.46 -30.05
CA GLY B 97 34.51 2.90 -30.13
C GLY B 97 33.79 3.68 -29.06
N ILE B 98 33.75 3.14 -27.84
CA ILE B 98 33.13 3.86 -26.73
C ILE B 98 33.94 5.09 -26.34
N ARG B 99 35.25 5.08 -26.58
CA ARG B 99 36.11 6.21 -26.26
C ARG B 99 36.05 7.32 -27.30
N GLU B 100 35.42 7.07 -28.44
CA GLU B 100 35.38 8.09 -29.49
C GLU B 100 34.66 9.33 -29.00
N SER B 101 35.22 10.50 -29.31
CA SER B 101 34.59 11.75 -28.90
C SER B 101 33.23 11.92 -29.55
N ASN B 102 33.10 11.51 -30.80
CA ASN B 102 31.82 11.58 -31.49
C ASN B 102 30.96 10.38 -31.08
N PRO B 103 29.82 10.59 -30.40
CA PRO B 103 28.97 9.43 -30.05
C PRO B 103 28.40 8.71 -31.25
N ARG B 104 28.36 9.34 -32.42
CA ARG B 104 27.89 8.66 -33.62
C ARG B 104 28.79 7.51 -34.04
N ARG B 105 30.04 7.48 -33.56
CA ARG B 105 30.97 6.40 -33.88
C ARG B 105 30.85 5.22 -32.94
N VAL B 106 29.97 5.29 -31.95
CA VAL B 106 29.72 4.17 -31.05
C VAL B 106 28.81 3.18 -31.78
N ARG B 107 29.24 1.92 -31.84
CA ARG B 107 28.48 0.89 -32.52
C ARG B 107 28.59 -0.41 -31.74
N PHE B 108 27.64 -1.30 -31.97
CA PHE B 108 27.61 -2.62 -31.37
C PHE B 108 27.89 -3.66 -32.44
N ALA B 109 28.93 -4.47 -32.22
CA ALA B 109 29.33 -5.50 -33.17
C ALA B 109 29.59 -6.80 -32.43
N TYR B 110 28.90 -7.87 -32.83
CA TYR B 110 29.14 -9.16 -32.22
C TYR B 110 30.58 -9.64 -32.47
N LYS B 111 31.08 -9.44 -33.69
CA LYS B 111 32.47 -9.77 -34.00
C LYS B 111 33.33 -8.56 -33.69
N SER B 112 33.75 -8.47 -32.43
CA SER B 112 34.62 -7.40 -31.98
C SER B 112 35.33 -7.85 -30.72
N ILE B 113 36.43 -7.16 -30.41
CA ILE B 113 37.20 -7.50 -29.21
C ILE B 113 36.35 -7.40 -27.95
N PRO B 114 35.56 -6.34 -27.75
CA PRO B 114 34.71 -6.29 -26.55
C PRO B 114 33.78 -7.49 -26.43
N MET B 115 33.21 -7.95 -27.54
CA MET B 115 32.33 -9.11 -27.47
C MET B 115 33.10 -10.38 -27.17
N PHE B 116 34.32 -10.49 -27.69
CA PHE B 116 35.16 -11.65 -27.37
C PHE B 116 35.48 -11.68 -25.88
N VAL B 117 35.85 -10.54 -25.30
CA VAL B 117 36.15 -10.49 -23.87
C VAL B 117 34.89 -10.78 -23.08
N THR B 118 33.73 -10.30 -23.55
CA THR B 118 32.48 -10.59 -22.85
C THR B 118 32.17 -12.08 -22.88
N LEU B 119 32.41 -12.73 -24.02
CA LEU B 119 32.20 -14.17 -24.09
C LEU B 119 33.13 -14.91 -23.14
N ILE B 120 34.40 -14.50 -23.09
CA ILE B 120 35.34 -15.15 -22.18
C ILE B 120 34.88 -14.99 -20.73
N PHE B 121 34.49 -13.77 -20.35
CA PHE B 121 34.09 -13.53 -18.97
C PHE B 121 32.79 -14.27 -18.64
N MET B 122 31.86 -14.35 -19.60
CA MET B 122 30.62 -15.08 -19.35
C MET B 122 30.88 -16.58 -19.23
N ILE B 123 31.81 -17.11 -20.03
CA ILE B 123 32.18 -18.52 -19.90
C ILE B 123 32.79 -18.76 -18.54
N ALA B 124 33.67 -17.86 -18.08
CA ALA B 124 34.28 -18.02 -16.77
C ALA B 124 33.23 -17.94 -15.66
N THR B 125 32.28 -17.01 -15.78
CA THR B 125 31.26 -16.87 -14.76
C THR B 125 30.33 -18.08 -14.76
N SER B 126 30.07 -18.65 -15.93
CA SER B 126 29.30 -19.89 -16.00
C SER B 126 30.05 -21.03 -15.35
N ILE B 127 31.38 -21.08 -15.53
CA ILE B 127 32.18 -22.10 -14.86
C ILE B 127 32.05 -21.95 -13.35
N LEU B 128 32.18 -20.72 -12.86
CA LEU B 128 32.07 -20.49 -11.42
C LEU B 128 30.67 -20.84 -10.91
N PHE B 129 29.64 -20.48 -11.67
CA PHE B 129 28.27 -20.77 -11.27
C PHE B 129 28.02 -22.27 -11.22
N LEU B 130 28.52 -23.00 -12.22
CA LEU B 130 28.40 -24.46 -12.19
C LEU B 130 29.17 -25.06 -11.02
N SER B 131 30.35 -24.51 -10.73
CA SER B 131 31.11 -24.97 -9.58
C SER B 131 30.30 -24.81 -8.30
N MET B 132 29.73 -23.63 -8.10
CA MET B 132 28.92 -23.39 -6.91
C MET B 132 27.71 -24.32 -6.88
N PHE B 133 27.03 -24.49 -8.02
CA PHE B 133 25.85 -25.34 -8.06
C PHE B 133 26.19 -26.77 -7.68
N THR B 134 27.26 -27.32 -8.27
CA THR B 134 27.66 -28.69 -7.96
C THR B 134 28.10 -28.82 -6.51
N HIS B 135 28.86 -27.85 -6.01
CA HIS B 135 29.30 -27.91 -4.62
C HIS B 135 28.12 -27.90 -3.67
N LEU B 136 27.15 -27.02 -3.90
CA LEU B 136 25.99 -26.95 -3.03
C LEU B 136 25.15 -28.23 -3.14
N LEU B 137 25.02 -28.79 -4.33
CA LEU B 137 24.32 -30.07 -4.47
C LEU B 137 25.03 -31.15 -3.68
N LYS B 138 26.37 -31.19 -3.73
CA LYS B 138 27.12 -32.17 -2.97
C LYS B 138 26.92 -32.00 -1.47
N ILE B 139 26.95 -30.75 -0.99
CA ILE B 139 26.81 -30.46 0.44
C ILE B 139 25.40 -30.05 0.82
N GLY B 140 24.46 -30.07 -0.12
CA GLY B 140 23.10 -29.65 0.18
C GLY B 140 22.94 -28.15 0.14
N ILE B 141 21.81 -27.68 -0.40
CA ILE B 141 21.55 -26.26 -0.56
C ILE B 141 20.84 -25.74 0.69
N THR B 142 21.40 -24.69 1.29
CA THR B 142 20.79 -24.02 2.42
C THR B 142 20.54 -22.56 2.06
N ALA B 143 19.59 -21.95 2.79
CA ALA B 143 19.30 -20.55 2.55
C ALA B 143 20.54 -19.68 2.70
N LYS B 144 21.46 -20.08 3.59
CA LYS B 144 22.71 -19.33 3.74
C LYS B 144 23.67 -19.59 2.60
N ASN B 145 23.77 -20.84 2.14
CA ASN B 145 24.62 -21.15 0.99
C ASN B 145 24.10 -20.52 -0.29
N PHE B 146 22.77 -20.50 -0.46
CA PHE B 146 22.18 -20.07 -1.73
C PHE B 146 22.69 -18.70 -2.16
N VAL B 147 22.94 -17.80 -1.20
CA VAL B 147 23.44 -16.46 -1.55
C VAL B 147 24.56 -16.56 -2.58
N GLY B 148 25.53 -17.45 -2.33
CA GLY B 148 26.63 -17.57 -3.27
C GLY B 148 26.13 -17.79 -4.69
N LEU B 149 25.33 -18.83 -4.90
CA LEU B 149 24.76 -19.06 -6.22
C LEU B 149 24.10 -17.80 -6.75
N VAL B 150 23.25 -17.18 -5.92
CA VAL B 150 22.54 -16.00 -6.38
C VAL B 150 23.52 -14.98 -6.92
N PHE B 151 24.59 -14.70 -6.16
CA PHE B 151 25.59 -13.77 -6.63
C PHE B 151 25.97 -14.08 -8.07
N PHE B 152 26.52 -15.27 -8.31
CA PHE B 152 26.96 -15.59 -9.65
C PHE B 152 25.80 -15.50 -10.63
N GLY B 153 24.65 -16.03 -10.25
CA GLY B 153 23.49 -15.90 -11.13
C GLY B 153 23.27 -14.46 -11.52
N CYS B 154 23.15 -13.58 -10.53
CA CYS B 154 22.97 -12.16 -10.84
C CYS B 154 24.04 -11.69 -11.79
N VAL B 155 25.31 -11.99 -11.48
CA VAL B 155 26.39 -11.52 -12.33
C VAL B 155 26.16 -11.98 -13.76
N LEU B 156 25.87 -13.28 -13.94
CA LEU B 156 25.61 -13.76 -15.28
C LEU B 156 24.46 -13.00 -15.91
N SER B 157 23.34 -12.88 -15.19
CA SER B 157 22.23 -12.09 -15.69
C SER B 157 22.71 -10.71 -16.10
N ALA B 158 23.49 -10.06 -15.23
CA ALA B 158 23.98 -8.73 -15.56
C ALA B 158 24.63 -8.72 -16.92
N TYR B 159 25.57 -9.65 -17.15
CA TYR B 159 26.24 -9.69 -18.44
C TYR B 159 25.22 -9.73 -19.56
N VAL B 160 24.28 -10.67 -19.50
CA VAL B 160 23.28 -10.77 -20.55
C VAL B 160 22.56 -9.44 -20.69
N VAL B 161 22.07 -8.91 -19.56
CA VAL B 161 21.34 -7.65 -19.61
C VAL B 161 22.22 -6.59 -20.25
N PHE B 162 23.46 -6.47 -19.79
CA PHE B 162 24.31 -5.42 -20.33
C PHE B 162 24.56 -5.62 -21.80
N ILE B 163 24.72 -6.87 -22.25
CA ILE B 163 24.87 -7.11 -23.67
C ILE B 163 23.69 -6.52 -24.43
N ARG B 164 22.47 -6.84 -23.96
CA ARG B 164 21.29 -6.27 -24.59
C ARG B 164 21.34 -4.74 -24.51
N LEU B 165 21.74 -4.21 -23.36
CA LEU B 165 21.87 -2.77 -23.24
C LEU B 165 22.86 -2.24 -24.26
N ALA B 166 23.99 -2.93 -24.44
CA ALA B 166 24.94 -2.51 -25.46
C ALA B 166 24.27 -2.47 -26.83
N LYS B 167 23.46 -3.49 -27.13
CA LYS B 167 22.76 -3.53 -28.41
C LYS B 167 21.95 -2.26 -28.62
N LYS B 168 21.36 -1.74 -27.55
CA LYS B 168 20.54 -0.55 -27.65
C LYS B 168 21.32 0.74 -27.42
N TRP B 169 22.56 0.67 -26.96
CA TRP B 169 23.25 1.87 -26.50
C TRP B 169 23.48 2.88 -27.63
N PRO B 170 23.96 2.45 -28.80
CA PRO B 170 24.21 3.45 -29.86
C PRO B 170 23.02 4.34 -30.13
N ALA B 171 21.88 3.77 -30.55
CA ALA B 171 20.68 4.56 -30.69
C ALA B 171 20.49 5.49 -29.51
N VAL B 172 20.41 4.91 -28.30
CA VAL B 172 20.25 5.72 -27.09
C VAL B 172 21.25 6.87 -27.11
N VAL B 173 22.54 6.57 -27.13
CA VAL B 173 23.52 7.64 -27.00
C VAL B 173 23.28 8.68 -28.08
N ARG B 174 23.05 8.22 -29.32
CA ARG B 174 22.77 9.16 -30.40
C ARG B 174 21.66 10.11 -30.00
N ILE B 175 20.47 9.57 -29.71
CA ILE B 175 19.37 10.45 -29.36
C ILE B 175 19.78 11.33 -28.18
N TRP B 176 20.39 10.71 -27.16
CA TRP B 176 20.79 11.48 -25.99
C TRP B 176 21.59 12.70 -26.42
N THR B 177 22.62 12.47 -27.24
CA THR B 177 23.46 13.59 -27.66
C THR B 177 22.61 14.66 -28.33
N ARG B 178 21.82 14.27 -29.32
CA ARG B 178 21.06 15.28 -30.05
C ARG B 178 19.98 15.91 -29.18
N THR B 179 19.60 15.26 -28.08
CA THR B 179 18.65 15.87 -27.17
C THR B 179 19.31 16.92 -26.29
N GLU B 180 20.59 16.75 -25.97
CA GLU B 180 21.25 17.61 -24.99
C GLU B 180 22.07 18.72 -25.63
N ILE B 181 22.14 18.79 -26.96
CA ILE B 181 22.84 19.90 -27.61
C ILE B 181 22.19 21.23 -27.27
N PRO B 182 20.86 21.39 -27.30
CA PRO B 182 20.28 22.68 -26.95
C PRO B 182 20.67 23.19 -25.57
N PHE B 183 20.90 22.28 -24.61
CA PHE B 183 21.21 22.69 -23.25
C PHE B 183 22.67 23.11 -23.08
N THR B 184 23.51 22.92 -24.10
CA THR B 184 24.89 23.35 -24.04
C THR B 184 25.09 24.80 -24.45
N LYS B 185 24.02 25.49 -24.81
CA LYS B 185 24.05 26.87 -25.27
C LYS B 185 23.03 27.67 -24.48
N PRO B 186 23.14 29.00 -24.48
CA PRO B 186 22.17 29.82 -23.75
C PRO B 186 20.76 29.57 -24.23
N PRO B 187 19.75 29.83 -23.40
CA PRO B 187 19.81 30.46 -22.07
C PRO B 187 20.17 29.49 -20.95
N TYR B 188 20.70 28.32 -21.27
CA TYR B 188 21.10 27.35 -20.26
C TYR B 188 22.57 27.52 -19.91
N GLU B 189 22.86 27.48 -18.60
CA GLU B 189 24.22 27.63 -18.10
C GLU B 189 24.66 26.34 -17.42
N ILE B 190 25.96 26.09 -17.46
CA ILE B 190 26.53 24.90 -16.81
C ILE B 190 26.53 25.13 -15.30
N PRO B 191 25.99 24.20 -14.50
CA PRO B 191 25.98 24.42 -13.04
C PRO B 191 27.36 24.45 -12.44
N LYS B 192 27.45 24.72 -11.13
CA LYS B 192 28.75 24.71 -10.47
C LYS B 192 29.47 23.40 -10.70
N ARG B 193 28.77 22.28 -10.49
CA ARG B 193 29.31 20.95 -10.75
C ARG B 193 28.81 20.50 -12.12
N ASN B 194 29.69 20.46 -13.11
CA ASN B 194 29.30 20.04 -14.43
C ASN B 194 29.05 18.53 -14.45
N LEU B 195 28.45 18.05 -15.54
CA LEU B 195 28.05 16.65 -15.61
C LEU B 195 29.25 15.73 -15.44
N SER B 196 30.38 16.06 -16.07
CA SER B 196 31.56 15.22 -15.93
C SER B 196 31.99 15.12 -14.48
N ARG B 197 32.00 16.23 -13.75
CA ARG B 197 32.42 16.20 -12.35
C ARG B 197 31.44 15.41 -11.49
N ARG B 198 30.14 15.57 -11.72
CA ARG B 198 29.15 14.81 -10.96
C ARG B 198 29.33 13.31 -11.18
N VAL B 199 29.46 12.91 -12.45
CA VAL B 199 29.65 11.49 -12.76
C VAL B 199 30.94 10.98 -12.15
N GLN B 200 32.02 11.77 -12.26
CA GLN B 200 33.30 11.35 -11.71
C GLN B 200 33.21 11.16 -10.19
N LEU B 201 32.62 12.13 -9.49
CA LEU B 201 32.53 12.02 -8.04
C LEU B 201 31.74 10.78 -7.64
N ALA B 202 30.54 10.61 -8.20
CA ALA B 202 29.70 9.49 -7.81
C ALA B 202 30.36 8.17 -8.16
N ALA B 203 30.93 8.07 -9.37
CA ALA B 203 31.53 6.82 -9.81
C ALA B 203 32.76 6.48 -9.00
N LEU B 204 33.61 7.48 -8.69
CA LEU B 204 34.77 7.22 -7.87
C LEU B 204 34.38 6.81 -6.46
N ALA B 205 33.35 7.44 -5.89
CA ALA B 205 32.87 7.02 -4.58
C ALA B 205 32.42 5.56 -4.61
N ILE B 206 31.60 5.20 -5.61
CA ILE B 206 31.09 3.84 -5.70
C ILE B 206 32.24 2.85 -5.90
N ILE B 207 33.18 3.17 -6.78
CA ILE B 207 34.28 2.26 -7.07
C ILE B 207 35.16 2.08 -5.84
N GLY B 208 35.49 3.18 -5.15
CA GLY B 208 36.30 3.06 -3.95
C GLY B 208 35.61 2.27 -2.86
N LEU B 209 34.31 2.49 -2.68
CA LEU B 209 33.59 1.75 -1.65
C LEU B 209 33.50 0.26 -2.01
N SER B 210 33.33 -0.06 -3.29
CA SER B 210 33.30 -1.45 -3.71
C SER B 210 34.68 -2.10 -3.52
N LEU B 211 35.75 -1.37 -3.84
CA LEU B 211 37.09 -1.89 -3.60
C LEU B 211 37.32 -2.13 -2.12
N GLY B 212 36.87 -1.20 -1.28
CA GLY B 212 36.99 -1.41 0.15
C GLY B 212 36.20 -2.61 0.63
N GLU B 213 34.99 -2.79 0.09
CA GLU B 213 34.17 -3.93 0.48
C GLU B 213 34.84 -5.25 0.10
N HIS B 214 35.37 -5.33 -1.13
CA HIS B 214 36.03 -6.57 -1.55
C HIS B 214 37.33 -6.79 -0.79
N ALA B 215 38.07 -5.73 -0.51
CA ALA B 215 39.30 -5.86 0.27
C ALA B 215 38.98 -6.35 1.67
N LEU B 216 37.92 -5.82 2.29
CA LEU B 216 37.51 -6.30 3.60
C LEU B 216 37.06 -7.75 3.54
N TYR B 217 36.36 -8.14 2.47
CA TYR B 217 35.97 -9.54 2.31
C TYR B 217 37.19 -10.44 2.28
N GLN B 218 38.16 -10.10 1.43
CA GLN B 218 39.37 -10.91 1.32
C GLN B 218 40.15 -10.94 2.63
N VAL B 219 40.27 -9.79 3.28
CA VAL B 219 41.02 -9.71 4.53
C VAL B 219 40.33 -10.56 5.60
N SER B 220 39.01 -10.47 5.68
CA SER B 220 38.27 -11.26 6.66
C SER B 220 38.45 -12.74 6.42
N ALA B 221 38.34 -13.17 5.15
CA ALA B 221 38.50 -14.59 4.84
C ALA B 221 39.91 -15.06 5.19
N ILE B 222 40.93 -14.30 4.78
CA ILE B 222 42.31 -14.70 5.01
C ILE B 222 42.61 -14.73 6.51
N LEU B 223 42.15 -13.72 7.25
CA LEU B 223 42.42 -13.67 8.68
C LEU B 223 41.70 -14.80 9.41
N SER B 224 40.45 -15.08 9.03
CA SER B 224 39.74 -16.20 9.63
C SER B 224 40.50 -17.50 9.40
N TYR B 225 40.91 -17.75 8.16
CA TYR B 225 41.64 -18.98 7.84
C TYR B 225 42.94 -19.08 8.64
N THR B 226 43.76 -18.03 8.58
CA THR B 226 45.06 -18.07 9.23
C THR B 226 44.93 -18.18 10.75
N ARG B 227 44.00 -17.42 11.34
CA ARG B 227 43.82 -17.47 12.79
C ARG B 227 43.31 -18.84 13.23
N ARG B 228 42.35 -19.42 12.47
CA ARG B 228 41.91 -20.76 12.77
C ARG B 228 43.09 -21.72 12.78
N ILE B 229 43.91 -21.70 11.73
CA ILE B 229 45.03 -22.63 11.66
C ILE B 229 46.00 -22.39 12.82
N GLN B 230 46.30 -21.13 13.12
CA GLN B 230 47.34 -20.82 14.09
C GLN B 230 46.91 -21.20 15.51
N MET B 231 45.70 -20.79 15.93
CA MET B 231 45.20 -21.08 17.26
C MET B 231 44.39 -22.37 17.32
N CYS B 232 44.47 -23.21 16.29
CA CYS B 232 43.75 -24.48 16.32
C CYS B 232 44.24 -25.38 17.45
N ALA B 233 45.56 -25.40 17.69
CA ALA B 233 46.15 -26.29 18.70
C ALA B 233 45.83 -27.75 18.40
N ASN B 234 45.65 -28.07 17.12
CA ASN B 234 45.30 -29.39 16.65
C ASN B 234 45.91 -29.50 15.25
N ILE B 235 45.36 -30.39 14.41
CA ILE B 235 45.87 -30.59 13.06
C ILE B 235 46.23 -29.23 12.48
N THR B 236 47.47 -29.10 11.99
CA THR B 236 48.04 -27.80 11.68
C THR B 236 47.76 -27.35 10.24
N THR B 237 48.22 -28.13 9.27
CA THR B 237 48.11 -27.77 7.86
C THR B 237 48.63 -26.34 7.65
N VAL B 238 49.92 -26.20 7.90
CA VAL B 238 50.62 -24.91 7.92
C VAL B 238 50.02 -23.96 6.90
N PRO B 239 49.75 -22.70 7.25
CA PRO B 239 49.07 -21.81 6.30
C PRO B 239 49.88 -21.62 5.03
N SER B 240 49.17 -21.56 3.91
CA SER B 240 49.80 -21.33 2.62
C SER B 240 48.74 -20.82 1.66
N PHE B 241 49.20 -20.22 0.56
CA PHE B 241 48.28 -19.71 -0.45
C PHE B 241 47.46 -20.85 -1.05
N ASN B 242 48.10 -21.99 -1.33
CA ASN B 242 47.40 -23.08 -1.98
C ASN B 242 46.36 -23.70 -1.06
N ASN B 243 46.69 -23.89 0.21
CA ASN B 243 45.72 -24.48 1.14
C ASN B 243 44.52 -23.56 1.33
N TYR B 244 44.77 -22.25 1.46
CA TYR B 244 43.67 -21.30 1.55
C TYR B 244 42.81 -21.34 0.29
N MET B 245 43.44 -21.37 -0.88
CA MET B 245 42.69 -21.42 -2.12
C MET B 245 41.82 -22.65 -2.18
N GLN B 246 42.37 -23.80 -1.77
CA GLN B 246 41.61 -25.05 -1.80
C GLN B 246 40.49 -25.04 -0.75
N THR B 247 40.69 -24.36 0.37
CA THR B 247 39.70 -24.38 1.45
C THR B 247 38.56 -23.41 1.17
N ASN B 248 38.86 -22.12 1.10
CA ASN B 248 37.81 -21.11 0.96
C ASN B 248 37.09 -21.24 -0.37
N TYR B 249 37.82 -21.57 -1.44
CA TYR B 249 37.25 -21.73 -2.78
C TYR B 249 37.14 -23.20 -3.14
N ASP B 250 36.84 -24.04 -2.15
CA ASP B 250 36.72 -25.47 -2.40
C ASP B 250 35.58 -25.78 -3.37
N TYR B 251 34.58 -24.89 -3.46
CA TYR B 251 33.49 -25.10 -4.40
C TYR B 251 33.98 -25.08 -5.85
N VAL B 252 35.14 -24.46 -6.10
CA VAL B 252 35.72 -24.48 -7.44
C VAL B 252 36.57 -25.72 -7.64
N PHE B 253 37.62 -25.86 -6.82
CA PHE B 253 38.61 -26.92 -7.01
C PHE B 253 38.04 -28.31 -6.78
N GLN B 254 36.85 -28.42 -6.19
CA GLN B 254 36.18 -29.71 -6.12
C GLN B 254 35.70 -30.17 -7.48
N LEU B 255 35.73 -29.30 -8.48
CA LEU B 255 35.34 -29.63 -9.85
C LEU B 255 36.50 -29.52 -10.83
N LEU B 256 37.42 -28.58 -10.62
CA LEU B 256 38.58 -28.40 -11.46
C LEU B 256 39.85 -28.79 -10.69
N PRO B 257 40.82 -29.42 -11.34
CA PRO B 257 42.08 -29.72 -10.65
C PRO B 257 42.76 -28.43 -10.21
N TYR B 258 43.34 -28.46 -9.02
CA TYR B 258 43.96 -27.26 -8.48
C TYR B 258 45.23 -26.91 -9.26
N SER B 259 45.50 -25.61 -9.37
CA SER B 259 46.72 -25.09 -9.96
C SER B 259 46.86 -23.62 -9.57
N PRO B 260 48.07 -23.16 -9.23
CA PRO B 260 48.20 -21.75 -8.83
C PRO B 260 47.71 -20.78 -9.90
N ILE B 261 47.93 -21.10 -11.17
CA ILE B 261 47.41 -20.25 -12.24
C ILE B 261 45.90 -20.18 -12.18
N ILE B 262 45.24 -21.34 -11.98
CA ILE B 262 43.79 -21.34 -11.84
C ILE B 262 43.38 -20.58 -10.58
N ALA B 263 44.20 -20.62 -9.54
CA ALA B 263 43.91 -19.85 -8.33
C ALA B 263 43.87 -18.36 -8.63
N VAL B 264 44.91 -17.85 -9.29
CA VAL B 264 44.94 -16.43 -9.63
C VAL B 264 43.81 -16.08 -10.56
N LEU B 265 43.50 -16.98 -11.50
CA LEU B 265 42.38 -16.74 -12.41
C LEU B 265 41.07 -16.62 -11.64
N ILE B 266 40.84 -17.51 -10.69
CA ILE B 266 39.60 -17.47 -9.91
C ILE B 266 39.54 -16.19 -9.09
N LEU B 267 40.66 -15.78 -8.50
CA LEU B 267 40.65 -14.51 -7.75
C LEU B 267 40.29 -13.35 -8.66
N LEU B 268 40.92 -13.27 -9.84
CA LEU B 268 40.65 -12.17 -10.75
C LEU B 268 39.21 -12.20 -11.26
N ILE B 269 38.70 -13.39 -11.57
CA ILE B 269 37.34 -13.54 -12.07
C ILE B 269 36.32 -13.20 -11.00
N ASN B 270 36.59 -13.55 -9.74
CA ASN B 270 35.71 -13.14 -8.65
C ASN B 270 35.72 -11.63 -8.48
N GLY B 271 36.90 -11.01 -8.62
CA GLY B 271 36.95 -9.55 -8.60
C GLY B 271 36.14 -8.92 -9.71
N ALA B 272 36.23 -9.50 -10.91
CA ALA B 272 35.44 -8.99 -12.04
C ALA B 272 33.94 -9.16 -11.79
N CYS B 273 33.55 -10.29 -11.21
CA CYS B 273 32.14 -10.50 -10.90
C CYS B 273 31.66 -9.48 -9.88
N THR B 274 32.48 -9.19 -8.86
CA THR B 274 32.12 -8.17 -7.88
C THR B 274 31.99 -6.80 -8.54
N PHE B 275 32.92 -6.49 -9.46
CA PHE B 275 32.85 -5.21 -10.15
C PHE B 275 31.58 -5.11 -10.97
N VAL B 276 31.17 -6.19 -11.64
CA VAL B 276 29.93 -6.18 -12.39
C VAL B 276 28.74 -5.96 -11.44
N TRP B 277 28.75 -6.69 -10.32
CA TRP B 277 27.68 -6.58 -9.33
C TRP B 277 27.51 -5.15 -8.86
N ASN B 278 28.62 -4.43 -8.68
CA ASN B 278 28.53 -3.04 -8.26
C ASN B 278 28.25 -2.12 -9.44
N TYR B 279 28.66 -2.51 -10.65
CA TYR B 279 28.55 -1.64 -11.80
C TYR B 279 27.13 -1.56 -12.32
N MET B 280 26.29 -2.56 -12.06
CA MET B 280 24.88 -2.39 -12.40
C MET B 280 24.33 -1.12 -11.74
N ASP B 281 24.50 -1.03 -10.41
CA ASP B 281 24.05 0.15 -9.68
C ASP B 281 24.80 1.40 -10.12
N LEU B 282 26.11 1.28 -10.35
CA LEU B 282 26.88 2.44 -10.76
C LEU B 282 26.37 3.01 -12.09
N PHE B 283 26.10 2.14 -13.06
CA PHE B 283 25.61 2.58 -14.36
C PHE B 283 24.24 3.23 -14.23
N ILE B 284 23.34 2.62 -13.44
CA ILE B 284 22.05 3.26 -13.21
C ILE B 284 22.27 4.66 -12.63
N MET B 285 23.21 4.78 -11.70
CA MET B 285 23.47 6.08 -11.07
C MET B 285 23.96 7.11 -12.09
N MET B 286 24.91 6.73 -12.95
CA MET B 286 25.43 7.68 -13.93
C MET B 286 24.33 8.11 -14.90
N ILE B 287 23.49 7.17 -15.33
CA ILE B 287 22.40 7.53 -16.24
C ILE B 287 21.44 8.49 -15.56
N SER B 288 21.12 8.22 -14.29
CA SER B 288 20.23 9.12 -13.55
C SER B 288 20.84 10.51 -13.43
N LYS B 289 22.15 10.59 -13.16
CA LYS B 289 22.81 11.88 -13.11
C LYS B 289 22.70 12.60 -14.45
N GLY B 290 22.94 11.87 -15.54
CA GLY B 290 22.86 12.49 -16.85
C GLY B 290 21.50 13.08 -17.14
N LEU B 291 20.44 12.39 -16.74
CA LEU B 291 19.09 12.88 -17.02
C LEU B 291 18.71 14.04 -16.09
N SER B 292 18.97 13.87 -14.79
CA SER B 292 18.63 14.90 -13.83
C SER B 292 19.46 16.16 -14.04
N TYR B 293 20.62 16.05 -14.68
CA TYR B 293 21.41 17.23 -15.00
C TYR B 293 20.65 18.16 -15.95
N ARG B 294 20.11 17.60 -17.03
CA ARG B 294 19.36 18.42 -17.98
C ARG B 294 18.04 18.89 -17.37
N PHE B 295 17.39 18.05 -16.57
CA PHE B 295 16.17 18.51 -15.91
C PHE B 295 16.47 19.67 -14.95
N GLU B 296 17.61 19.62 -14.26
CA GLU B 296 18.01 20.71 -13.38
C GLU B 296 18.34 21.97 -14.18
N GLN B 297 18.95 21.81 -15.35
CA GLN B 297 19.19 22.97 -16.19
C GLN B 297 17.88 23.62 -16.60
N ILE B 298 16.88 22.82 -16.96
CA ILE B 298 15.57 23.36 -17.28
C ILE B 298 14.98 24.10 -16.09
N THR B 299 15.08 23.49 -14.90
CA THR B 299 14.54 24.13 -13.70
C THR B 299 15.23 25.46 -13.43
N THR B 300 16.55 25.51 -13.61
CA THR B 300 17.29 26.76 -13.40
C THR B 300 16.87 27.82 -14.41
N ARG B 301 16.70 27.44 -15.67
CA ARG B 301 16.25 28.39 -16.67
C ARG B 301 14.88 28.95 -16.31
N ILE B 302 13.97 28.08 -15.85
CA ILE B 302 12.65 28.55 -15.43
C ILE B 302 12.77 29.49 -14.24
N ARG B 303 13.63 29.15 -13.28
CA ARG B 303 13.83 30.01 -12.12
C ARG B 303 14.31 31.39 -12.55
N LYS B 304 15.13 31.46 -13.60
CA LYS B 304 15.59 32.75 -14.09
C LYS B 304 14.45 33.65 -14.54
N LEU B 305 13.27 33.10 -14.81
CA LEU B 305 12.09 33.85 -15.20
C LEU B 305 11.22 34.21 -13.98
N GLU B 306 11.80 34.20 -12.79
CA GLU B 306 11.01 34.31 -11.57
C GLU B 306 10.19 35.59 -11.54
N HIS B 307 10.83 36.74 -11.75
CA HIS B 307 10.16 38.01 -11.59
C HIS B 307 10.20 38.83 -12.87
N GLU B 308 9.97 38.19 -14.01
CA GLU B 308 10.00 38.85 -15.30
C GLU B 308 8.74 38.50 -16.07
N GLU B 309 8.29 39.45 -16.90
CA GLU B 309 7.22 39.19 -17.86
C GLU B 309 7.82 38.39 -19.01
N VAL B 310 7.24 37.23 -19.29
CA VAL B 310 7.82 36.26 -20.21
C VAL B 310 6.94 36.18 -21.45
N CYS B 311 7.56 36.32 -22.62
CA CYS B 311 6.84 36.19 -23.87
C CYS B 311 6.47 34.73 -24.12
N GLU B 312 5.49 34.53 -25.01
CA GLU B 312 5.02 33.18 -25.30
C GLU B 312 6.12 32.33 -25.91
N SER B 313 7.04 32.94 -26.66
CA SER B 313 8.09 32.16 -27.32
C SER B 313 9.01 31.49 -26.30
N VAL B 314 9.32 32.19 -25.22
CA VAL B 314 10.18 31.61 -24.18
C VAL B 314 9.53 30.36 -23.59
N PHE B 315 8.23 30.45 -23.29
CA PHE B 315 7.52 29.29 -22.77
C PHE B 315 7.43 28.18 -23.81
N ILE B 316 7.27 28.55 -25.08
CA ILE B 316 7.26 27.54 -26.14
C ILE B 316 8.56 26.76 -26.14
N GLN B 317 9.69 27.47 -26.10
CA GLN B 317 10.99 26.79 -26.11
C GLN B 317 11.18 25.95 -24.86
N ILE B 318 10.77 26.47 -23.69
CA ILE B 318 10.92 25.72 -22.45
C ILE B 318 10.11 24.44 -22.50
N ARG B 319 8.86 24.54 -22.96
CA ARG B 319 8.01 23.36 -23.03
C ARG B 319 8.55 22.36 -24.04
N GLU B 320 9.06 22.84 -25.17
CA GLU B 320 9.62 21.93 -26.17
C GLU B 320 10.85 21.20 -25.62
N HIS B 321 11.73 21.93 -24.93
CA HIS B 321 12.90 21.29 -24.34
C HIS B 321 12.50 20.29 -23.25
N TYR B 322 11.51 20.63 -22.44
CA TYR B 322 11.03 19.70 -21.42
C TYR B 322 10.45 18.45 -22.06
N VAL B 323 9.69 18.61 -23.14
CA VAL B 323 9.11 17.47 -23.83
C VAL B 323 10.20 16.60 -24.43
N LYS B 324 11.23 17.22 -25.01
CA LYS B 324 12.35 16.46 -25.55
C LYS B 324 13.08 15.70 -24.44
N MET B 325 13.25 16.34 -23.27
CA MET B 325 13.88 15.67 -22.15
C MET B 325 13.04 14.48 -21.68
N CYS B 326 11.71 14.64 -21.68
CA CYS B 326 10.85 13.54 -21.28
C CYS B 326 10.86 12.41 -22.30
N GLU B 327 10.96 12.74 -23.58
CA GLU B 327 11.11 11.71 -24.61
C GLU B 327 12.43 10.95 -24.41
N LEU B 328 13.50 11.68 -24.12
CA LEU B 328 14.78 11.03 -23.86
C LEU B 328 14.69 10.14 -22.64
N LEU B 329 13.99 10.60 -21.59
CA LEU B 329 13.81 9.78 -20.41
C LEU B 329 13.01 8.52 -20.74
N GLU B 330 11.97 8.64 -21.56
CA GLU B 330 11.19 7.46 -21.95
C GLU B 330 12.06 6.47 -22.72
N PHE B 331 12.86 6.96 -23.66
CA PHE B 331 13.71 6.08 -24.46
C PHE B 331 14.74 5.39 -23.58
N VAL B 332 15.39 6.15 -22.70
CA VAL B 332 16.42 5.58 -21.82
C VAL B 332 15.79 4.60 -20.85
N ASP B 333 14.59 4.89 -20.36
CA ASP B 333 13.90 3.97 -19.47
C ASP B 333 13.56 2.67 -20.17
N SER B 334 13.09 2.76 -21.42
CA SER B 334 12.83 1.53 -22.17
C SER B 334 14.11 0.73 -22.36
N ALA B 335 15.22 1.43 -22.63
CA ALA B 335 16.48 0.72 -22.82
C ALA B 335 16.98 0.07 -21.53
N MET B 336 16.79 0.74 -20.39
CA MET B 336 17.40 0.36 -19.12
C MET B 336 16.45 -0.30 -18.14
N SER B 337 15.23 -0.61 -18.56
CA SER B 337 14.27 -1.20 -17.64
C SER B 337 14.74 -2.56 -17.14
N SER B 338 15.33 -3.37 -18.02
CA SER B 338 15.82 -4.68 -17.59
C SER B 338 16.92 -4.53 -16.55
N LEU B 339 17.87 -3.61 -16.78
CA LEU B 339 18.93 -3.40 -15.80
C LEU B 339 18.37 -2.89 -14.49
N ILE B 340 17.40 -1.96 -14.54
CA ILE B 340 16.82 -1.43 -13.32
C ILE B 340 16.12 -2.54 -12.54
N LEU B 341 15.36 -3.39 -13.23
CA LEU B 341 14.66 -4.48 -12.56
C LEU B 341 15.65 -5.44 -11.92
N LEU B 342 16.69 -5.83 -12.67
CA LEU B 342 17.66 -6.78 -12.13
C LEU B 342 18.39 -6.18 -10.94
N SER B 343 18.80 -4.92 -11.04
CA SER B 343 19.49 -4.27 -9.93
C SER B 343 18.60 -4.17 -8.71
N CYS B 344 17.33 -3.81 -8.91
CA CYS B 344 16.41 -3.68 -7.78
C CYS B 344 16.20 -5.02 -7.08
N VAL B 345 15.95 -6.08 -7.86
CA VAL B 345 15.69 -7.38 -7.24
C VAL B 345 16.94 -7.88 -6.53
N ASN B 346 18.11 -7.71 -7.16
CA ASN B 346 19.35 -8.18 -6.54
C ASN B 346 19.64 -7.40 -5.25
N ASN B 347 19.47 -6.08 -5.29
CA ASN B 347 19.70 -5.26 -4.10
C ASN B 347 18.75 -5.65 -2.99
N LEU B 348 17.47 -5.85 -3.31
CA LEU B 348 16.51 -6.23 -2.28
C LEU B 348 16.89 -7.57 -1.66
N TYR B 349 17.22 -8.56 -2.49
CA TYR B 349 17.57 -9.87 -1.96
C TYR B 349 18.79 -9.78 -1.06
N PHE B 350 19.85 -9.12 -1.53
CA PHE B 350 21.09 -9.08 -0.75
C PHE B 350 20.92 -8.25 0.52
N VAL B 351 20.18 -7.15 0.45
CA VAL B 351 19.94 -6.35 1.64
C VAL B 351 19.18 -7.15 2.68
N CYS B 352 18.12 -7.86 2.25
CA CYS B 352 17.37 -8.67 3.19
C CYS B 352 18.23 -9.79 3.77
N TYR B 353 19.03 -10.45 2.93
CA TYR B 353 19.87 -11.53 3.40
C TYR B 353 20.90 -11.05 4.43
N GLN B 354 21.54 -9.90 4.15
CA GLN B 354 22.52 -9.37 5.08
C GLN B 354 21.86 -8.88 6.37
N LEU B 355 20.68 -8.25 6.25
CA LEU B 355 19.97 -7.79 7.44
C LEU B 355 19.53 -8.95 8.31
N LEU B 356 19.24 -10.11 7.71
CA LEU B 356 18.87 -11.28 8.48
C LEU B 356 20.05 -11.81 9.29
N ASN B 357 21.26 -11.37 9.01
CA ASN B 357 22.45 -11.83 9.71
C ASN B 357 23.03 -10.78 10.65
N VAL B 358 22.28 -9.72 10.95
CA VAL B 358 22.81 -8.66 11.80
C VAL B 358 23.02 -9.18 13.21
N PHE B 359 22.12 -10.03 13.70
CA PHE B 359 22.20 -10.55 15.05
C PHE B 359 23.06 -11.81 15.16
N ASN B 360 23.54 -12.34 14.04
CA ASN B 360 24.43 -13.50 14.10
C ASN B 360 25.73 -13.12 14.78
N LYS B 361 26.40 -14.11 15.35
CA LYS B 361 27.65 -13.92 16.06
C LYS B 361 28.80 -14.40 15.19
N LEU B 362 29.79 -13.53 14.99
CA LEU B 362 30.98 -13.83 14.20
C LEU B 362 32.18 -13.97 15.13
N ARG B 363 33.19 -14.69 14.66
CA ARG B 363 34.33 -15.01 15.51
C ARG B 363 35.19 -13.78 15.79
N TRP B 364 35.71 -13.15 14.75
CA TRP B 364 36.74 -12.15 14.90
C TRP B 364 36.18 -10.74 14.72
N PRO B 365 36.83 -9.74 15.30
CA PRO B 365 36.40 -8.35 15.04
C PRO B 365 36.46 -7.98 13.56
N ILE B 366 37.41 -8.55 12.81
CA ILE B 366 37.48 -8.28 11.38
C ILE B 366 36.25 -8.83 10.68
N ASN B 367 35.72 -9.96 11.15
CA ASN B 367 34.49 -10.49 10.57
C ASN B 367 33.34 -9.52 10.77
N TYR B 368 33.20 -8.97 11.96
CA TYR B 368 32.16 -7.96 12.20
C TYR B 368 32.39 -6.74 11.34
N ILE B 369 33.64 -6.30 11.23
CA ILE B 369 33.94 -5.12 10.41
C ILE B 369 33.52 -5.35 8.97
N TYR B 370 33.89 -6.51 8.42
CA TYR B 370 33.51 -6.81 7.04
C TYR B 370 32.00 -6.90 6.89
N PHE B 371 31.34 -7.61 7.80
CA PHE B 371 29.89 -7.76 7.65
C PHE B 371 29.19 -6.42 7.70
N TRP B 372 29.56 -5.56 8.65
CA TRP B 372 28.86 -4.30 8.79
C TRP B 372 29.23 -3.32 7.69
N TYR B 373 30.50 -3.34 7.24
CA TYR B 373 30.85 -2.52 6.09
C TYR B 373 30.06 -2.95 4.86
N SER B 374 29.95 -4.26 4.64
CA SER B 374 29.21 -4.74 3.48
C SER B 374 27.73 -4.37 3.58
N LEU B 375 27.13 -4.55 4.77
CA LEU B 375 25.71 -4.23 4.92
C LEU B 375 25.46 -2.74 4.73
N LEU B 376 26.27 -1.89 5.39
CA LEU B 376 26.07 -0.46 5.27
C LEU B 376 26.33 0.01 3.85
N TYR B 377 27.37 -0.52 3.20
CA TYR B 377 27.65 -0.14 1.82
C TYR B 377 26.53 -0.58 0.89
N LEU B 378 25.99 -1.77 1.09
CA LEU B 378 24.92 -2.25 0.23
C LEU B 378 23.66 -1.40 0.41
N ILE B 379 23.30 -1.13 1.66
CA ILE B 379 22.13 -0.29 1.93
C ILE B 379 22.33 1.10 1.37
N GLY B 380 23.52 1.67 1.56
CA GLY B 380 23.79 3.00 1.05
C GLY B 380 23.81 3.05 -0.46
N ARG B 381 24.33 2.00 -1.11
CA ARG B 381 24.32 1.96 -2.56
C ARG B 381 22.90 1.85 -3.10
N THR B 382 22.07 1.01 -2.49
CA THR B 382 20.67 0.93 -2.90
C THR B 382 19.99 2.28 -2.71
N ALA B 383 20.16 2.89 -1.54
CA ALA B 383 19.52 4.17 -1.26
C ALA B 383 20.01 5.25 -2.20
N PHE B 384 21.31 5.28 -2.48
CA PHE B 384 21.88 6.28 -3.38
C PHE B 384 21.41 6.10 -4.82
N VAL B 385 21.34 4.85 -5.29
CA VAL B 385 20.82 4.63 -6.65
C VAL B 385 19.36 5.08 -6.73
N PHE B 386 18.55 4.70 -5.73
CA PHE B 386 17.15 5.11 -5.74
C PHE B 386 17.02 6.63 -5.66
N LEU B 387 17.85 7.28 -4.84
CA LEU B 387 17.75 8.72 -4.67
C LEU B 387 18.23 9.46 -5.90
N THR B 388 19.29 8.97 -6.55
CA THR B 388 19.75 9.58 -7.78
C THR B 388 18.72 9.44 -8.88
N ALA B 389 18.07 8.26 -8.97
CA ALA B 389 17.02 8.08 -9.97
C ALA B 389 15.81 8.95 -9.65
N ALA B 390 15.46 9.08 -8.37
CA ALA B 390 14.32 9.90 -7.98
C ALA B 390 14.62 11.38 -8.10
N ASP B 391 15.90 11.76 -8.15
CA ASP B 391 16.24 13.16 -8.37
C ASP B 391 15.72 13.65 -9.71
N ILE B 392 15.58 12.76 -10.68
CA ILE B 392 14.98 13.15 -11.95
C ILE B 392 13.55 13.61 -11.72
N ASN B 393 12.77 12.82 -10.98
CA ASN B 393 11.38 13.18 -10.69
C ASN B 393 11.32 14.46 -9.87
N GLU B 394 12.17 14.58 -8.85
CA GLU B 394 12.17 15.77 -8.01
C GLU B 394 12.50 17.01 -8.83
N GLU B 395 13.50 16.91 -9.72
CA GLU B 395 13.87 18.05 -10.55
C GLU B 395 12.76 18.40 -11.53
N SER B 396 12.10 17.38 -12.10
CA SER B 396 10.99 17.65 -12.99
C SER B 396 9.87 18.40 -12.26
N LYS B 397 9.60 18.03 -11.01
CA LYS B 397 8.57 18.70 -10.24
C LYS B 397 9.02 20.04 -9.67
N ARG B 398 10.33 20.29 -9.61
CA ARG B 398 10.80 21.53 -8.99
C ARG B 398 10.43 22.76 -9.81
N GLY B 399 10.26 22.62 -11.12
CA GLY B 399 9.88 23.76 -11.93
C GLY B 399 8.42 24.17 -11.77
N LEU B 400 7.60 23.29 -11.21
CA LEU B 400 6.18 23.60 -11.02
C LEU B 400 6.00 24.78 -10.08
N GLY B 401 6.79 24.84 -9.01
CA GLY B 401 6.66 25.94 -8.06
C GLY B 401 6.94 27.28 -8.69
N VAL B 402 7.89 27.32 -9.62
CA VAL B 402 8.22 28.59 -10.28
C VAL B 402 7.21 28.90 -11.38
N LEU B 403 6.70 27.86 -12.06
CA LEU B 403 5.69 28.10 -13.08
C LEU B 403 4.39 28.59 -12.48
N ARG B 404 4.09 28.18 -11.23
CA ARG B 404 2.88 28.64 -10.56
C ARG B 404 2.96 30.12 -10.21
N ARG B 405 4.14 30.71 -10.24
CA ARG B 405 4.33 32.12 -9.94
C ARG B 405 4.22 33.01 -11.17
N VAL B 406 3.98 32.42 -12.35
CA VAL B 406 3.86 33.21 -13.56
C VAL B 406 2.73 34.23 -13.41
N SER B 407 2.97 35.45 -13.87
CA SER B 407 2.00 36.51 -13.70
C SER B 407 0.77 36.28 -14.57
N SER B 408 -0.32 36.96 -14.22
CA SER B 408 -1.53 36.87 -15.02
C SER B 408 -1.32 37.39 -16.43
N ARG B 409 -0.45 38.39 -16.59
CA ARG B 409 -0.17 38.94 -17.92
C ARG B 409 0.65 37.95 -18.75
N SER B 410 1.62 37.28 -18.14
CA SER B 410 2.47 36.34 -18.86
C SER B 410 1.82 34.98 -19.05
N TRP B 411 0.75 34.69 -18.33
CA TRP B 411 0.09 33.39 -18.45
C TRP B 411 -0.48 33.20 -19.84
N CYS B 412 -0.25 32.02 -20.42
CA CYS B 412 -0.74 31.71 -21.75
C CYS B 412 -1.00 30.21 -21.81
N VAL B 413 -1.44 29.76 -23.00
CA VAL B 413 -1.75 28.35 -23.18
C VAL B 413 -0.50 27.49 -23.02
N GLU B 414 0.66 28.02 -23.40
CA GLU B 414 1.89 27.23 -23.29
C GLU B 414 2.25 26.95 -21.84
N VAL B 415 2.11 27.94 -20.97
CA VAL B 415 2.39 27.72 -19.55
C VAL B 415 1.41 26.72 -18.97
N GLU B 416 0.14 26.82 -19.38
CA GLU B 416 -0.86 25.87 -18.90
C GLU B 416 -0.52 24.45 -19.34
N ARG B 417 -0.13 24.28 -20.60
CA ARG B 417 0.26 22.97 -21.11
C ARG B 417 1.45 22.42 -20.32
N LEU B 418 2.48 23.24 -20.14
CA LEU B 418 3.67 22.78 -19.42
C LEU B 418 3.35 22.42 -17.98
N ILE B 419 2.56 23.25 -17.31
CA ILE B 419 2.19 22.97 -15.92
C ILE B 419 1.39 21.68 -15.83
N PHE B 420 0.46 21.47 -16.77
CA PHE B 420 -0.31 20.23 -16.75
C PHE B 420 0.59 19.03 -16.94
N GLN B 421 1.56 19.12 -17.86
CA GLN B 421 2.46 17.99 -18.09
C GLN B 421 3.32 17.71 -16.87
N MET B 422 3.92 18.75 -16.28
CA MET B 422 4.73 18.54 -15.09
C MET B 422 3.88 17.96 -13.95
N THR B 423 2.65 18.44 -13.80
CA THR B 423 1.82 18.01 -12.69
C THR B 423 1.39 16.56 -12.83
N THR B 424 0.89 16.18 -14.01
CA THR B 424 0.24 14.90 -14.17
C THR B 424 1.14 13.79 -14.68
N GLN B 425 2.27 14.12 -15.32
CA GLN B 425 3.17 13.12 -15.84
C GLN B 425 4.17 12.70 -14.77
N THR B 426 4.46 11.41 -14.72
CA THR B 426 5.47 10.86 -13.82
C THR B 426 6.79 10.80 -14.58
N VAL B 427 7.66 11.77 -14.31
CA VAL B 427 8.95 11.87 -14.99
C VAL B 427 9.96 11.15 -14.10
N ALA B 428 10.13 9.85 -14.35
CA ALA B 428 11.03 9.05 -13.54
C ALA B 428 11.41 7.79 -14.30
N LEU B 429 12.59 7.25 -13.97
CA LEU B 429 12.97 5.93 -14.42
C LEU B 429 12.08 4.88 -13.75
N SER B 430 11.85 3.77 -14.46
CA SER B 430 10.93 2.76 -14.00
C SER B 430 11.51 1.38 -14.24
N GLY B 431 11.08 0.43 -13.41
CA GLY B 431 11.42 -0.96 -13.60
C GLY B 431 10.42 -1.68 -14.48
N LYS B 432 10.46 -1.42 -15.79
CA LYS B 432 9.51 -1.96 -16.75
C LYS B 432 8.09 -1.50 -16.45
N LYS B 433 7.96 -0.29 -15.90
CA LYS B 433 6.68 0.33 -15.55
C LYS B 433 5.94 -0.44 -14.46
N PHE B 434 6.58 -1.42 -13.82
CA PHE B 434 5.98 -2.06 -12.66
C PHE B 434 6.05 -1.13 -11.45
N TYR B 435 7.08 -0.31 -11.38
CA TYR B 435 7.24 0.69 -10.33
C TYR B 435 8.11 1.80 -10.90
N PHE B 436 8.06 2.96 -10.24
CA PHE B 436 8.79 4.13 -10.69
C PHE B 436 9.78 4.55 -9.60
N LEU B 437 11.01 4.85 -10.00
CA LEU B 437 12.05 5.20 -9.04
C LEU B 437 11.80 6.60 -8.49
N THR B 438 11.14 6.69 -7.35
CA THR B 438 10.83 7.94 -6.68
C THR B 438 11.17 7.81 -5.20
N ARG B 439 11.11 8.94 -4.50
CA ARG B 439 11.34 8.91 -3.06
C ARG B 439 10.27 8.10 -2.36
N ARG B 440 9.03 8.18 -2.84
CA ARG B 440 7.96 7.36 -2.28
C ARG B 440 8.27 5.88 -2.49
N LEU B 441 8.82 5.52 -3.64
CA LEU B 441 9.18 4.12 -3.87
C LEU B 441 10.28 3.67 -2.92
N LEU B 442 11.26 4.54 -2.64
CA LEU B 442 12.32 4.17 -1.71
C LEU B 442 11.76 3.99 -0.30
N PHE B 443 10.83 4.86 0.10
CA PHE B 443 10.17 4.70 1.39
C PHE B 443 9.40 3.39 1.45
N GLY B 444 8.67 3.06 0.38
CA GLY B 444 7.93 1.81 0.35
C GLY B 444 8.85 0.59 0.36
N MET B 445 10.00 0.70 -0.31
CA MET B 445 10.98 -0.37 -0.28
C MET B 445 11.54 -0.56 1.12
N ALA B 446 11.82 0.54 1.82
CA ALA B 446 12.29 0.41 3.20
C ALA B 446 11.23 -0.26 4.07
N GLY B 447 9.97 0.14 3.91
CA GLY B 447 8.91 -0.49 4.69
C GLY B 447 8.76 -1.97 4.37
N THR B 448 8.84 -2.31 3.09
CA THR B 448 8.75 -3.72 2.68
C THR B 448 9.92 -4.52 3.24
N ILE B 449 11.12 -3.94 3.23
CA ILE B 449 12.28 -4.62 3.80
C ILE B 449 12.09 -4.84 5.29
N VAL B 450 11.56 -3.83 5.99
CA VAL B 450 11.31 -3.99 7.42
C VAL B 450 10.32 -5.11 7.67
N THR B 451 9.23 -5.14 6.89
CA THR B 451 8.24 -6.20 7.07
C THR B 451 8.84 -7.58 6.79
N TYR B 452 9.60 -7.69 5.70
CA TYR B 452 10.22 -8.97 5.37
C TYR B 452 11.20 -9.41 6.46
N GLU B 453 11.98 -8.47 6.98
CA GLU B 453 12.93 -8.82 8.05
C GLU B 453 12.19 -9.25 9.31
N LEU B 454 11.11 -8.56 9.66
CA LEU B 454 10.33 -8.96 10.84
C LEU B 454 9.78 -10.37 10.67
N VAL B 455 9.26 -10.69 9.48
CA VAL B 455 8.68 -12.01 9.26
C VAL B 455 9.78 -13.08 9.18
N LEU B 456 10.96 -12.70 8.69
CA LEU B 456 12.00 -13.69 8.40
C LEU B 456 12.90 -13.95 9.59
N LEU B 457 13.03 -13.01 10.53
CA LEU B 457 13.87 -13.24 11.69
C LEU B 457 13.38 -14.41 12.52
N GLN B 458 12.13 -14.82 12.33
CA GLN B 458 11.63 -16.03 12.98
C GLN B 458 12.18 -17.29 12.30
N PHE B 459 12.40 -17.24 10.99
CA PHE B 459 12.93 -18.41 10.27
C PHE B 459 14.30 -18.80 10.82
N ASP B 460 15.18 -17.82 11.01
CA ASP B 460 16.56 -18.08 11.37
C ASP B 460 16.81 -18.00 12.87
N GLU B 461 15.76 -17.85 13.69
CA GLU B 461 15.95 -17.85 15.13
C GLU B 461 16.67 -19.10 15.63
N PRO B 462 16.31 -20.31 15.22
CA PRO B 462 17.12 -21.47 15.60
C PRO B 462 18.58 -21.34 15.19
N ASN B 463 18.83 -20.85 13.97
CA ASN B 463 20.20 -20.65 13.52
C ASN B 463 20.92 -19.62 14.37
N ARG B 464 20.22 -18.54 14.73
CA ARG B 464 20.84 -17.52 15.58
C ARG B 464 21.21 -18.08 16.94
N ARG B 465 20.34 -18.92 17.52
CA ARG B 465 20.65 -19.51 18.81
C ARG B 465 21.64 -20.67 18.71
N LYS B 466 21.94 -21.16 17.50
CA LYS B 466 23.01 -22.15 17.37
C LYS B 466 24.34 -21.57 17.87
N GLY B 467 24.63 -20.33 17.51
CA GLY B 467 25.85 -19.69 17.96
C GLY B 467 27.06 -20.08 17.14
N LEU B 468 28.21 -19.55 17.56
CA LEU B 468 29.45 -19.81 16.86
C LEU B 468 29.86 -21.28 17.03
N GLN B 469 30.34 -21.88 15.96
CA GLN B 469 30.84 -23.24 16.02
C GLN B 469 32.21 -23.25 16.69
N PRO B 470 32.64 -24.40 17.21
CA PRO B 470 33.99 -24.49 17.78
C PRO B 470 35.05 -24.15 16.73
N LEU B 471 36.09 -23.44 17.16
CA LEU B 471 37.15 -23.06 16.24
C LEU B 471 37.86 -24.29 15.71
N CYS B 472 38.15 -25.26 16.58
CA CYS B 472 38.88 -26.46 16.15
C CYS B 472 38.09 -27.24 15.11
N ALA B 473 36.78 -27.42 15.34
CA ALA B 473 35.94 -28.17 14.43
C ALA B 473 35.84 -27.48 13.08
N LEU C 67 -44.22 26.42 0.96
CA LEU C 67 -43.29 25.35 1.30
C LEU C 67 -43.71 24.04 0.62
N PRO C 68 -42.74 23.21 0.26
CA PRO C 68 -43.07 21.97 -0.44
C PRO C 68 -43.86 21.01 0.43
N ASN C 69 -44.70 20.20 -0.22
CA ASN C 69 -45.53 19.23 0.47
C ASN C 69 -44.69 17.99 0.76
N TYR C 70 -44.16 17.91 1.98
CA TYR C 70 -43.29 16.81 2.37
C TYR C 70 -44.02 15.48 2.51
N THR C 71 -45.36 15.49 2.53
CA THR C 71 -46.10 14.28 2.84
C THR C 71 -45.87 13.21 1.77
N ASN C 72 -45.89 13.58 0.50
CA ASN C 72 -45.80 12.63 -0.60
C ASN C 72 -44.49 12.70 -1.36
N LEU C 73 -43.65 13.70 -1.11
CA LEU C 73 -42.41 13.84 -1.86
C LEU C 73 -41.47 12.69 -1.57
N ASP C 74 -40.65 12.35 -2.56
CA ASP C 74 -39.70 11.24 -2.47
C ASP C 74 -38.40 11.79 -1.87
N LEU C 75 -38.43 12.02 -0.56
CA LEU C 75 -37.33 12.63 0.16
C LEU C 75 -36.63 11.59 1.04
N PHE C 76 -35.38 11.90 1.39
CA PHE C 76 -34.61 11.01 2.24
C PHE C 76 -35.23 10.85 3.63
N HIS C 77 -35.68 11.96 4.21
CA HIS C 77 -36.23 11.91 5.56
C HIS C 77 -37.46 11.01 5.61
N ARG C 78 -38.36 11.15 4.63
CA ARG C 78 -39.50 10.25 4.55
C ARG C 78 -39.06 8.81 4.40
N ALA C 79 -37.96 8.58 3.68
CA ALA C 79 -37.50 7.21 3.45
C ALA C 79 -36.95 6.57 4.72
N VAL C 80 -36.26 7.36 5.55
CA VAL C 80 -35.50 6.79 6.66
C VAL C 80 -36.17 6.94 8.03
N PHE C 81 -37.14 7.85 8.17
CA PHE C 81 -37.67 8.11 9.50
C PHE C 81 -38.34 6.88 10.13
N PRO C 82 -38.95 5.96 9.40
CA PRO C 82 -39.48 4.75 10.08
C PRO C 82 -38.40 3.97 10.80
N PHE C 83 -37.25 3.78 10.16
CA PHE C 83 -36.16 3.03 10.78
C PHE C 83 -35.43 3.86 11.82
N MET C 84 -35.36 5.17 11.64
CA MET C 84 -34.85 6.03 12.70
C MET C 84 -35.71 5.93 13.95
N PHE C 85 -37.03 5.86 13.78
CA PHE C 85 -37.92 5.68 14.93
C PHE C 85 -37.77 4.28 15.53
N LEU C 86 -37.60 3.26 14.69
CA LEU C 86 -37.34 1.94 15.22
C LEU C 86 -36.08 1.92 16.07
N ALA C 87 -35.03 2.60 15.62
CA ALA C 87 -33.82 2.72 16.42
C ALA C 87 -34.08 3.53 17.69
N GLN C 88 -34.93 4.56 17.60
CA GLN C 88 -35.30 5.32 18.78
C GLN C 88 -35.98 4.42 19.81
N CYS C 89 -36.74 3.43 19.36
CA CYS C 89 -37.41 2.53 20.29
C CYS C 89 -36.40 1.86 21.23
N VAL C 90 -35.19 1.57 20.73
CA VAL C 90 -34.10 1.09 21.57
C VAL C 90 -33.17 2.23 21.98
N ALA C 91 -33.59 3.48 21.77
CA ALA C 91 -32.90 4.66 22.27
C ALA C 91 -31.51 4.80 21.66
N ILE C 92 -31.47 4.87 20.33
CA ILE C 92 -30.21 4.99 19.61
C ILE C 92 -29.89 6.46 19.36
N MET C 93 -30.77 7.16 18.65
CA MET C 93 -30.54 8.54 18.23
C MET C 93 -31.66 9.40 18.81
N PRO C 94 -31.46 10.01 19.98
CA PRO C 94 -32.57 10.68 20.69
C PRO C 94 -32.97 12.01 20.07
N LEU C 95 -33.82 11.98 19.06
CA LEU C 95 -34.36 13.18 18.42
C LEU C 95 -35.84 13.31 18.71
N VAL C 96 -36.33 14.55 18.68
CA VAL C 96 -37.73 14.85 18.94
C VAL C 96 -38.42 15.14 17.62
N GLY C 97 -39.59 14.55 17.41
CA GLY C 97 -40.34 14.76 16.19
C GLY C 97 -39.68 14.18 14.96
N ILE C 98 -39.08 12.99 15.09
CA ILE C 98 -38.47 12.34 13.94
C ILE C 98 -39.53 11.86 12.96
N ARG C 99 -40.75 11.57 13.42
CA ARG C 99 -41.84 11.13 12.56
C ARG C 99 -42.52 12.27 11.83
N GLU C 100 -42.22 13.51 12.18
CA GLU C 100 -42.89 14.64 11.54
C GLU C 100 -42.58 14.66 10.05
N SER C 101 -43.61 14.92 9.24
CA SER C 101 -43.42 14.97 7.79
C SER C 101 -42.48 16.11 7.41
N ASN C 102 -42.59 17.24 8.10
CA ASN C 102 -41.70 18.36 7.85
C ASN C 102 -40.37 18.13 8.56
N PRO C 103 -39.25 17.98 7.84
CA PRO C 103 -37.97 17.79 8.54
C PRO C 103 -37.56 19.00 9.36
N ARG C 104 -38.12 20.18 9.10
CA ARG C 104 -37.81 21.35 9.92
C ARG C 104 -38.28 21.20 11.35
N ARG C 105 -39.21 20.30 11.63
CA ARG C 105 -39.72 20.07 12.98
C ARG C 105 -38.88 19.07 13.75
N VAL C 106 -37.83 18.52 13.14
CA VAL C 106 -36.91 17.62 13.85
C VAL C 106 -35.96 18.47 14.67
N ARG C 107 -35.88 18.19 15.96
CA ARG C 107 -35.02 18.93 16.88
C ARG C 107 -34.39 17.97 17.87
N PHE C 108 -33.29 18.42 18.46
CA PHE C 108 -32.58 17.66 19.48
C PHE C 108 -32.75 18.37 20.82
N ALA C 109 -33.29 17.67 21.81
CA ALA C 109 -33.52 18.21 23.13
C ALA C 109 -33.04 17.23 24.18
N TYR C 110 -32.15 17.70 25.07
CA TYR C 110 -31.69 16.85 26.16
C TYR C 110 -32.83 16.46 27.08
N LYS C 111 -33.71 17.40 27.40
CA LYS C 111 -34.89 17.12 28.21
C LYS C 111 -36.02 16.68 27.27
N SER C 112 -36.03 15.39 26.97
CA SER C 112 -37.07 14.81 26.12
C SER C 112 -37.14 13.32 26.40
N ILE C 113 -38.27 12.71 26.02
CA ILE C 113 -38.45 11.29 26.22
C ILE C 113 -37.36 10.48 25.51
N PRO C 114 -37.02 10.75 24.25
CA PRO C 114 -35.93 9.99 23.61
C PRO C 114 -34.63 10.05 24.40
N MET C 115 -34.29 11.22 24.96
CA MET C 115 -33.05 11.31 25.73
C MET C 115 -33.16 10.55 27.04
N PHE C 116 -34.35 10.54 27.66
CA PHE C 116 -34.54 9.74 28.86
C PHE C 116 -34.35 8.26 28.58
N VAL C 117 -34.94 7.77 27.48
CA VAL C 117 -34.78 6.36 27.14
C VAL C 117 -33.33 6.06 26.80
N THR C 118 -32.65 7.01 26.14
CA THR C 118 -31.23 6.82 25.83
C THR C 118 -30.41 6.73 27.11
N LEU C 119 -30.70 7.58 28.09
CA LEU C 119 -29.99 7.50 29.36
C LEU C 119 -30.24 6.17 30.05
N ILE C 120 -31.50 5.71 30.05
CA ILE C 120 -31.79 4.41 30.66
C ILE C 120 -31.01 3.30 29.98
N PHE C 121 -31.02 3.28 28.65
CA PHE C 121 -30.34 2.22 27.92
C PHE C 121 -28.83 2.30 28.11
N MET C 122 -28.28 3.51 28.16
CA MET C 122 -26.84 3.65 28.38
C MET C 122 -26.46 3.22 29.79
N ILE C 123 -27.30 3.54 30.78
CA ILE C 123 -27.04 3.08 32.14
C ILE C 123 -27.05 1.56 32.20
N ALA C 124 -28.04 0.94 31.54
CA ALA C 124 -28.12 -0.52 31.56
C ALA C 124 -26.95 -1.16 30.82
N THR C 125 -26.55 -0.56 29.70
CA THR C 125 -25.40 -1.07 28.96
C THR C 125 -24.12 -0.92 29.77
N SER C 126 -24.00 0.17 30.52
CA SER C 126 -22.87 0.34 31.42
C SER C 126 -22.89 -0.73 32.51
N ILE C 127 -24.08 -1.06 33.02
CA ILE C 127 -24.18 -2.13 34.01
C ILE C 127 -23.68 -3.44 33.42
N LEU C 128 -24.12 -3.75 32.19
CA LEU C 128 -23.67 -4.98 31.54
C LEU C 128 -22.17 -4.97 31.28
N PHE C 129 -21.64 -3.82 30.86
CA PHE C 129 -20.20 -3.71 30.60
C PHE C 129 -19.39 -3.89 31.88
N LEU C 130 -19.84 -3.28 32.98
CA LEU C 130 -19.18 -3.49 34.26
C LEU C 130 -19.26 -4.94 34.70
N SER C 131 -20.42 -5.57 34.48
CA SER C 131 -20.56 -6.98 34.81
C SER C 131 -19.54 -7.82 34.07
N MET C 132 -19.42 -7.60 32.75
CA MET C 132 -18.44 -8.33 31.96
C MET C 132 -17.03 -8.05 32.43
N PHE C 133 -16.71 -6.77 32.71
CA PHE C 133 -15.37 -6.42 33.13
C PHE C 133 -15.01 -7.11 34.44
N THR C 134 -15.90 -7.06 35.42
CA THR C 134 -15.63 -7.71 36.71
C THR C 134 -15.55 -9.22 36.56
N HIS C 135 -16.42 -9.82 35.75
CA HIS C 135 -16.37 -11.26 35.55
C HIS C 135 -15.05 -11.68 34.92
N LEU C 136 -14.61 -10.95 33.90
CA LEU C 136 -13.35 -11.30 33.24
C LEU C 136 -12.17 -11.08 34.17
N LEU C 137 -12.20 -10.03 34.99
CA LEU C 137 -11.15 -9.83 35.98
C LEU C 137 -11.11 -11.00 36.96
N LYS C 138 -12.29 -11.46 37.40
CA LYS C 138 -12.33 -12.59 38.32
C LYS C 138 -11.78 -13.85 37.67
N ILE C 139 -12.13 -14.11 36.41
CA ILE C 139 -11.70 -15.32 35.72
C ILE C 139 -10.51 -15.07 34.80
N GLY C 140 -9.96 -13.86 34.80
CA GLY C 140 -8.84 -13.54 33.93
C GLY C 140 -9.29 -13.21 32.52
N ILE C 141 -8.64 -12.22 31.90
CA ILE C 141 -9.00 -11.76 30.58
C ILE C 141 -8.21 -12.55 29.55
N THR C 142 -8.90 -13.14 28.58
CA THR C 142 -8.29 -13.84 27.47
C THR C 142 -8.73 -13.19 26.17
N ALA C 143 -7.93 -13.39 25.12
CA ALA C 143 -8.28 -12.84 23.82
C ALA C 143 -9.65 -13.32 23.37
N LYS C 144 -10.04 -14.54 23.75
CA LYS C 144 -11.36 -15.04 23.40
C LYS C 144 -12.45 -14.41 24.26
N ASN C 145 -12.19 -14.22 25.55
CA ASN C 145 -13.15 -13.56 26.42
C ASN C 145 -13.33 -12.09 26.05
N PHE C 146 -12.24 -11.41 25.68
CA PHE C 146 -12.26 -9.98 25.46
C PHE C 146 -13.35 -9.57 24.49
N VAL C 147 -13.64 -10.40 23.48
CA VAL C 147 -14.67 -10.07 22.51
C VAL C 147 -15.93 -9.57 23.21
N GLY C 148 -16.37 -10.29 24.24
CA GLY C 148 -17.56 -9.88 24.96
C GLY C 148 -17.47 -8.44 25.39
N LEU C 149 -16.43 -8.09 26.16
CA LEU C 149 -16.25 -6.71 26.57
C LEU C 149 -16.31 -5.78 25.37
N VAL C 150 -15.56 -6.11 24.32
CA VAL C 150 -15.52 -5.24 23.15
C VAL C 150 -16.93 -4.96 22.68
N PHE C 151 -17.74 -6.02 22.53
CA PHE C 151 -19.12 -5.84 22.11
C PHE C 151 -19.76 -4.71 22.91
N PHE C 152 -19.86 -4.89 24.23
CA PHE C 152 -20.54 -3.89 25.04
C PHE C 152 -19.86 -2.54 24.87
N GLY C 153 -18.52 -2.52 24.90
CA GLY C 153 -17.83 -1.27 24.68
C GLY C 153 -18.29 -0.60 23.41
N CYS C 154 -18.23 -1.33 22.29
CA CYS C 154 -18.70 -0.75 21.04
C CYS C 154 -20.11 -0.22 21.20
N VAL C 155 -21.00 -1.03 21.77
CA VAL C 155 -22.39 -0.59 21.90
C VAL C 155 -22.44 0.73 22.65
N LEU C 156 -21.74 0.80 23.80
CA LEU C 156 -21.74 2.05 24.54
C LEU C 156 -21.21 3.17 23.67
N SER C 157 -20.07 2.95 23.03
CA SER C 157 -19.55 3.97 22.11
C SER C 157 -20.62 4.37 21.12
N ALA C 158 -21.28 3.38 20.51
CA ALA C 158 -22.31 3.70 19.53
C ALA C 158 -23.31 4.70 20.11
N TYR C 159 -23.83 4.40 21.30
CA TYR C 159 -24.79 5.32 21.90
C TYR C 159 -24.22 6.72 21.94
N VAL C 160 -23.03 6.88 22.51
CA VAL C 160 -22.43 8.20 22.58
C VAL C 160 -22.35 8.80 21.18
N VAL C 161 -21.78 8.05 20.25
CA VAL C 161 -21.64 8.56 18.89
C VAL C 161 -23.00 8.98 18.37
N PHE C 162 -23.99 8.10 18.51
CA PHE C 162 -25.30 8.43 17.95
C PHE C 162 -25.89 9.65 18.62
N ILE C 163 -25.69 9.80 19.93
CA ILE C 163 -26.15 11.01 20.60
C ILE C 163 -25.57 12.23 19.91
N ARG C 164 -24.25 12.22 19.71
CA ARG C 164 -23.62 13.33 19.00
C ARG C 164 -24.22 13.48 17.62
N LEU C 165 -24.43 12.36 16.93
CA LEU C 165 -25.06 12.42 15.62
C LEU C 165 -26.43 13.06 15.72
N ALA C 166 -27.21 12.69 16.74
CA ALA C 166 -28.51 13.32 16.93
C ALA C 166 -28.34 14.82 17.08
N LYS C 167 -27.34 15.25 17.84
CA LYS C 167 -27.10 16.68 18.03
C LYS C 167 -26.96 17.37 16.68
N LYS C 168 -26.30 16.70 15.73
CA LYS C 168 -26.07 17.28 14.42
C LYS C 168 -27.18 16.98 13.43
N TRP C 169 -28.10 16.07 13.74
CA TRP C 169 -29.01 15.58 12.71
C TRP C 169 -29.94 16.68 12.19
N PRO C 170 -30.55 17.49 13.04
CA PRO C 170 -31.47 18.51 12.51
C PRO C 170 -30.85 19.35 11.41
N ALA C 171 -29.77 20.08 11.72
CA ALA C 171 -29.05 20.79 10.67
C ALA C 171 -28.89 19.93 9.44
N VAL C 172 -28.24 18.77 9.59
CA VAL C 172 -28.04 17.86 8.48
C VAL C 172 -29.35 17.67 7.73
N VAL C 173 -30.38 17.16 8.41
CA VAL C 173 -31.59 16.82 7.68
C VAL C 173 -32.11 18.07 6.97
N ARG C 174 -32.11 19.21 7.66
CA ARG C 174 -32.56 20.44 7.02
C ARG C 174 -31.82 20.64 5.71
N ILE C 175 -30.49 20.76 5.76
CA ILE C 175 -29.76 20.99 4.52
C ILE C 175 -30.09 19.89 3.52
N TRP C 176 -30.08 18.64 3.98
CA TRP C 176 -30.37 17.54 3.07
C TRP C 176 -31.67 17.81 2.32
N THR C 177 -32.73 18.13 3.07
CA THR C 177 -34.01 18.37 2.43
C THR C 177 -33.88 19.47 1.38
N ARG C 178 -33.33 20.61 1.77
CA ARG C 178 -33.27 21.72 0.83
C ARG C 178 -32.32 21.44 -0.31
N THR C 179 -31.40 20.48 -0.14
CA THR C 179 -30.53 20.11 -1.25
C THR C 179 -31.24 19.21 -2.25
N GLU C 180 -32.20 18.41 -1.79
CA GLU C 180 -32.81 17.40 -2.65
C GLU C 180 -34.15 17.84 -3.24
N ILE C 181 -34.63 19.04 -2.91
CA ILE C 181 -35.86 19.53 -3.53
C ILE C 181 -35.70 19.68 -5.04
N PRO C 182 -34.61 20.23 -5.56
CA PRO C 182 -34.49 20.33 -7.02
C PRO C 182 -34.60 19.01 -7.75
N PHE C 183 -34.17 17.90 -7.13
CA PHE C 183 -34.19 16.61 -7.79
C PHE C 183 -35.57 15.96 -7.77
N THR C 184 -36.54 16.53 -7.07
CA THR C 184 -37.90 16.02 -7.06
C THR C 184 -38.75 16.55 -8.21
N LYS C 185 -38.18 17.39 -9.05
CA LYS C 185 -38.87 18.01 -10.18
C LYS C 185 -38.04 17.81 -11.45
N PRO C 186 -38.66 17.96 -12.61
CA PRO C 186 -37.90 17.80 -13.87
C PRO C 186 -36.71 18.73 -13.91
N PRO C 187 -35.67 18.40 -14.69
CA PRO C 187 -35.57 17.27 -15.62
C PRO C 187 -35.16 15.96 -14.94
N TYR C 188 -35.30 15.86 -13.62
CA TYR C 188 -34.97 14.64 -12.91
C TYR C 188 -36.21 13.78 -12.72
N GLU C 189 -36.07 12.48 -12.95
CA GLU C 189 -37.16 11.53 -12.82
C GLU C 189 -36.84 10.53 -11.71
N ILE C 190 -37.90 10.04 -11.08
CA ILE C 190 -37.74 9.05 -10.01
C ILE C 190 -37.37 7.70 -10.64
N PRO C 191 -36.31 7.04 -10.17
CA PRO C 191 -35.94 5.75 -10.79
C PRO C 191 -36.99 4.68 -10.56
N LYS C 192 -36.77 3.50 -11.15
CA LYS C 192 -37.69 2.39 -10.93
C LYS C 192 -37.90 2.13 -9.44
N ARG C 193 -36.80 2.04 -8.70
CA ARG C 193 -36.84 1.87 -7.25
C ARG C 193 -36.63 3.23 -6.61
N ASN C 194 -37.71 3.80 -6.06
CA ASN C 194 -37.60 5.09 -5.40
C ASN C 194 -36.80 4.96 -4.10
N LEU C 195 -36.44 6.11 -3.55
CA LEU C 195 -35.58 6.11 -2.37
C LEU C 195 -36.20 5.35 -1.21
N SER C 196 -37.51 5.54 -1.00
CA SER C 196 -38.18 4.84 0.09
C SER C 196 -38.08 3.33 -0.09
N ARG C 197 -38.29 2.84 -1.31
CA ARG C 197 -38.23 1.40 -1.54
C ARG C 197 -36.81 0.86 -1.36
N ARG C 198 -35.81 1.60 -1.84
CA ARG C 198 -34.42 1.16 -1.66
C ARG C 198 -34.09 1.06 -0.17
N VAL C 199 -34.42 2.10 0.58
CA VAL C 199 -34.14 2.11 2.01
C VAL C 199 -34.89 0.98 2.70
N GLN C 200 -36.16 0.78 2.34
CA GLN C 200 -36.95 -0.27 2.96
C GLN C 200 -36.36 -1.64 2.68
N LEU C 201 -36.00 -1.91 1.43
CA LEU C 201 -35.44 -3.22 1.09
C LEU C 201 -34.16 -3.48 1.86
N ALA C 202 -33.21 -2.53 1.81
CA ALA C 202 -31.94 -2.75 2.47
C ALA C 202 -32.10 -2.88 3.98
N ALA C 203 -32.92 -2.01 4.58
CA ALA C 203 -33.11 -2.03 6.03
C ALA C 203 -33.81 -3.29 6.48
N LEU C 204 -34.84 -3.74 5.74
CA LEU C 204 -35.52 -4.97 6.10
C LEU C 204 -34.59 -6.17 5.96
N ALA C 205 -33.76 -6.18 4.92
CA ALA C 205 -32.79 -7.27 4.79
C ALA C 205 -31.84 -7.29 5.98
N ILE C 206 -31.30 -6.13 6.35
CA ILE C 206 -30.36 -6.06 7.47
C ILE C 206 -31.04 -6.47 8.76
N ILE C 207 -32.25 -5.98 9.00
CA ILE C 207 -32.95 -6.27 10.24
C ILE C 207 -33.29 -7.75 10.33
N GLY C 208 -33.78 -8.34 9.23
CA GLY C 208 -34.09 -9.75 9.25
C GLY C 208 -32.86 -10.62 9.45
N LEU C 209 -31.75 -10.25 8.81
CA LEU C 209 -30.52 -11.02 8.98
C LEU C 209 -29.99 -10.89 10.40
N SER C 210 -30.10 -9.70 11.00
CA SER C 210 -29.69 -9.54 12.39
C SER C 210 -30.57 -10.33 13.34
N LEU C 211 -31.88 -10.33 13.09
CA LEU C 211 -32.79 -11.14 13.89
C LEU C 211 -32.44 -12.62 13.77
N GLY C 212 -32.16 -13.08 12.55
CA GLY C 212 -31.75 -14.46 12.37
C GLY C 212 -30.46 -14.77 13.10
N GLU C 213 -29.50 -13.85 13.05
CA GLU C 213 -28.22 -14.06 13.74
C GLU C 213 -28.43 -14.18 15.24
N HIS C 214 -29.23 -13.28 15.82
CA HIS C 214 -29.45 -13.33 17.27
C HIS C 214 -30.28 -14.55 17.66
N ALA C 215 -31.25 -14.93 16.82
CA ALA C 215 -32.03 -16.13 17.10
C ALA C 215 -31.15 -17.37 17.05
N LEU C 216 -30.23 -17.43 16.09
CA LEU C 216 -29.30 -18.55 16.03
C LEU C 216 -28.37 -18.55 17.23
N TYR C 217 -27.93 -17.37 17.68
CA TYR C 217 -27.11 -17.28 18.87
C TYR C 217 -27.84 -17.86 20.08
N GLN C 218 -29.08 -17.42 20.29
CA GLN C 218 -29.85 -17.89 21.43
C GLN C 218 -30.13 -19.38 21.32
N VAL C 219 -30.48 -19.85 20.13
CA VAL C 219 -30.78 -21.26 19.94
C VAL C 219 -29.55 -22.11 20.20
N SER C 220 -28.39 -21.66 19.70
CA SER C 220 -27.16 -22.40 19.91
C SER C 220 -26.82 -22.47 21.40
N ALA C 221 -26.93 -21.33 22.10
CA ALA C 221 -26.64 -21.34 23.53
C ALA C 221 -27.59 -22.27 24.29
N ILE C 222 -28.89 -22.17 24.01
CA ILE C 222 -29.87 -22.97 24.73
C ILE C 222 -29.67 -24.45 24.44
N LEU C 223 -29.43 -24.80 23.16
CA LEU C 223 -29.25 -26.19 22.81
C LEU C 223 -27.97 -26.76 23.41
N SER C 224 -26.89 -25.97 23.39
CA SER C 224 -25.67 -26.43 24.03
C SER C 224 -25.90 -26.71 25.51
N TYR C 225 -26.54 -25.78 26.22
CA TYR C 225 -26.80 -25.95 27.64
C TYR C 225 -27.66 -27.17 27.90
N THR C 226 -28.80 -27.28 27.20
CA THR C 226 -29.73 -28.38 27.45
C THR C 226 -29.11 -29.72 27.08
N ARG C 227 -28.40 -29.80 25.95
CA ARG C 227 -27.79 -31.06 25.54
C ARG C 227 -26.69 -31.47 26.51
N ARG C 228 -25.87 -30.50 26.95
CA ARG C 228 -24.88 -30.82 27.97
C ARG C 228 -25.54 -31.43 29.19
N ILE C 229 -26.58 -30.78 29.71
CA ILE C 229 -27.23 -31.29 30.92
C ILE C 229 -27.81 -32.67 30.67
N GLN C 230 -28.47 -32.86 29.52
CA GLN C 230 -29.20 -34.11 29.28
C GLN C 230 -28.25 -35.29 29.10
N MET C 231 -27.23 -35.14 28.25
CA MET C 231 -26.28 -36.22 27.98
C MET C 231 -25.06 -36.15 28.90
N CYS C 232 -25.13 -35.38 29.98
CA CYS C 232 -24.00 -35.33 30.91
C CYS C 232 -23.75 -36.68 31.56
N ALA C 233 -24.82 -37.41 31.92
CA ALA C 233 -24.69 -38.69 32.61
C ALA C 233 -23.95 -38.53 33.93
N ASN C 234 -24.06 -37.35 34.52
CA ASN C 234 -23.38 -36.98 35.76
C ASN C 234 -24.30 -35.96 36.44
N ILE C 235 -23.73 -35.11 37.32
CA ILE C 235 -24.51 -34.11 38.03
C ILE C 235 -25.52 -33.51 37.06
N THR C 236 -26.79 -33.52 37.45
CA THR C 236 -27.88 -33.25 36.53
C THR C 236 -28.24 -31.76 36.44
N THR C 237 -28.64 -31.17 37.56
CA THR C 237 -29.10 -29.79 37.59
C THR C 237 -30.16 -29.57 36.50
N VAL C 238 -31.27 -30.28 36.69
CA VAL C 238 -32.37 -30.36 35.73
C VAL C 238 -32.51 -29.05 34.96
N PRO C 239 -32.65 -29.07 33.64
CA PRO C 239 -32.69 -27.82 32.88
C PRO C 239 -33.84 -26.93 33.32
N SER C 240 -33.58 -25.63 33.37
CA SER C 240 -34.60 -24.65 33.71
C SER C 240 -34.16 -23.30 33.18
N PHE C 241 -35.13 -22.39 33.08
CA PHE C 241 -34.82 -21.03 32.64
C PHE C 241 -33.85 -20.35 33.59
N ASN C 242 -34.08 -20.51 34.90
CA ASN C 242 -33.23 -19.82 35.86
C ASN C 242 -31.81 -20.35 35.85
N ASN C 243 -31.64 -21.68 35.77
CA ASN C 243 -30.30 -22.24 35.76
C ASN C 243 -29.54 -21.82 34.50
N TYR C 244 -30.21 -21.83 33.34
CA TYR C 244 -29.58 -21.34 32.13
C TYR C 244 -29.20 -19.87 32.25
N MET C 245 -30.10 -19.06 32.81
CA MET C 245 -29.80 -17.64 32.96
C MET C 245 -28.57 -17.44 33.85
N GLN C 246 -28.49 -18.21 34.95
CA GLN C 246 -27.35 -18.09 35.85
C GLN C 246 -26.07 -18.61 35.22
N THR C 247 -26.17 -19.60 34.34
CA THR C 247 -24.98 -20.22 33.76
C THR C 247 -24.43 -19.39 32.60
N ASN C 248 -25.21 -19.22 31.54
CA ASN C 248 -24.71 -18.54 30.36
C ASN C 248 -24.44 -17.08 30.63
N TYR C 249 -25.27 -16.43 31.45
CA TYR C 249 -25.11 -15.02 31.80
C TYR C 249 -24.56 -14.87 33.21
N ASP C 250 -23.68 -15.79 33.61
CA ASP C 250 -23.11 -15.74 34.95
C ASP C 250 -22.30 -14.47 35.16
N TYR C 251 -21.79 -13.86 34.08
CA TYR C 251 -21.06 -12.62 34.22
C TYR C 251 -21.93 -11.49 34.74
N VAL C 252 -23.25 -11.59 34.58
CA VAL C 252 -24.17 -10.59 35.13
C VAL C 252 -24.51 -10.92 36.57
N PHE C 253 -25.11 -12.09 36.79
CA PHE C 253 -25.62 -12.46 38.11
C PHE C 253 -24.52 -12.66 39.13
N GLN C 254 -23.26 -12.77 38.71
CA GLN C 254 -22.16 -12.79 39.66
C GLN C 254 -21.97 -11.44 40.33
N LEU C 255 -22.62 -10.40 39.83
CA LEU C 255 -22.57 -9.07 40.41
C LEU C 255 -23.92 -8.59 40.94
N LEU C 256 -25.01 -9.00 40.30
CA LEU C 256 -26.35 -8.65 40.72
C LEU C 256 -27.08 -9.88 41.23
N PRO C 257 -27.88 -9.76 42.28
CA PRO C 257 -28.66 -10.91 42.74
C PRO C 257 -29.62 -11.38 41.65
N TYR C 258 -29.75 -12.69 41.52
CA TYR C 258 -30.59 -13.23 40.46
C TYR C 258 -32.07 -12.96 40.74
N SER C 259 -32.83 -12.76 39.67
CA SER C 259 -34.27 -12.60 39.73
C SER C 259 -34.84 -12.78 38.32
N PRO C 260 -35.97 -13.49 38.16
CA PRO C 260 -36.50 -13.68 36.81
C PRO C 260 -36.76 -12.37 36.08
N ILE C 261 -37.22 -11.34 36.79
CA ILE C 261 -37.41 -10.04 36.16
C ILE C 261 -36.09 -9.52 35.63
N ILE C 262 -35.03 -9.61 36.43
CA ILE C 262 -33.70 -9.20 35.96
C ILE C 262 -33.25 -10.07 34.79
N ALA C 263 -33.66 -11.34 34.78
CA ALA C 263 -33.32 -12.21 33.66
C ALA C 263 -33.93 -11.70 32.36
N VAL C 264 -35.24 -11.41 32.39
CA VAL C 264 -35.90 -10.89 31.20
C VAL C 264 -35.31 -9.55 30.81
N LEU C 265 -34.98 -8.72 31.80
CA LEU C 265 -34.36 -7.43 31.51
C LEU C 265 -33.03 -7.62 30.80
N ILE C 266 -32.20 -8.54 31.27
CA ILE C 266 -30.90 -8.77 30.64
C ILE C 266 -31.07 -9.28 29.23
N LEU C 267 -32.04 -10.17 29.01
CA LEU C 267 -32.29 -10.65 27.65
C LEU C 267 -32.70 -9.50 26.73
N LEU C 268 -33.63 -8.66 27.18
CA LEU C 268 -34.10 -7.55 26.35
C LEU C 268 -32.96 -6.56 26.09
N ILE C 269 -32.13 -6.30 27.09
CA ILE C 269 -31.03 -5.35 26.95
C ILE C 269 -29.96 -5.91 26.01
N ASN C 270 -29.71 -7.22 26.05
CA ASN C 270 -28.78 -7.81 25.10
C ASN C 270 -29.33 -7.71 23.68
N GLY C 271 -30.63 -7.93 23.52
CA GLY C 271 -31.25 -7.73 22.22
C GLY C 271 -31.11 -6.30 21.73
N ALA C 272 -31.32 -5.34 22.61
CA ALA C 272 -31.16 -3.93 22.23
C ALA C 272 -29.72 -3.62 21.85
N CYS C 273 -28.77 -4.16 22.60
CA CYS C 273 -27.36 -3.95 22.28
C CYS C 273 -27.02 -4.54 20.91
N THR C 274 -27.54 -5.73 20.62
CA THR C 274 -27.34 -6.33 19.31
C THR C 274 -27.94 -5.47 18.21
N PHE C 275 -29.14 -4.93 18.46
CA PHE C 275 -29.78 -4.08 17.47
C PHE C 275 -28.95 -2.82 17.22
N VAL C 276 -28.39 -2.24 18.27
CA VAL C 276 -27.53 -1.07 18.10
C VAL C 276 -26.29 -1.44 17.29
N TRP C 277 -25.69 -2.58 17.62
CA TRP C 277 -24.50 -3.05 16.94
C TRP C 277 -24.74 -3.21 15.45
N ASN C 278 -25.93 -3.68 15.08
CA ASN C 278 -26.26 -3.81 13.66
C ASN C 278 -26.73 -2.49 13.06
N TYR C 279 -27.29 -1.60 13.90
CA TYR C 279 -27.88 -0.37 13.39
C TYR C 279 -26.83 0.65 13.04
N MET C 280 -25.63 0.57 13.63
CA MET C 280 -24.56 1.46 13.13
C MET C 280 -24.37 1.26 11.64
N ASP C 281 -24.16 0.00 11.22
CA ASP C 281 -23.99 -0.31 9.82
C ASP C 281 -25.25 -0.01 9.03
N LEU C 282 -26.42 -0.32 9.60
CA LEU C 282 -27.67 -0.06 8.88
C LEU C 282 -27.83 1.43 8.58
N PHE C 283 -27.56 2.28 9.57
CA PHE C 283 -27.69 3.72 9.38
C PHE C 283 -26.70 4.23 8.34
N ILE C 284 -25.45 3.76 8.40
CA ILE C 284 -24.50 4.13 7.36
C ILE C 284 -25.04 3.75 6.00
N MET C 285 -25.64 2.56 5.89
CA MET C 285 -26.17 2.08 4.62
C MET C 285 -27.29 2.98 4.12
N MET C 286 -28.24 3.34 4.99
CA MET C 286 -29.35 4.20 4.55
C MET C 286 -28.85 5.56 4.11
N ILE C 287 -27.89 6.12 4.83
CA ILE C 287 -27.36 7.43 4.43
C ILE C 287 -26.66 7.33 3.07
N SER C 288 -25.90 6.25 2.86
CA SER C 288 -25.24 6.05 1.58
C SER C 288 -26.26 5.91 0.45
N LYS C 289 -27.36 5.19 0.71
CA LYS C 289 -28.42 5.09 -0.29
C LYS C 289 -28.99 6.46 -0.60
N GLY C 290 -29.25 7.26 0.44
CA GLY C 290 -29.82 8.58 0.23
C GLY C 290 -28.94 9.45 -0.65
N LEU C 291 -27.62 9.38 -0.45
CA LEU C 291 -26.72 10.23 -1.23
C LEU C 291 -26.55 9.70 -2.66
N SER C 292 -26.31 8.39 -2.79
CA SER C 292 -26.13 7.80 -4.11
C SER C 292 -27.39 7.88 -4.94
N TYR C 293 -28.56 8.00 -4.31
CA TYR C 293 -29.80 8.17 -5.06
C TYR C 293 -29.78 9.47 -5.86
N ARG C 294 -29.41 10.57 -5.22
CA ARG C 294 -29.35 11.85 -5.92
C ARG C 294 -28.21 11.87 -6.93
N PHE C 295 -27.07 11.26 -6.58
CA PHE C 295 -25.99 11.19 -7.55
C PHE C 295 -26.40 10.39 -8.78
N GLU C 296 -27.16 9.31 -8.58
CA GLU C 296 -27.67 8.53 -9.70
C GLU C 296 -28.67 9.32 -10.53
N GLN C 297 -29.50 10.13 -9.87
CA GLN C 297 -30.41 10.98 -10.63
C GLN C 297 -29.63 11.95 -11.51
N ILE C 298 -28.56 12.54 -10.97
CA ILE C 298 -27.72 13.43 -11.78
C ILE C 298 -27.12 12.67 -12.95
N THR C 299 -26.62 11.46 -12.70
CA THR C 299 -26.04 10.67 -13.78
C THR C 299 -27.06 10.36 -14.86
N THR C 300 -28.29 10.04 -14.46
CA THR C 300 -29.34 9.75 -15.44
C THR C 300 -29.69 10.99 -16.25
N ARG C 301 -29.77 12.14 -15.59
CA ARG C 301 -30.04 13.38 -16.32
C ARG C 301 -28.95 13.66 -17.34
N ILE C 302 -27.69 13.44 -16.95
CA ILE C 302 -26.58 13.65 -17.89
C ILE C 302 -26.69 12.66 -19.04
N ARG C 303 -27.02 11.41 -18.74
CA ARG C 303 -27.19 10.40 -19.80
C ARG C 303 -28.26 10.82 -20.79
N LYS C 304 -29.30 11.48 -20.31
CA LYS C 304 -30.35 11.95 -21.21
C LYS C 304 -29.83 12.93 -22.25
N LEU C 305 -28.67 13.55 -22.02
CA LEU C 305 -28.05 14.46 -22.97
C LEU C 305 -27.05 13.74 -23.89
N GLU C 306 -27.20 12.44 -24.05
CA GLU C 306 -26.18 11.64 -24.72
C GLU C 306 -25.93 12.12 -26.14
N HIS C 307 -27.00 12.25 -26.94
CA HIS C 307 -26.85 12.56 -28.36
C HIS C 307 -27.59 13.83 -28.73
N GLU C 308 -27.49 14.86 -27.88
CA GLU C 308 -28.15 16.12 -28.12
C GLU C 308 -27.15 17.26 -27.97
N GLU C 309 -27.37 18.32 -28.73
CA GLU C 309 -26.62 19.56 -28.55
C GLU C 309 -27.19 20.26 -27.31
N VAL C 310 -26.32 20.55 -26.36
CA VAL C 310 -26.73 21.02 -25.04
C VAL C 310 -26.31 22.47 -24.88
N CYS C 311 -27.26 23.33 -24.50
CA CYS C 311 -26.96 24.72 -24.25
C CYS C 311 -26.16 24.87 -22.96
N GLU C 312 -25.49 26.02 -22.83
CA GLU C 312 -24.66 26.26 -21.65
C GLU C 312 -25.47 26.27 -20.37
N SER C 313 -26.74 26.69 -20.44
CA SER C 313 -27.56 26.78 -19.23
C SER C 313 -27.80 25.39 -18.63
N VAL C 314 -28.01 24.39 -19.48
CA VAL C 314 -28.22 23.03 -18.97
C VAL C 314 -27.00 22.56 -18.20
N PHE C 315 -25.81 22.79 -18.76
CA PHE C 315 -24.59 22.40 -18.05
C PHE C 315 -24.40 23.22 -16.79
N ILE C 316 -24.79 24.49 -16.81
CA ILE C 316 -24.71 25.30 -15.60
C ILE C 316 -25.55 24.69 -14.49
N GLN C 317 -26.80 24.33 -14.81
CA GLN C 317 -27.67 23.74 -13.80
C GLN C 317 -27.15 22.39 -13.33
N ILE C 318 -26.63 21.57 -14.25
CA ILE C 318 -26.12 20.26 -13.88
C ILE C 318 -24.93 20.43 -12.93
N ARG C 319 -24.01 21.33 -13.28
CA ARG C 319 -22.84 21.54 -12.43
C ARG C 319 -23.23 22.10 -11.07
N GLU C 320 -24.20 23.01 -11.04
CA GLU C 320 -24.65 23.56 -9.76
C GLU C 320 -25.28 22.49 -8.89
N HIS C 321 -26.12 21.63 -9.48
CA HIS C 321 -26.72 20.55 -8.71
C HIS C 321 -25.66 19.56 -8.22
N TYR C 322 -24.68 19.25 -9.06
CA TYR C 322 -23.60 18.35 -8.64
C TYR C 322 -22.81 18.97 -7.50
N VAL C 323 -22.53 20.27 -7.57
CA VAL C 323 -21.78 20.94 -6.51
C VAL C 323 -22.59 20.95 -5.21
N LYS C 324 -23.91 21.17 -5.31
CA LYS C 324 -24.75 21.13 -4.13
C LYS C 324 -24.77 19.73 -3.53
N MET C 325 -24.82 18.70 -4.38
CA MET C 325 -24.77 17.33 -3.89
C MET C 325 -23.45 17.03 -3.20
N CYS C 326 -22.34 17.55 -3.75
CA CYS C 326 -21.05 17.35 -3.12
C CYS C 326 -20.94 18.10 -1.80
N GLU C 327 -21.54 19.29 -1.71
CA GLU C 327 -21.58 20.01 -0.45
C GLU C 327 -22.37 19.22 0.59
N LEU C 328 -23.52 18.66 0.17
CA LEU C 328 -24.30 17.83 1.08
C LEU C 328 -23.51 16.61 1.52
N LEU C 329 -22.77 15.99 0.61
CA LEU C 329 -21.93 14.86 0.97
C LEU C 329 -20.87 15.26 1.97
N GLU C 330 -20.24 16.42 1.77
CA GLU C 330 -19.24 16.89 2.72
C GLU C 330 -19.85 17.11 4.10
N PHE C 331 -21.02 17.74 4.15
CA PHE C 331 -21.66 18.01 5.44
C PHE C 331 -22.04 16.70 6.13
N VAL C 332 -22.63 15.77 5.38
CA VAL C 332 -23.05 14.50 5.97
C VAL C 332 -21.83 13.70 6.41
N ASP C 333 -20.75 13.75 5.64
CA ASP C 333 -19.52 13.06 6.02
C ASP C 333 -18.94 13.63 7.30
N SER C 334 -18.94 14.96 7.43
CA SER C 334 -18.48 15.56 8.68
C SER C 334 -19.35 15.11 9.84
N ALA C 335 -20.66 15.05 9.62
CA ALA C 335 -21.56 14.63 10.70
C ALA C 335 -21.35 13.16 11.07
N MET C 336 -21.09 12.30 10.09
CA MET C 336 -21.11 10.86 10.26
C MET C 336 -19.72 10.22 10.30
N SER C 337 -18.66 11.02 10.34
CA SER C 337 -17.32 10.46 10.33
C SER C 337 -17.07 9.61 11.57
N SER C 338 -17.54 10.06 12.73
CA SER C 338 -17.34 9.28 13.95
C SER C 338 -18.05 7.94 13.86
N LEU C 339 -19.29 7.93 13.37
CA LEU C 339 -20.01 6.66 13.22
C LEU C 339 -19.32 5.76 12.22
N ILE C 340 -18.85 6.33 11.11
CA ILE C 340 -18.16 5.51 10.10
C ILE C 340 -16.90 4.89 10.68
N LEU C 341 -16.12 5.69 11.42
CA LEU C 341 -14.89 5.17 12.02
C LEU C 341 -15.19 4.06 13.02
N LEU C 342 -16.18 4.29 13.89
CA LEU C 342 -16.52 3.28 14.89
C LEU C 342 -17.01 2.00 14.23
N SER C 343 -17.89 2.13 13.23
CA SER C 343 -18.40 0.96 12.54
C SER C 343 -17.28 0.21 11.84
N CYS C 344 -16.37 0.93 11.19
CA CYS C 344 -15.28 0.27 10.47
C CYS C 344 -14.38 -0.50 11.43
N VAL C 345 -13.99 0.15 12.54
CA VAL C 345 -13.08 -0.52 13.47
C VAL C 345 -13.77 -1.72 14.11
N ASN C 346 -15.05 -1.56 14.49
CA ASN C 346 -15.77 -2.68 15.11
C ASN C 346 -15.94 -3.83 14.13
N ASN C 347 -16.30 -3.53 12.88
CA ASN C 347 -16.45 -4.58 11.88
C ASN C 347 -15.14 -5.29 11.63
N LEU C 348 -14.03 -4.54 11.52
CA LEU C 348 -12.74 -5.17 11.30
C LEU C 348 -12.38 -6.10 12.44
N TYR C 349 -12.53 -5.61 13.68
CA TYR C 349 -12.18 -6.43 14.83
C TYR C 349 -13.02 -7.70 14.88
N PHE C 350 -14.34 -7.58 14.71
CA PHE C 350 -15.20 -8.75 14.84
C PHE C 350 -14.99 -9.72 13.68
N VAL C 351 -14.77 -9.20 12.46
CA VAL C 351 -14.52 -10.08 11.33
C VAL C 351 -13.23 -10.85 11.54
N CYS C 352 -12.17 -10.18 11.99
CA CYS C 352 -10.91 -10.86 12.24
C CYS C 352 -11.07 -11.90 13.35
N TYR C 353 -11.78 -11.54 14.43
CA TYR C 353 -11.95 -12.46 15.54
C TYR C 353 -12.73 -13.71 15.12
N GLN C 354 -13.80 -13.51 14.34
CA GLN C 354 -14.58 -14.67 13.90
C GLN C 354 -13.80 -15.50 12.89
N LEU C 355 -13.05 -14.85 12.00
CA LEU C 355 -12.24 -15.59 11.03
C LEU C 355 -11.15 -16.40 11.72
N LEU C 356 -10.64 -15.91 12.84
CA LEU C 356 -9.64 -16.66 13.59
C LEU C 356 -10.22 -17.93 14.20
N ASN C 357 -11.54 -18.07 14.25
CA ASN C 357 -12.19 -19.23 14.83
C ASN C 357 -12.81 -20.15 13.78
N VAL C 358 -12.48 -19.96 12.51
CA VAL C 358 -13.08 -20.78 11.45
C VAL C 358 -12.64 -22.23 11.60
N PHE C 359 -11.38 -22.46 11.97
CA PHE C 359 -10.85 -23.81 12.09
C PHE C 359 -11.09 -24.43 13.46
N ASN C 360 -11.64 -23.68 14.41
CA ASN C 360 -11.96 -24.25 15.70
C ASN C 360 -13.05 -25.30 15.57
N LYS C 361 -13.07 -26.23 16.52
CA LYS C 361 -14.03 -27.33 16.52
C LYS C 361 -15.12 -27.05 17.55
N LEU C 362 -16.37 -27.10 17.11
CA LEU C 362 -17.52 -26.89 17.96
C LEU C 362 -18.24 -28.21 18.18
N ARG C 363 -19.00 -28.27 19.28
CA ARG C 363 -19.61 -29.53 19.68
C ARG C 363 -20.75 -29.92 18.73
N TRP C 364 -21.76 -29.07 18.61
CA TRP C 364 -23.00 -29.47 17.96
C TRP C 364 -23.10 -28.87 16.56
N PRO C 365 -23.88 -29.49 15.67
CA PRO C 365 -24.10 -28.87 14.36
C PRO C 365 -24.74 -27.49 14.46
N ILE C 366 -25.59 -27.26 15.47
CA ILE C 366 -26.18 -25.94 15.64
C ILE C 366 -25.10 -24.91 15.97
N ASN C 367 -24.07 -25.32 16.71
CA ASN C 367 -22.97 -24.41 16.99
C ASN C 367 -22.26 -23.99 15.70
N TYR C 368 -21.99 -24.95 14.81
CA TYR C 368 -21.40 -24.61 13.52
C TYR C 368 -22.33 -23.71 12.71
N ILE C 369 -23.62 -24.03 12.73
CA ILE C 369 -24.58 -23.22 11.96
C ILE C 369 -24.56 -21.78 12.46
N TYR C 370 -24.61 -21.60 13.78
CA TYR C 370 -24.58 -20.25 14.33
C TYR C 370 -23.28 -19.54 13.99
N PHE C 371 -22.14 -20.21 14.18
CA PHE C 371 -20.86 -19.57 13.93
C PHE C 371 -20.75 -19.13 12.48
N TRP C 372 -21.12 -20.01 11.55
CA TRP C 372 -20.94 -19.68 10.14
C TRP C 372 -21.97 -18.67 9.67
N TYR C 373 -23.21 -18.73 10.19
CA TYR C 373 -24.18 -17.70 9.88
C TYR C 373 -23.69 -16.35 10.37
N SER C 374 -23.17 -16.30 11.60
CA SER C 374 -22.68 -15.03 12.13
C SER C 374 -21.50 -14.51 11.33
N LEU C 375 -20.55 -15.38 10.98
CA LEU C 375 -19.39 -14.95 10.22
C LEU C 375 -19.79 -14.45 8.83
N LEU C 376 -20.61 -15.21 8.13
CA LEU C 376 -21.03 -14.81 6.79
C LEU C 376 -21.87 -13.54 6.84
N TYR C 377 -22.78 -13.43 7.82
CA TYR C 377 -23.57 -12.22 7.95
C TYR C 377 -22.71 -11.01 8.25
N LEU C 378 -21.71 -11.18 9.13
CA LEU C 378 -20.85 -10.05 9.48
C LEU C 378 -20.02 -9.61 8.29
N ILE C 379 -19.44 -10.58 7.57
CA ILE C 379 -18.65 -10.24 6.39
C ILE C 379 -19.53 -9.59 5.32
N GLY C 380 -20.73 -10.14 5.12
CA GLY C 380 -21.63 -9.56 4.14
C GLY C 380 -22.11 -8.18 4.52
N ARG C 381 -22.36 -7.96 5.80
CA ARG C 381 -22.77 -6.63 6.26
C ARG C 381 -21.65 -5.62 6.07
N THR C 382 -20.42 -5.99 6.42
CA THR C 382 -19.30 -5.09 6.18
C THR C 382 -19.15 -4.79 4.70
N ALA C 383 -19.19 -5.83 3.87
CA ALA C 383 -19.03 -5.65 2.43
C ALA C 383 -20.15 -4.81 1.86
N PHE C 384 -21.39 -5.04 2.31
CA PHE C 384 -22.53 -4.29 1.81
C PHE C 384 -22.50 -2.83 2.23
N VAL C 385 -22.10 -2.55 3.48
CA VAL C 385 -21.96 -1.16 3.91
C VAL C 385 -20.90 -0.47 3.08
N PHE C 386 -19.74 -1.12 2.92
CA PHE C 386 -18.67 -0.52 2.12
C PHE C 386 -19.11 -0.31 0.67
N LEU C 387 -19.83 -1.27 0.10
CA LEU C 387 -20.24 -1.17 -1.30
C LEU C 387 -21.31 -0.11 -1.48
N THR C 388 -22.25 -0.01 -0.54
CA THR C 388 -23.26 1.03 -0.61
C THR C 388 -22.63 2.42 -0.48
N ALA C 389 -21.65 2.56 0.42
CA ALA C 389 -20.96 3.83 0.55
C ALA C 389 -20.15 4.15 -0.70
N ALA C 390 -19.50 3.14 -1.28
CA ALA C 390 -18.70 3.34 -2.48
C ALA C 390 -19.56 3.56 -3.71
N ASP C 391 -20.84 3.18 -3.66
CA ASP C 391 -21.73 3.46 -4.77
C ASP C 391 -21.87 4.96 -5.00
N ILE C 392 -21.71 5.76 -3.94
CA ILE C 392 -21.70 7.21 -4.12
C ILE C 392 -20.56 7.62 -5.04
N ASN C 393 -19.35 7.12 -4.77
CA ASN C 393 -18.19 7.44 -5.60
C ASN C 393 -18.37 6.91 -7.01
N GLU C 394 -18.86 5.68 -7.14
CA GLU C 394 -19.06 5.10 -8.46
C GLU C 394 -20.07 5.90 -9.27
N GLU C 395 -21.17 6.32 -8.63
CA GLU C 395 -22.18 7.11 -9.32
C GLU C 395 -21.64 8.48 -9.70
N SER C 396 -20.85 9.09 -8.81
CA SER C 396 -20.24 10.37 -9.14
C SER C 396 -19.34 10.26 -10.36
N LYS C 397 -18.58 9.16 -10.46
CA LYS C 397 -17.69 8.96 -11.59
C LYS C 397 -18.43 8.47 -12.84
N ARG C 398 -19.65 7.96 -12.69
CA ARG C 398 -20.36 7.40 -13.85
C ARG C 398 -20.74 8.47 -14.86
N GLY C 399 -20.94 9.71 -14.42
CA GLY C 399 -21.28 10.77 -15.35
C GLY C 399 -20.11 11.25 -16.20
N LEU C 400 -18.89 10.90 -15.80
CA LEU C 400 -17.72 11.34 -16.55
C LEU C 400 -17.72 10.75 -17.95
N GLY C 401 -18.09 9.47 -18.08
CA GLY C 401 -18.11 8.85 -19.39
C GLY C 401 -19.06 9.54 -20.35
N VAL C 402 -20.23 9.94 -19.85
CA VAL C 402 -21.20 10.64 -20.71
C VAL C 402 -20.72 12.06 -21.00
N LEU C 403 -20.11 12.72 -20.01
CA LEU C 403 -19.63 14.08 -20.24
C LEU C 403 -18.48 14.09 -21.25
N ARG C 404 -17.70 13.02 -21.32
CA ARG C 404 -16.62 12.94 -22.29
C ARG C 404 -17.14 12.82 -23.70
N ARG C 405 -18.41 12.48 -23.88
CA ARG C 405 -19.02 12.36 -25.20
C ARG C 405 -19.63 13.67 -25.69
N VAL C 406 -19.55 14.74 -24.90
CA VAL C 406 -20.12 16.01 -25.32
C VAL C 406 -19.47 16.46 -26.62
N SER C 407 -20.28 16.97 -27.53
CA SER C 407 -19.79 17.35 -28.85
C SER C 407 -18.89 18.58 -28.76
N SER C 408 -18.10 18.78 -29.81
CA SER C 408 -17.23 19.96 -29.86
C SER C 408 -18.05 21.24 -29.88
N ARG C 409 -19.23 21.21 -30.49
CA ARG C 409 -20.09 22.40 -30.52
C ARG C 409 -20.68 22.70 -29.15
N SER C 410 -21.09 21.67 -28.42
CA SER C 410 -21.69 21.85 -27.10
C SER C 410 -20.66 22.07 -26.00
N TRP C 411 -19.39 21.77 -26.26
CA TRP C 411 -18.36 21.93 -25.24
C TRP C 411 -18.21 23.39 -24.85
N CYS C 412 -18.14 23.64 -23.55
CA CYS C 412 -17.99 25.00 -23.03
C CYS C 412 -17.20 24.94 -21.73
N VAL C 413 -17.01 26.10 -21.12
CA VAL C 413 -16.25 26.17 -19.87
C VAL C 413 -16.97 25.42 -18.76
N GLU C 414 -18.30 25.40 -18.79
CA GLU C 414 -19.04 24.71 -17.73
C GLU C 414 -18.81 23.21 -17.77
N VAL C 415 -18.81 22.62 -18.96
CA VAL C 415 -18.55 21.19 -19.07
C VAL C 415 -17.12 20.89 -18.62
N GLU C 416 -16.18 21.74 -18.97
CA GLU C 416 -14.80 21.54 -18.54
C GLU C 416 -14.68 21.60 -17.03
N ARG C 417 -15.34 22.58 -16.40
CA ARG C 417 -15.34 22.68 -14.94
C ARG C 417 -15.93 21.43 -14.31
N LEU C 418 -17.09 20.99 -14.79
CA LEU C 418 -17.74 19.82 -14.22
C LEU C 418 -16.89 18.57 -14.39
N ILE C 419 -16.30 18.39 -15.57
CA ILE C 419 -15.47 17.22 -15.81
C ILE C 419 -14.25 17.24 -14.91
N PHE C 420 -13.63 18.42 -14.73
CA PHE C 420 -12.49 18.51 -13.84
C PHE C 420 -12.87 18.15 -12.42
N GLN C 421 -14.02 18.63 -11.95
CA GLN C 421 -14.45 18.33 -10.59
C GLN C 421 -14.73 16.84 -10.42
N MET C 422 -15.47 16.24 -11.35
CA MET C 422 -15.73 14.81 -11.26
C MET C 422 -14.44 14.01 -11.30
N THR C 423 -13.50 14.42 -12.14
CA THR C 423 -12.27 13.65 -12.32
C THR C 423 -11.37 13.73 -11.08
N THR C 424 -11.17 14.93 -10.55
CA THR C 424 -10.15 15.12 -9.53
C THR C 424 -10.68 15.08 -8.10
N GLN C 425 -11.97 15.28 -7.90
CA GLN C 425 -12.54 15.25 -6.56
C GLN C 425 -12.94 13.83 -6.18
N THR C 426 -12.67 13.48 -4.92
CA THR C 426 -13.08 12.18 -4.38
C THR C 426 -14.44 12.37 -3.72
N VAL C 427 -15.49 11.95 -4.42
CA VAL C 427 -16.86 12.08 -3.92
C VAL C 427 -17.20 10.78 -3.21
N ALA C 428 -16.94 10.74 -1.91
CA ALA C 428 -17.17 9.54 -1.13
C ALA C 428 -17.25 9.89 0.34
N LEU C 429 -17.97 9.05 1.09
CA LEU C 429 -17.94 9.11 2.54
C LEU C 429 -16.56 8.69 3.04
N SER C 430 -16.15 9.24 4.17
CA SER C 430 -14.81 9.02 4.70
C SER C 430 -14.87 8.80 6.20
N GLY C 431 -13.88 8.07 6.70
CA GLY C 431 -13.71 7.90 8.13
C GLY C 431 -12.82 8.97 8.72
N LYS C 432 -13.37 10.18 8.87
CA LYS C 432 -12.60 11.34 9.34
C LYS C 432 -11.45 11.68 8.41
N LYS C 433 -11.63 11.42 7.12
CA LYS C 433 -10.65 11.68 6.07
C LYS C 433 -9.38 10.84 6.23
N PHE C 434 -9.37 9.87 7.15
CA PHE C 434 -8.25 8.94 7.22
C PHE C 434 -8.30 7.96 6.06
N TYR C 435 -9.49 7.62 5.60
CA TYR C 435 -9.70 6.76 4.45
C TYR C 435 -11.06 7.12 3.85
N PHE C 436 -11.25 6.72 2.60
CA PHE C 436 -12.48 7.01 1.88
C PHE C 436 -13.16 5.72 1.49
N LEU C 437 -14.48 5.66 1.69
CA LEU C 437 -15.24 4.45 1.42
C LEU C 437 -15.40 4.26 -0.09
N THR C 438 -14.49 3.49 -0.68
CA THR C 438 -14.50 3.19 -2.11
C THR C 438 -14.30 1.70 -2.30
N ARG C 439 -14.48 1.25 -3.55
CA ARG C 439 -14.23 -0.16 -3.85
C ARG C 439 -12.77 -0.51 -3.62
N ARG C 440 -11.86 0.41 -3.94
CA ARG C 440 -10.45 0.18 -3.67
C ARG C 440 -10.22 0.02 -2.17
N LEU C 441 -10.91 0.81 -1.35
CA LEU C 441 -10.77 0.66 0.10
C LEU C 441 -11.27 -0.69 0.57
N LEU C 442 -12.38 -1.18 0.00
CA LEU C 442 -12.87 -2.49 0.39
C LEU C 442 -11.89 -3.58 -0.02
N PHE C 443 -11.29 -3.46 -1.20
CA PHE C 443 -10.26 -4.43 -1.61
C PHE C 443 -9.07 -4.39 -0.66
N GLY C 444 -8.63 -3.19 -0.29
CA GLY C 444 -7.52 -3.07 0.64
C GLY C 444 -7.86 -3.62 2.02
N MET C 445 -9.10 -3.43 2.45
CA MET C 445 -9.55 -3.99 3.73
C MET C 445 -9.54 -5.50 3.68
N ALA C 446 -9.99 -6.08 2.56
CA ALA C 446 -9.93 -7.54 2.43
C ALA C 446 -8.49 -8.04 2.47
N GLY C 447 -7.59 -7.34 1.78
CA GLY C 447 -6.19 -7.75 1.81
C GLY C 447 -5.59 -7.63 3.21
N THR C 448 -5.91 -6.54 3.91
CA THR C 448 -5.43 -6.36 5.27
C THR C 448 -5.97 -7.44 6.20
N ILE C 449 -7.24 -7.79 6.03
CA ILE C 449 -7.83 -8.86 6.84
C ILE C 449 -7.13 -10.18 6.56
N VAL C 450 -6.84 -10.46 5.30
CA VAL C 450 -6.14 -11.69 4.96
C VAL C 450 -4.76 -11.71 5.62
N THR C 451 -4.03 -10.59 5.54
CA THR C 451 -2.70 -10.54 6.16
C THR C 451 -2.79 -10.73 7.67
N TYR C 452 -3.73 -10.04 8.31
CA TYR C 452 -3.90 -10.17 9.75
C TYR C 452 -4.25 -11.60 10.14
N GLU C 453 -5.14 -12.24 9.37
CA GLU C 453 -5.52 -13.63 9.67
C GLU C 453 -4.33 -14.56 9.50
N LEU C 454 -3.54 -14.36 8.45
CA LEU C 454 -2.36 -15.19 8.25
C LEU C 454 -1.39 -15.05 9.40
N VAL C 455 -1.17 -13.82 9.87
CA VAL C 455 -0.22 -13.62 10.97
C VAL C 455 -0.80 -14.12 12.29
N LEU C 456 -2.13 -14.07 12.45
CA LEU C 456 -2.74 -14.35 13.73
C LEU C 456 -3.07 -15.82 13.92
N LEU C 457 -3.25 -16.57 12.83
CA LEU C 457 -3.55 -17.99 12.96
C LEU C 457 -2.44 -18.75 13.65
N GLN C 458 -1.22 -18.18 13.70
CA GLN C 458 -0.14 -18.76 14.48
C GLN C 458 -0.35 -18.54 15.97
N PHE C 459 -0.96 -17.42 16.35
CA PHE C 459 -1.18 -17.14 17.77
C PHE C 459 -2.08 -18.19 18.40
N ASP C 460 -3.15 -18.56 17.72
CA ASP C 460 -4.17 -19.46 18.27
C ASP C 460 -3.96 -20.91 17.85
N GLU C 461 -2.86 -21.24 17.19
CA GLU C 461 -2.59 -22.63 16.83
C GLU C 461 -2.60 -23.54 18.05
N PRO C 462 -1.94 -23.22 19.16
CA PRO C 462 -2.09 -24.06 20.36
C PRO C 462 -3.54 -24.22 20.78
N ASN C 463 -4.31 -23.13 20.76
CA ASN C 463 -5.72 -23.21 21.12
C ASN C 463 -6.48 -24.10 20.16
N ARG C 464 -6.17 -24.00 18.86
CA ARG C 464 -6.85 -24.84 17.87
C ARG C 464 -6.54 -26.31 18.12
N ARG C 465 -5.30 -26.64 18.46
CA ARG C 465 -4.95 -28.03 18.73
C ARG C 465 -5.41 -28.49 20.11
N LYS C 466 -5.85 -27.59 20.99
CA LYS C 466 -6.45 -28.02 22.25
C LYS C 466 -7.67 -28.89 21.98
N GLY C 467 -8.51 -28.49 21.04
CA GLY C 467 -9.68 -29.27 20.69
C GLY C 467 -10.84 -29.04 21.65
N LEU C 468 -11.92 -29.77 21.39
CA LEU C 468 -13.12 -29.66 22.20
C LEU C 468 -12.86 -30.20 23.61
N GLN C 469 -13.38 -29.49 24.61
CA GLN C 469 -13.28 -29.94 25.98
C GLN C 469 -14.27 -31.08 26.22
N PRO C 470 -14.05 -31.89 27.24
CA PRO C 470 -15.02 -32.94 27.57
C PRO C 470 -16.39 -32.34 27.88
N LEU C 471 -17.44 -33.02 27.42
CA LEU C 471 -18.80 -32.52 27.65
C LEU C 471 -19.12 -32.50 29.15
N CYS C 472 -18.73 -33.55 29.87
CA CYS C 472 -19.04 -33.62 31.30
C CYS C 472 -18.36 -32.50 32.07
N ALA C 473 -17.09 -32.24 31.76
CA ALA C 473 -16.33 -31.20 32.46
C ALA C 473 -16.91 -29.83 32.18
N LEU D 67 8.91 50.01 8.61
CA LEU D 67 8.84 48.59 8.92
C LEU D 67 7.65 48.30 9.85
N PRO D 68 7.05 47.13 9.72
CA PRO D 68 5.87 46.81 10.54
C PRO D 68 6.24 46.71 12.02
N ASN D 69 5.25 47.03 12.86
CA ASN D 69 5.43 47.00 14.31
C ASN D 69 5.24 45.56 14.78
N TYR D 70 6.36 44.84 14.95
CA TYR D 70 6.32 43.44 15.33
C TYR D 70 5.85 43.22 16.78
N THR D 71 5.80 44.28 17.59
CA THR D 71 5.52 44.10 19.01
C THR D 71 4.14 43.53 19.25
N ASN D 72 3.13 44.02 18.53
CA ASN D 72 1.75 43.63 18.76
C ASN D 72 1.16 42.78 17.63
N LEU D 73 1.85 42.64 16.51
CA LEU D 73 1.31 41.90 15.38
C LEU D 73 1.16 40.42 15.73
N ASP D 74 0.16 39.79 15.11
CA ASP D 74 -0.13 38.38 15.35
C ASP D 74 0.71 37.55 14.39
N LEU D 75 1.99 37.44 14.72
CA LEU D 75 2.98 36.77 13.87
C LEU D 75 3.39 35.44 14.50
N PHE D 76 3.91 34.56 13.65
CA PHE D 76 4.37 33.25 14.11
C PHE D 76 5.52 33.37 15.10
N HIS D 77 6.49 34.25 14.79
CA HIS D 77 7.66 34.37 15.65
C HIS D 77 7.26 34.81 17.05
N ARG D 78 6.36 35.80 17.15
CA ARG D 78 5.86 36.20 18.45
C ARG D 78 5.15 35.06 19.15
N ALA D 79 4.46 34.20 18.39
CA ALA D 79 3.73 33.10 18.98
C ALA D 79 4.67 32.05 19.56
N VAL D 80 5.79 31.78 18.88
CA VAL D 80 6.61 30.62 19.22
C VAL D 80 7.86 30.96 20.02
N PHE D 81 8.32 32.21 20.02
CA PHE D 81 9.60 32.51 20.64
C PHE D 81 9.64 32.20 22.14
N PRO D 82 8.54 32.30 22.91
CA PRO D 82 8.64 31.89 24.31
C PRO D 82 9.04 30.43 24.47
N PHE D 83 8.45 29.54 23.67
CA PHE D 83 8.77 28.13 23.76
C PHE D 83 10.11 27.81 23.10
N MET D 84 10.49 28.56 22.07
CA MET D 84 11.84 28.42 21.54
C MET D 84 12.88 28.78 22.59
N PHE D 85 12.61 29.84 23.38
CA PHE D 85 13.53 30.20 24.46
C PHE D 85 13.52 29.15 25.57
N LEU D 86 12.34 28.60 25.88
CA LEU D 86 12.29 27.51 26.86
C LEU D 86 13.15 26.33 26.41
N ALA D 87 13.08 25.99 25.12
CA ALA D 87 13.94 24.94 24.58
C ALA D 87 15.41 25.36 24.64
N GLN D 88 15.69 26.63 24.39
CA GLN D 88 17.06 27.13 24.51
C GLN D 88 17.59 26.93 25.93
N CYS D 89 16.72 27.05 26.93
CA CYS D 89 17.15 26.87 28.31
C CYS D 89 17.79 25.50 28.49
N VAL D 90 17.29 24.48 27.80
CA VAL D 90 17.94 23.17 27.77
C VAL D 90 18.83 23.01 26.54
N ALA D 91 19.11 24.11 25.84
CA ALA D 91 20.12 24.14 24.77
C ALA D 91 19.71 23.24 23.60
N ILE D 92 18.53 23.52 23.05
CA ILE D 92 17.99 22.73 21.95
C ILE D 92 18.40 23.37 20.62
N MET D 93 17.99 24.61 20.41
CA MET D 93 18.17 25.31 19.13
C MET D 93 18.96 26.59 19.40
N PRO D 94 20.29 26.55 19.29
CA PRO D 94 21.12 27.68 19.76
C PRO D 94 21.10 28.89 18.83
N LEU D 95 20.10 29.75 19.00
CA LEU D 95 19.99 30.99 18.24
C LEU D 95 20.21 32.18 19.15
N VAL D 96 20.68 33.28 18.57
CA VAL D 96 20.94 34.51 19.32
C VAL D 96 19.82 35.50 19.04
N GLY D 97 19.32 36.12 20.11
CA GLY D 97 18.24 37.10 19.97
C GLY D 97 16.92 36.49 19.54
N ILE D 98 16.59 35.30 20.05
CA ILE D 98 15.32 34.68 19.73
C ILE D 98 14.15 35.44 20.37
N ARG D 99 14.39 36.14 21.47
CA ARG D 99 13.36 36.92 22.14
C ARG D 99 13.11 38.27 21.49
N GLU D 100 13.96 38.68 20.55
CA GLU D 100 13.79 39.99 19.93
C GLU D 100 12.47 40.06 19.19
N SER D 101 11.77 41.19 19.35
CA SER D 101 10.49 41.37 18.68
C SER D 101 10.66 41.37 17.17
N ASN D 102 11.75 41.96 16.67
CA ASN D 102 12.03 41.95 15.25
C ASN D 102 12.67 40.62 14.87
N PRO D 103 12.03 39.80 14.02
CA PRO D 103 12.67 38.54 13.63
C PRO D 103 13.94 38.73 12.82
N ARG D 104 14.15 39.91 12.23
CA ARG D 104 15.39 40.17 11.51
C ARG D 104 16.61 40.16 12.42
N ARG D 105 16.43 40.33 13.72
CA ARG D 105 17.53 40.32 14.68
C ARG D 105 17.88 38.92 15.15
N VAL D 106 17.16 37.90 14.69
CA VAL D 106 17.49 36.51 15.02
C VAL D 106 18.65 36.08 14.13
N ARG D 107 19.72 35.59 14.76
CA ARG D 107 20.91 35.16 14.03
C ARG D 107 21.45 33.90 14.68
N PHE D 108 22.25 33.15 13.90
CA PHE D 108 22.91 31.95 14.37
C PHE D 108 24.41 32.22 14.46
N ALA D 109 24.99 32.04 15.64
CA ALA D 109 26.39 32.28 15.88
C ALA D 109 26.98 31.10 16.65
N TYR D 110 28.04 30.49 16.10
CA TYR D 110 28.72 29.41 16.81
C TYR D 110 29.32 29.90 18.11
N LYS D 111 29.94 31.08 18.10
CA LYS D 111 30.48 31.67 19.32
C LYS D 111 29.39 32.51 19.97
N SER D 112 28.58 31.84 20.78
CA SER D 112 27.50 32.49 21.52
C SER D 112 27.14 31.63 22.72
N ILE D 113 26.48 32.26 23.69
CA ILE D 113 26.06 31.53 24.89
C ILE D 113 25.16 30.37 24.54
N PRO D 114 24.14 30.51 23.68
CA PRO D 114 23.33 29.34 23.33
C PRO D 114 24.15 28.18 22.78
N MET D 115 25.15 28.47 21.94
CA MET D 115 25.97 27.39 21.40
C MET D 115 26.84 26.76 22.48
N PHE D 116 27.33 27.57 23.43
CA PHE D 116 28.09 27.01 24.54
C PHE D 116 27.23 26.06 25.38
N VAL D 117 26.00 26.47 25.68
CA VAL D 117 25.12 25.61 26.45
C VAL D 117 24.77 24.36 25.66
N THR D 118 24.61 24.50 24.35
CA THR D 118 24.34 23.34 23.51
C THR D 118 25.51 22.37 23.52
N LEU D 119 26.73 22.89 23.46
CA LEU D 119 27.90 22.03 23.54
C LEU D 119 27.97 21.31 24.88
N ILE D 120 27.69 22.03 25.97
CA ILE D 120 27.71 21.40 27.29
C ILE D 120 26.68 20.28 27.35
N PHE D 121 25.45 20.55 26.89
CA PHE D 121 24.40 19.55 26.96
C PHE D 121 24.70 18.37 26.06
N MET D 122 25.28 18.61 24.88
CA MET D 122 25.64 17.51 24.00
C MET D 122 26.76 16.67 24.58
N ILE D 123 27.74 17.30 25.24
CA ILE D 123 28.79 16.55 25.92
C ILE D 123 28.20 15.69 27.02
N ALA D 124 27.27 16.26 27.80
CA ALA D 124 26.62 15.48 28.85
C ALA D 124 25.82 14.32 28.28
N THR D 125 25.09 14.55 27.18
CA THR D 125 24.29 13.49 26.59
C THR D 125 25.19 12.41 26.00
N SER D 126 26.34 12.80 25.44
CA SER D 126 27.31 11.82 24.98
C SER D 126 27.86 11.00 26.14
N ILE D 127 28.10 11.66 27.29
CA ILE D 127 28.55 10.92 28.47
C ILE D 127 27.51 9.88 28.88
N LEU D 128 26.24 10.30 28.90
CA LEU D 128 25.16 9.37 29.27
C LEU D 128 25.05 8.24 28.26
N PHE D 129 25.16 8.56 26.97
CA PHE D 129 25.06 7.55 25.93
C PHE D 129 26.20 6.54 26.03
N LEU D 130 27.42 7.02 26.28
CA LEU D 130 28.55 6.13 26.48
C LEU D 130 28.35 5.27 27.72
N SER D 131 27.82 5.86 28.79
CA SER D 131 27.52 5.09 29.99
C SER D 131 26.57 3.95 29.68
N MET D 132 25.47 4.25 28.98
CA MET D 132 24.52 3.21 28.61
C MET D 132 25.16 2.16 27.71
N PHE D 133 25.96 2.60 26.73
CA PHE D 133 26.58 1.65 25.81
C PHE D 133 27.51 0.69 26.55
N THR D 134 28.36 1.23 27.43
CA THR D 134 29.28 0.39 28.18
C THR D 134 28.53 -0.52 29.14
N HIS D 135 27.49 -0.01 29.80
CA HIS D 135 26.72 -0.84 30.73
C HIS D 135 26.06 -2.01 29.99
N LEU D 136 25.45 -1.73 28.84
CA LEU D 136 24.79 -2.78 28.08
C LEU D 136 25.81 -3.79 27.55
N LEU D 137 26.98 -3.31 27.11
CA LEU D 137 28.02 -4.23 26.69
C LEU D 137 28.44 -5.13 27.84
N LYS D 138 28.59 -4.57 29.04
CA LYS D 138 28.95 -5.37 30.20
C LYS D 138 27.88 -6.41 30.52
N ILE D 139 26.61 -6.02 30.47
CA ILE D 139 25.51 -6.91 30.80
C ILE D 139 24.85 -7.52 29.57
N GLY D 140 25.38 -7.26 28.38
CA GLY D 140 24.79 -7.78 27.17
C GLY D 140 23.61 -6.95 26.70
N ILE D 141 23.49 -6.76 25.38
CA ILE D 141 22.46 -5.93 24.80
C ILE D 141 21.24 -6.81 24.50
N THR D 142 20.08 -6.40 25.00
CA THR D 142 18.82 -7.06 24.72
C THR D 142 17.88 -6.08 24.05
N ALA D 143 16.89 -6.61 23.34
CA ALA D 143 15.90 -5.76 22.69
C ALA D 143 15.21 -4.86 23.70
N LYS D 144 15.04 -5.33 24.94
CA LYS D 144 14.43 -4.51 25.98
C LYS D 144 15.39 -3.45 26.49
N ASN D 145 16.67 -3.81 26.67
CA ASN D 145 17.66 -2.83 27.10
C ASN D 145 17.91 -1.77 26.03
N PHE D 146 17.93 -2.18 24.76
CA PHE D 146 18.32 -1.28 23.68
C PHE D 146 17.52 0.02 23.70
N VAL D 147 16.25 -0.03 24.10
CA VAL D 147 15.44 1.19 24.14
C VAL D 147 16.21 2.31 24.82
N GLY D 148 16.82 2.03 25.97
CA GLY D 148 17.57 3.07 26.66
C GLY D 148 18.56 3.74 25.74
N LEU D 149 19.47 2.95 25.15
CA LEU D 149 20.42 3.53 24.21
C LEU D 149 19.70 4.35 23.16
N VAL D 150 18.66 3.79 22.54
CA VAL D 150 17.95 4.50 21.49
C VAL D 150 17.54 5.88 21.99
N PHE D 151 16.92 5.93 23.17
CA PHE D 151 16.53 7.22 23.73
C PHE D 151 17.68 8.21 23.61
N PHE D 152 18.80 7.91 24.27
CA PHE D 152 19.90 8.87 24.27
C PHE D 152 20.35 9.14 22.84
N GLY D 153 20.48 8.09 22.02
CA GLY D 153 20.82 8.30 20.64
C GLY D 153 19.92 9.32 19.99
N CYS D 154 18.60 9.08 20.07
CA CYS D 154 17.66 10.04 19.49
C CYS D 154 17.94 11.43 20.03
N VAL D 155 18.06 11.55 21.36
CA VAL D 155 18.28 12.87 21.93
C VAL D 155 19.51 13.52 21.31
N LEU D 156 20.61 12.78 21.24
CA LEU D 156 21.81 13.34 20.63
C LEU D 156 21.50 13.75 19.20
N SER D 157 20.91 12.85 18.42
CA SER D 157 20.52 13.21 17.06
C SER D 157 19.71 14.49 17.07
N ALA D 158 18.71 14.57 17.96
CA ALA D 158 17.89 15.77 18.00
C ALA D 158 18.76 17.01 18.12
N TYR D 159 19.69 17.01 19.07
CA TYR D 159 20.55 18.17 19.23
C TYR D 159 21.19 18.53 17.91
N VAL D 160 21.85 17.56 17.27
CA VAL D 160 22.49 17.84 16.00
C VAL D 160 21.48 18.40 15.03
N VAL D 161 20.35 17.71 14.86
CA VAL D 161 19.33 18.18 13.93
C VAL D 161 18.95 19.60 14.27
N PHE D 162 18.66 19.86 15.55
CA PHE D 162 18.19 21.19 15.92
C PHE D 162 19.27 22.22 15.65
N ILE D 163 20.54 21.88 15.89
CA ILE D 163 21.61 22.81 15.57
C ILE D 163 21.53 23.19 14.10
N ARG D 164 21.41 22.18 13.23
CA ARG D 164 21.27 22.48 11.81
C ARG D 164 20.03 23.32 11.58
N LEU D 165 18.93 22.97 12.24
CA LEU D 165 17.72 23.78 12.12
C LEU D 165 17.99 25.21 12.53
N ALA D 166 18.71 25.40 13.64
CA ALA D 166 19.07 26.75 14.04
C ALA D 166 19.82 27.46 12.93
N LYS D 167 20.76 26.76 12.30
CA LYS D 167 21.53 27.35 11.21
C LYS D 167 20.60 27.91 10.14
N LYS D 168 19.50 27.21 9.88
CA LYS D 168 18.56 27.63 8.85
C LYS D 168 17.46 28.54 9.38
N TRP D 169 17.32 28.67 10.70
CA TRP D 169 16.12 29.32 11.23
C TRP D 169 16.04 30.79 10.83
N PRO D 170 17.11 31.58 10.94
CA PRO D 170 16.99 33.01 10.58
C PRO D 170 16.36 33.22 9.21
N ALA D 171 17.01 32.72 8.16
CA ALA D 171 16.40 32.78 6.83
C ALA D 171 14.93 32.40 6.91
N VAL D 172 14.64 31.19 7.38
CA VAL D 172 13.26 30.74 7.51
C VAL D 172 12.41 31.82 8.17
N VAL D 173 12.76 32.19 9.40
CA VAL D 173 11.89 33.11 10.11
C VAL D 173 11.71 34.38 9.30
N ARG D 174 12.81 34.90 8.74
CA ARG D 174 12.71 36.09 7.91
C ARG D 174 11.65 35.90 6.85
N ILE D 175 11.82 34.90 5.97
CA ILE D 175 10.84 34.71 4.92
C ILE D 175 9.46 34.54 5.53
N TRP D 176 9.35 33.72 6.58
CA TRP D 176 8.06 33.50 7.21
C TRP D 176 7.41 34.84 7.54
N THR D 177 8.15 35.71 8.24
CA THR D 177 7.58 36.99 8.61
C THR D 177 7.08 37.74 7.38
N ARG D 178 7.95 37.88 6.37
CA ARG D 178 7.56 38.67 5.21
C ARG D 178 6.46 37.98 4.42
N THR D 179 6.28 36.67 4.60
CA THR D 179 5.18 36.00 3.94
C THR D 179 3.85 36.25 4.65
N GLU D 180 3.88 36.45 5.96
CA GLU D 180 2.64 36.53 6.74
C GLU D 180 2.21 37.95 7.03
N ILE D 181 2.97 38.97 6.59
CA ILE D 181 2.53 40.35 6.78
C ILE D 181 1.23 40.61 6.04
N PRO D 182 1.03 40.18 4.79
CA PRO D 182 -0.24 40.44 4.11
C PRO D 182 -1.45 39.92 4.86
N PHE D 183 -1.30 38.81 5.59
CA PHE D 183 -2.44 38.22 6.29
C PHE D 183 -2.78 38.92 7.59
N THR D 184 -1.97 39.88 8.02
CA THR D 184 -2.25 40.65 9.23
C THR D 184 -3.13 41.86 8.96
N LYS D 185 -3.53 42.07 7.71
CA LYS D 185 -4.34 43.20 7.29
C LYS D 185 -5.51 42.69 6.48
N PRO D 186 -6.56 43.51 6.31
CA PRO D 186 -7.72 43.07 5.53
C PRO D 186 -7.30 42.68 4.11
N PRO D 187 -8.08 41.83 3.44
CA PRO D 187 -9.39 41.28 3.85
C PRO D 187 -9.29 40.08 4.78
N TYR D 188 -8.13 39.85 5.39
CA TYR D 188 -7.96 38.73 6.31
C TYR D 188 -8.22 39.19 7.73
N GLU D 189 -8.95 38.37 8.49
CA GLU D 189 -9.29 38.65 9.87
C GLU D 189 -8.66 37.60 10.78
N ILE D 190 -8.36 38.02 12.00
CA ILE D 190 -7.78 37.11 12.99
C ILE D 190 -8.87 36.17 13.49
N PRO D 191 -8.67 34.85 13.48
CA PRO D 191 -9.73 33.94 13.94
C PRO D 191 -10.03 34.11 15.42
N LYS D 192 -11.03 33.37 15.92
CA LYS D 192 -11.36 33.42 17.33
C LYS D 192 -10.12 33.13 18.18
N ARG D 193 -9.40 32.05 17.85
CA ARG D 193 -8.16 31.69 18.51
C ARG D 193 -7.01 32.19 17.65
N ASN D 194 -6.33 33.23 18.11
CA ASN D 194 -5.21 33.76 17.37
C ASN D 194 -4.03 32.80 17.44
N LEU D 195 -3.01 33.06 16.61
CA LEU D 195 -1.89 32.13 16.50
C LEU D 195 -1.18 31.96 17.84
N SER D 196 -1.00 33.05 18.58
CA SER D 196 -0.34 32.96 19.87
C SER D 196 -1.11 32.05 20.81
N ARG D 197 -2.44 32.18 20.84
CA ARG D 197 -3.24 31.35 21.75
C ARG D 197 -3.20 29.88 21.32
N ARG D 198 -3.27 29.61 20.02
CA ARG D 198 -3.20 28.23 19.56
C ARG D 198 -1.87 27.60 19.95
N VAL D 199 -0.77 28.31 19.69
CA VAL D 199 0.55 27.79 20.04
C VAL D 199 0.66 27.59 21.54
N GLN D 200 0.18 28.56 22.32
CA GLN D 200 0.26 28.45 23.77
C GLN D 200 -0.52 27.24 24.27
N LEU D 201 -1.75 27.06 23.79
CA LEU D 201 -2.56 25.93 24.25
C LEU D 201 -1.88 24.61 23.93
N ALA D 202 -1.47 24.43 22.68
CA ALA D 202 -0.88 23.15 22.28
C ALA D 202 0.43 22.91 23.02
N ALA D 203 1.28 23.93 23.12
CA ALA D 203 2.57 23.77 23.77
C ALA D 203 2.42 23.51 25.25
N LEU D 204 1.50 24.21 25.92
CA LEU D 204 1.28 23.97 27.34
C LEU D 204 0.73 22.57 27.57
N ALA D 205 -0.18 22.11 26.71
CA ALA D 205 -0.68 20.74 26.83
C ALA D 205 0.46 19.74 26.70
N ILE D 206 1.29 19.91 25.68
CA ILE D 206 2.40 18.97 25.47
C ILE D 206 3.37 19.01 26.64
N ILE D 207 3.71 20.20 27.11
CA ILE D 207 4.67 20.34 28.19
C ILE D 207 4.13 19.73 29.48
N GLY D 208 2.86 20.00 29.79
CA GLY D 208 2.28 19.43 30.99
C GLY D 208 2.19 17.92 30.92
N LEU D 209 1.82 17.38 29.76
CA LEU D 209 1.75 15.93 29.62
C LEU D 209 3.12 15.29 29.72
N SER D 210 4.14 15.94 29.15
CA SER D 210 5.50 15.43 29.28
C SER D 210 5.98 15.48 30.72
N LEU D 211 5.69 16.56 31.44
CA LEU D 211 6.03 16.64 32.84
C LEU D 211 5.33 15.55 33.65
N GLY D 212 4.05 15.30 33.35
CA GLY D 212 3.35 14.23 34.01
C GLY D 212 3.95 12.87 33.71
N GLU D 213 4.35 12.65 32.45
CA GLU D 213 4.97 11.38 32.08
C GLU D 213 6.28 11.16 32.82
N HIS D 214 7.13 12.20 32.88
CA HIS D 214 8.40 12.05 33.58
C HIS D 214 8.21 11.92 35.08
N ALA D 215 7.24 12.65 35.65
CA ALA D 215 6.94 12.52 37.06
C ALA D 215 6.45 11.11 37.38
N LEU D 216 5.60 10.54 36.52
CA LEU D 216 5.15 9.17 36.73
C LEU D 216 6.31 8.19 36.59
N TYR D 217 7.22 8.44 35.65
CA TYR D 217 8.40 7.58 35.52
C TYR D 217 9.21 7.59 36.80
N GLN D 218 9.51 8.78 37.32
CA GLN D 218 10.31 8.89 38.54
C GLN D 218 9.58 8.26 39.72
N VAL D 219 8.27 8.52 39.84
CA VAL D 219 7.50 7.98 40.96
C VAL D 219 7.47 6.46 40.89
N SER D 220 7.27 5.91 39.69
CA SER D 220 7.25 4.46 39.54
C SER D 220 8.59 3.85 39.91
N ALA D 221 9.69 4.45 39.45
CA ALA D 221 11.00 3.92 39.78
C ALA D 221 11.25 3.98 41.28
N ILE D 222 10.96 5.12 41.90
CA ILE D 222 11.23 5.29 43.32
C ILE D 222 10.36 4.34 44.15
N LEU D 223 9.08 4.22 43.79
CA LEU D 223 8.19 3.34 44.54
C LEU D 223 8.59 1.88 44.37
N SER D 224 8.97 1.48 43.15
CA SER D 224 9.44 0.11 42.96
C SER D 224 10.66 -0.16 43.84
N TYR D 225 11.64 0.74 43.82
CA TYR D 225 12.85 0.55 44.61
C TYR D 225 12.52 0.47 46.10
N THR D 226 11.78 1.45 46.61
CA THR D 226 11.49 1.50 48.04
C THR D 226 10.65 0.31 48.48
N ARG D 227 9.64 -0.06 47.70
CA ARG D 227 8.78 -1.18 48.06
C ARG D 227 9.56 -2.48 48.02
N ARG D 228 10.41 -2.67 47.01
CA ARG D 228 11.28 -3.84 47.00
C ARG D 228 12.10 -3.92 48.27
N ILE D 229 12.77 -2.84 48.64
CA ILE D 229 13.62 -2.87 49.82
C ILE D 229 12.78 -3.15 51.07
N GLN D 230 11.62 -2.50 51.19
CA GLN D 230 10.85 -2.60 52.42
C GLN D 230 10.25 -4.00 52.60
N MET D 231 9.61 -4.54 51.57
CA MET D 231 8.99 -5.85 51.65
C MET D 231 9.91 -6.98 51.22
N CYS D 232 11.22 -6.70 51.09
CA CYS D 232 12.16 -7.74 50.72
C CYS D 232 12.21 -8.86 51.75
N ALA D 233 12.17 -8.51 53.04
CA ALA D 233 12.29 -9.49 54.12
C ALA D 233 13.61 -10.26 54.03
N ASN D 234 14.62 -9.61 53.47
CA ASN D 234 15.94 -10.18 53.24
C ASN D 234 16.92 -9.01 53.32
N ILE D 235 18.10 -9.15 52.70
CA ILE D 235 19.11 -8.10 52.72
C ILE D 235 18.41 -6.76 52.56
N THR D 236 18.69 -5.83 53.48
CA THR D 236 17.88 -4.63 53.63
C THR D 236 18.39 -3.47 52.76
N THR D 237 19.63 -3.04 52.99
CA THR D 237 20.19 -1.88 52.31
C THR D 237 19.22 -0.70 52.41
N VAL D 238 19.04 -0.27 53.65
CA VAL D 238 18.05 0.75 54.03
C VAL D 238 17.89 1.78 52.92
N PRO D 239 16.67 2.14 52.54
CA PRO D 239 16.49 3.05 51.40
C PRO D 239 17.17 4.38 51.64
N SER D 240 17.76 4.93 50.58
CA SER D 240 18.40 6.23 50.64
C SER D 240 18.51 6.76 49.22
N PHE D 241 18.74 8.08 49.13
CA PHE D 241 18.90 8.71 47.82
C PHE D 241 20.11 8.13 47.09
N ASN D 242 21.22 7.95 47.81
CA ASN D 242 22.44 7.48 47.16
C ASN D 242 22.30 6.05 46.67
N ASN D 243 21.69 5.17 47.46
CA ASN D 243 21.54 3.79 47.04
C ASN D 243 20.61 3.69 45.83
N TYR D 244 19.51 4.45 45.83
CA TYR D 244 18.64 4.48 44.67
C TYR D 244 19.39 5.00 43.44
N MET D 245 20.17 6.07 43.61
CA MET D 245 20.91 6.62 42.48
C MET D 245 21.88 5.59 41.91
N GLN D 246 22.56 4.86 42.80
CA GLN D 246 23.51 3.84 42.35
C GLN D 246 22.80 2.65 41.71
N THR D 247 21.58 2.34 42.16
CA THR D 247 20.88 1.16 41.66
C THR D 247 20.20 1.44 40.31
N ASN D 248 19.25 2.38 40.30
CA ASN D 248 18.48 2.62 39.09
C ASN D 248 19.35 3.19 37.97
N TYR D 249 20.30 4.06 38.31
CA TYR D 249 21.21 4.67 37.36
C TYR D 249 22.59 4.04 37.43
N ASP D 250 22.64 2.73 37.69
CA ASP D 250 23.92 2.03 37.78
C ASP D 250 24.68 2.08 36.46
N TYR D 251 23.98 2.25 35.34
CA TYR D 251 24.66 2.37 34.06
C TYR D 251 25.55 3.60 33.99
N VAL D 252 25.26 4.63 34.80
CA VAL D 252 26.11 5.82 34.85
C VAL D 252 27.27 5.60 35.81
N PHE D 253 26.95 5.34 37.08
CA PHE D 253 27.97 5.27 38.12
C PHE D 253 28.89 4.06 37.96
N GLN D 254 28.53 3.09 37.11
CA GLN D 254 29.47 2.01 36.81
C GLN D 254 30.65 2.50 35.98
N LEU D 255 30.57 3.72 35.46
CA LEU D 255 31.65 4.33 34.70
C LEU D 255 32.24 5.56 35.37
N LEU D 256 31.42 6.32 36.10
CA LEU D 256 31.87 7.51 36.81
C LEU D 256 31.77 7.26 38.32
N PRO D 257 32.74 7.74 39.10
CA PRO D 257 32.63 7.60 40.56
C PRO D 257 31.39 8.32 41.07
N TYR D 258 30.72 7.69 42.03
CA TYR D 258 29.48 8.26 42.55
C TYR D 258 29.76 9.52 43.36
N SER D 259 28.81 10.46 43.30
CA SER D 259 28.85 11.67 44.08
C SER D 259 27.46 12.32 44.06
N PRO D 260 26.95 12.82 45.18
CA PRO D 260 25.61 13.42 45.15
C PRO D 260 25.46 14.53 44.12
N ILE D 261 26.51 15.35 43.93
CA ILE D 261 26.45 16.37 42.90
C ILE D 261 26.27 15.74 41.53
N ILE D 262 27.02 14.67 41.24
CA ILE D 262 26.84 13.97 39.97
C ILE D 262 25.45 13.36 39.90
N ALA D 263 24.90 12.93 41.03
CA ALA D 263 23.54 12.40 41.03
C ALA D 263 22.54 13.45 40.59
N VAL D 264 22.59 14.64 41.19
CA VAL D 264 21.69 15.71 40.80
C VAL D 264 21.92 16.10 39.35
N LEU D 265 23.18 16.12 38.92
CA LEU D 265 23.48 16.43 37.54
C LEU D 265 22.85 15.41 36.60
N ILE D 266 22.95 14.13 36.92
CA ILE D 266 22.36 13.10 36.07
C ILE D 266 20.85 13.24 36.02
N LEU D 267 20.23 13.53 37.16
CA LEU D 267 18.78 13.73 37.15
C LEU D 267 18.38 14.91 36.27
N LEU D 268 19.07 16.05 36.41
CA LEU D 268 18.74 17.22 35.62
C LEU D 268 18.98 16.97 34.13
N ILE D 269 20.07 16.29 33.80
CA ILE D 269 20.41 16.02 32.41
C ILE D 269 19.42 15.04 31.80
N ASN D 270 18.94 14.05 32.58
CA ASN D 270 17.91 13.16 32.09
C ASN D 270 16.60 13.92 31.85
N GLY D 271 16.27 14.85 32.73
CA GLY D 271 15.11 15.69 32.49
C GLY D 271 15.24 16.51 31.22
N ALA D 272 16.43 17.06 30.99
CA ALA D 272 16.67 17.83 29.77
C ALA D 272 16.55 16.94 28.53
N CYS D 273 17.07 15.72 28.61
CA CYS D 273 16.96 14.79 27.49
C CYS D 273 15.49 14.47 27.21
N THR D 274 14.70 14.25 28.26
CA THR D 274 13.28 14.00 28.07
C THR D 274 12.59 15.21 27.44
N PHE D 275 12.96 16.41 27.89
CA PHE D 275 12.36 17.61 27.32
C PHE D 275 12.70 17.73 25.84
N VAL D 276 13.94 17.40 25.46
CA VAL D 276 14.31 17.44 24.04
C VAL D 276 13.50 16.41 23.26
N TRP D 277 13.38 15.20 23.82
CA TRP D 277 12.63 14.13 23.19
C TRP D 277 11.19 14.55 22.91
N ASN D 278 10.59 15.28 23.84
CA ASN D 278 9.23 15.76 23.61
C ASN D 278 9.20 17.02 22.75
N TYR D 279 10.27 17.80 22.76
CA TYR D 279 10.27 19.08 22.07
C TYR D 279 10.45 18.91 20.57
N MET D 280 11.02 17.80 20.12
CA MET D 280 11.01 17.57 18.67
C MET D 280 9.57 17.61 18.14
N ASP D 281 8.70 16.80 18.77
CA ASP D 281 7.29 16.77 18.37
C ASP D 281 6.63 18.11 18.64
N LEU D 282 6.93 18.74 19.78
CA LEU D 282 6.31 20.02 20.09
C LEU D 282 6.64 21.07 19.03
N PHE D 283 7.91 21.14 18.61
CA PHE D 283 8.31 22.12 17.61
C PHE D 283 7.65 21.84 16.27
N ILE D 284 7.58 20.57 15.87
CA ILE D 284 6.85 20.25 14.65
C ILE D 284 5.41 20.73 14.76
N MET D 285 4.81 20.53 15.94
CA MET D 285 3.42 20.95 16.14
C MET D 285 3.26 22.46 16.00
N MET D 286 4.14 23.23 16.63
CA MET D 286 4.02 24.68 16.55
C MET D 286 4.20 25.18 15.12
N ILE D 287 5.15 24.59 14.40
CA ILE D 287 5.35 25.00 13.01
C ILE D 287 4.11 24.67 12.17
N SER D 288 3.54 23.49 12.39
CA SER D 288 2.32 23.13 11.67
C SER D 288 1.19 24.09 11.98
N LYS D 289 1.04 24.47 13.25
CA LYS D 289 0.03 25.46 13.61
C LYS D 289 0.28 26.78 12.88
N GLY D 290 1.53 27.23 12.85
CA GLY D 290 1.83 28.48 12.19
C GLY D 290 1.46 28.47 10.72
N LEU D 291 1.70 27.34 10.04
CA LEU D 291 1.38 27.28 8.61
C LEU D 291 -0.12 27.13 8.37
N SER D 292 -0.76 26.21 9.10
CA SER D 292 -2.19 26.00 8.93
C SER D 292 -3.00 27.21 9.34
N TYR D 293 -2.44 28.08 10.19
CA TYR D 293 -3.13 29.32 10.56
C TYR D 293 -3.34 30.21 9.34
N ARG D 294 -2.27 30.42 8.57
CA ARG D 294 -2.39 31.26 7.38
C ARG D 294 -3.22 30.57 6.30
N PHE D 295 -3.09 29.25 6.17
CA PHE D 295 -3.93 28.55 5.20
C PHE D 295 -5.40 28.66 5.58
N GLU D 296 -5.71 28.61 6.87
CA GLU D 296 -7.09 28.78 7.34
C GLU D 296 -7.58 30.20 7.09
N GLN D 297 -6.70 31.19 7.26
CA GLN D 297 -7.09 32.56 6.94
C GLN D 297 -7.44 32.69 5.46
N ILE D 298 -6.65 32.06 4.58
CA ILE D 298 -6.96 32.07 3.16
C ILE D 298 -8.31 31.40 2.90
N THR D 299 -8.55 30.26 3.55
CA THR D 299 -9.81 29.56 3.36
C THR D 299 -10.99 30.42 3.81
N THR D 300 -10.84 31.11 4.94
CA THR D 300 -11.91 31.99 5.43
C THR D 300 -12.16 33.14 4.47
N ARG D 301 -11.09 33.74 3.94
CA ARG D 301 -11.28 34.81 2.98
C ARG D 301 -12.02 34.32 1.74
N ILE D 302 -11.66 33.12 1.26
CA ILE D 302 -12.37 32.56 0.11
C ILE D 302 -13.83 32.31 0.46
N ARG D 303 -14.10 31.79 1.65
CA ARG D 303 -15.47 31.55 2.08
C ARG D 303 -16.27 32.84 2.08
N LYS D 304 -15.63 33.95 2.42
CA LYS D 304 -16.33 35.24 2.41
C LYS D 304 -16.84 35.61 1.03
N LEU D 305 -16.30 35.00 -0.04
CA LEU D 305 -16.75 35.23 -1.40
C LEU D 305 -17.81 34.23 -1.84
N GLU D 306 -18.51 33.62 -0.87
CA GLU D 306 -19.38 32.49 -1.17
C GLU D 306 -20.47 32.88 -2.18
N HIS D 307 -21.20 33.95 -1.90
CA HIS D 307 -22.36 34.31 -2.71
C HIS D 307 -22.23 35.71 -3.30
N GLU D 308 -21.02 36.05 -3.75
CA GLU D 308 -20.76 37.35 -4.34
C GLU D 308 -20.10 37.17 -5.70
N GLU D 309 -20.39 38.11 -6.61
CA GLU D 309 -19.66 38.18 -7.87
C GLU D 309 -18.28 38.78 -7.57
N VAL D 310 -17.24 38.08 -7.97
CA VAL D 310 -15.87 38.41 -7.58
C VAL D 310 -15.10 38.88 -8.82
N CYS D 311 -14.46 40.03 -8.70
CA CYS D 311 -13.64 40.54 -9.78
C CYS D 311 -12.36 39.73 -9.91
N GLU D 312 -11.72 39.85 -11.08
CA GLU D 312 -10.51 39.08 -11.33
C GLU D 312 -9.39 39.48 -10.38
N SER D 313 -9.35 40.73 -9.93
CA SER D 313 -8.28 41.18 -9.06
C SER D 313 -8.31 40.45 -7.71
N VAL D 314 -9.51 40.21 -7.18
CA VAL D 314 -9.62 39.49 -5.91
C VAL D 314 -9.03 38.09 -6.05
N PHE D 315 -9.37 37.40 -7.13
CA PHE D 315 -8.81 36.07 -7.35
C PHE D 315 -7.32 36.13 -7.58
N ILE D 316 -6.83 37.18 -8.25
CA ILE D 316 -5.39 37.34 -8.44
C ILE D 316 -4.69 37.42 -7.09
N GLN D 317 -5.21 38.26 -6.20
CA GLN D 317 -4.59 38.41 -4.89
C GLN D 317 -4.68 37.11 -4.09
N ILE D 318 -5.81 36.43 -4.15
CA ILE D 318 -5.97 35.19 -3.40
C ILE D 318 -4.99 34.14 -3.90
N ARG D 319 -4.86 34.01 -5.23
CA ARG D 319 -3.94 33.03 -5.79
C ARG D 319 -2.50 33.39 -5.45
N GLU D 320 -2.15 34.68 -5.49
CA GLU D 320 -0.79 35.08 -5.16
C GLU D 320 -0.47 34.79 -3.69
N HIS D 321 -1.41 35.07 -2.79
CA HIS D 321 -1.20 34.77 -1.38
C HIS D 321 -1.09 33.26 -1.15
N TYR D 322 -1.93 32.47 -1.83
CA TYR D 322 -1.84 31.02 -1.71
C TYR D 322 -0.50 30.51 -2.21
N VAL D 323 -0.02 31.06 -3.33
CA VAL D 323 1.28 30.64 -3.87
C VAL D 323 2.40 31.02 -2.92
N LYS D 324 2.33 32.21 -2.32
CA LYS D 324 3.34 32.60 -1.34
C LYS D 324 3.31 31.68 -0.12
N MET D 325 2.11 31.31 0.32
CA MET D 325 1.99 30.38 1.45
C MET D 325 2.59 29.02 1.10
N CYS D 326 2.37 28.57 -0.14
CA CYS D 326 2.93 27.28 -0.55
C CYS D 326 4.45 27.36 -0.68
N GLU D 327 4.98 28.50 -1.13
CA GLU D 327 6.43 28.69 -1.16
C GLU D 327 7.00 28.66 0.26
N LEU D 328 6.32 29.32 1.20
CA LEU D 328 6.75 29.28 2.60
C LEU D 328 6.71 27.86 3.13
N LEU D 329 5.66 27.11 2.79
CA LEU D 329 5.58 25.72 3.21
C LEU D 329 6.73 24.91 2.63
N GLU D 330 7.06 25.11 1.36
CA GLU D 330 8.19 24.40 0.76
C GLU D 330 9.49 24.73 1.47
N PHE D 331 9.72 26.00 1.75
CA PHE D 331 10.96 26.40 2.42
C PHE D 331 11.03 25.80 3.82
N VAL D 332 9.94 25.90 4.58
CA VAL D 332 9.91 25.37 5.94
C VAL D 332 10.07 23.85 5.92
N ASP D 333 9.45 23.18 4.95
CA ASP D 333 9.59 21.74 4.83
C ASP D 333 11.03 21.35 4.53
N SER D 334 11.69 22.08 3.64
CA SER D 334 13.10 21.81 3.38
C SER D 334 13.92 22.00 4.64
N ALA D 335 13.62 23.04 5.41
CA ALA D 335 14.37 23.29 6.64
C ALA D 335 14.12 22.20 7.69
N MET D 336 12.90 21.70 7.78
CA MET D 336 12.46 20.86 8.88
C MET D 336 12.33 19.38 8.50
N SER D 337 12.75 19.00 7.30
CA SER D 337 12.59 17.61 6.89
C SER D 337 13.39 16.67 7.77
N SER D 338 14.60 17.06 8.16
CA SER D 338 15.41 16.21 9.03
C SER D 338 14.72 16.01 10.38
N LEU D 339 14.20 17.09 10.96
CA LEU D 339 13.51 16.96 12.24
C LEU D 339 12.26 16.09 12.10
N ILE D 340 11.52 16.27 11.00
CA ILE D 340 10.31 15.47 10.80
C ILE D 340 10.67 14.00 10.68
N LEU D 341 11.70 13.68 9.91
CA LEU D 341 12.11 12.29 9.74
C LEU D 341 12.55 11.69 11.07
N LEU D 342 13.38 12.42 11.83
CA LEU D 342 13.86 11.90 13.10
C LEU D 342 12.70 11.69 14.07
N SER D 343 11.79 12.66 14.15
CA SER D 343 10.65 12.54 15.05
C SER D 343 9.77 11.36 14.64
N CYS D 344 9.54 11.18 13.34
CA CYS D 344 8.69 10.09 12.89
C CYS D 344 9.30 8.74 13.22
N VAL D 345 10.59 8.57 12.93
CA VAL D 345 11.23 7.28 13.19
C VAL D 345 11.27 7.01 14.69
N ASN D 346 11.61 8.02 15.49
CA ASN D 346 11.66 7.83 16.93
C ASN D 346 10.30 7.49 17.50
N ASN D 347 9.26 8.20 17.06
CA ASN D 347 7.90 7.93 17.53
C ASN D 347 7.47 6.53 17.15
N LEU D 348 7.74 6.11 15.90
CA LEU D 348 7.36 4.78 15.49
C LEU D 348 8.05 3.72 16.33
N TYR D 349 9.37 3.87 16.53
CA TYR D 349 10.10 2.89 17.31
C TYR D 349 9.57 2.80 18.73
N PHE D 350 9.38 3.94 19.39
CA PHE D 350 8.97 3.92 20.78
C PHE D 350 7.53 3.44 20.93
N VAL D 351 6.64 3.82 19.99
CA VAL D 351 5.27 3.34 20.04
C VAL D 351 5.24 1.83 19.88
N CYS D 352 5.98 1.29 18.92
CA CYS D 352 6.01 -0.15 18.73
C CYS D 352 6.58 -0.85 19.95
N TYR D 353 7.67 -0.31 20.52
CA TYR D 353 8.29 -0.93 21.67
C TYR D 353 7.35 -0.95 22.88
N GLN D 354 6.65 0.16 23.13
CA GLN D 354 5.73 0.22 24.25
C GLN D 354 4.52 -0.68 24.00
N LEU D 355 4.02 -0.71 22.77
CA LEU D 355 2.88 -1.58 22.45
C LEU D 355 3.25 -3.05 22.60
N LEU D 356 4.51 -3.40 22.36
CA LEU D 356 4.94 -4.77 22.54
C LEU D 356 4.94 -5.18 24.01
N ASN D 357 4.84 -4.22 24.93
CA ASN D 357 4.85 -4.50 26.36
C ASN D 357 3.48 -4.32 27.01
N VAL D 358 2.42 -4.22 26.21
CA VAL D 358 1.09 -4.00 26.78
C VAL D 358 0.66 -5.21 27.59
N PHE D 359 0.97 -6.42 27.12
CA PHE D 359 0.57 -7.64 27.79
C PHE D 359 1.55 -8.09 28.86
N ASN D 360 2.69 -7.42 29.00
CA ASN D 360 3.62 -7.75 30.07
C ASN D 360 2.99 -7.48 31.44
N LYS D 361 3.47 -8.19 32.45
CA LYS D 361 2.97 -8.06 33.80
C LYS D 361 3.95 -7.25 34.64
N LEU D 362 3.44 -6.22 35.29
CA LEU D 362 4.23 -5.35 36.15
C LEU D 362 3.85 -5.58 37.59
N ARG D 363 4.77 -5.25 38.50
CA ARG D 363 4.58 -5.57 39.90
C ARG D 363 3.49 -4.71 40.53
N TRP D 364 3.67 -3.39 40.52
CA TRP D 364 2.84 -2.50 41.31
C TRP D 364 1.81 -1.80 40.45
N PRO D 365 0.70 -1.35 41.03
CA PRO D 365 -0.26 -0.55 40.26
C PRO D 365 0.35 0.73 39.71
N ILE D 366 1.31 1.32 40.42
CA ILE D 366 1.97 2.51 39.91
C ILE D 366 2.75 2.20 38.65
N ASN D 367 3.33 1.00 38.57
CA ASN D 367 4.02 0.59 37.35
C ASN D 367 3.07 0.54 36.17
N TYR D 368 1.88 -0.05 36.36
CA TYR D 368 0.88 -0.06 35.29
C TYR D 368 0.46 1.36 34.93
N ILE D 369 0.26 2.20 35.95
CA ILE D 369 -0.16 3.59 35.69
C ILE D 369 0.88 4.30 34.84
N TYR D 370 2.15 4.17 35.21
CA TYR D 370 3.21 4.82 34.44
C TYR D 370 3.27 4.26 33.02
N PHE D 371 3.24 2.93 32.89
CA PHE D 371 3.36 2.34 31.55
C PHE D 371 2.22 2.80 30.65
N TRP D 372 0.99 2.78 31.16
CA TRP D 372 -0.15 3.12 30.31
C TRP D 372 -0.22 4.62 30.06
N TYR D 373 0.14 5.45 31.04
CA TYR D 373 0.22 6.87 30.79
C TYR D 373 1.26 7.17 29.72
N SER D 374 2.43 6.53 29.80
CA SER D 374 3.46 6.76 28.80
C SER D 374 3.02 6.30 27.43
N LEU D 375 2.41 5.12 27.34
CA LEU D 375 1.96 4.61 26.05
C LEU D 375 0.89 5.50 25.44
N LEU D 376 -0.13 5.85 26.23
CA LEU D 376 -1.21 6.69 25.72
C LEU D 376 -0.70 8.07 25.35
N TYR D 377 0.19 8.65 26.18
CA TYR D 377 0.74 9.96 25.86
C TYR D 377 1.58 9.90 24.59
N LEU D 378 2.37 8.85 24.41
CA LEU D 378 3.20 8.74 23.22
C LEU D 378 2.35 8.59 21.97
N ILE D 379 1.34 7.71 22.03
CA ILE D 379 0.45 7.53 20.89
C ILE D 379 -0.30 8.81 20.60
N GLY D 380 -0.80 9.49 21.63
CA GLY D 380 -1.51 10.73 21.42
C GLY D 380 -0.63 11.83 20.88
N ARG D 381 0.62 11.90 21.34
CA ARG D 381 1.55 12.90 20.81
C ARG D 381 1.86 12.64 19.35
N THR D 382 2.11 11.38 18.99
CA THR D 382 2.34 11.05 17.58
C THR D 382 1.11 11.41 16.75
N ALA D 383 -0.08 11.02 17.21
CA ALA D 383 -1.29 11.29 16.46
C ALA D 383 -1.55 12.78 16.35
N PHE D 384 -1.31 13.53 17.42
CA PHE D 384 -1.53 14.97 17.41
C PHE D 384 -0.54 15.69 16.51
N VAL D 385 0.74 15.28 16.52
CA VAL D 385 1.70 15.89 15.60
C VAL D 385 1.30 15.62 14.16
N PHE D 386 0.95 14.36 13.86
CA PHE D 386 0.54 14.03 12.50
C PHE D 386 -0.72 14.79 12.10
N LEU D 387 -1.69 14.92 13.01
CA LEU D 387 -2.93 15.58 12.69
C LEU D 387 -2.74 17.09 12.53
N THR D 388 -1.89 17.70 13.36
CA THR D 388 -1.60 19.11 13.22
C THR D 388 -0.87 19.38 11.90
N ALA D 389 0.07 18.50 11.53
CA ALA D 389 0.75 18.67 10.25
C ALA D 389 -0.21 18.47 9.09
N ALA D 390 -1.10 17.48 9.20
CA ALA D 390 -2.06 17.22 8.14
C ALA D 390 -3.14 18.28 8.06
N ASP D 391 -3.34 19.06 9.12
CA ASP D 391 -4.29 20.15 9.07
C ASP D 391 -3.89 21.17 8.02
N ILE D 392 -2.60 21.29 7.73
CA ILE D 392 -2.16 22.16 6.64
C ILE D 392 -2.76 21.68 5.32
N ASN D 393 -2.64 20.39 5.05
CA ASN D 393 -3.19 19.82 3.81
C ASN D 393 -4.71 19.95 3.78
N GLU D 394 -5.36 19.65 4.90
CA GLU D 394 -6.82 19.75 4.97
C GLU D 394 -7.28 21.17 4.72
N GLU D 395 -6.60 22.15 5.32
CA GLU D 395 -6.97 23.55 5.13
C GLU D 395 -6.71 23.99 3.70
N SER D 396 -5.61 23.53 3.11
CA SER D 396 -5.35 23.86 1.70
C SER D 396 -6.45 23.33 0.81
N LYS D 397 -6.93 22.12 1.08
CA LYS D 397 -8.00 21.53 0.27
C LYS D 397 -9.39 22.09 0.62
N ARG D 398 -9.53 22.73 1.77
CA ARG D 398 -10.86 23.20 2.19
C ARG D 398 -11.37 24.33 1.29
N GLY D 399 -10.47 25.11 0.70
CA GLY D 399 -10.90 26.19 -0.18
C GLY D 399 -11.40 25.72 -1.53
N LEU D 400 -11.10 24.47 -1.89
CA LEU D 400 -11.56 23.94 -3.18
C LEU D 400 -13.08 23.88 -3.25
N GLY D 401 -13.73 23.48 -2.15
CA GLY D 401 -15.17 23.39 -2.16
C GLY D 401 -15.83 24.73 -2.40
N VAL D 402 -15.24 25.80 -1.88
CA VAL D 402 -15.82 27.13 -2.07
C VAL D 402 -15.46 27.67 -3.45
N LEU D 403 -14.26 27.34 -3.95
CA LEU D 403 -13.89 27.79 -5.29
C LEU D 403 -14.73 27.11 -6.36
N ARG D 404 -15.18 25.88 -6.09
CA ARG D 404 -16.03 25.18 -7.05
C ARG D 404 -17.42 25.81 -7.16
N ARG D 405 -17.79 26.65 -6.20
CA ARG D 405 -19.07 27.34 -6.22
C ARG D 405 -19.02 28.68 -6.94
N VAL D 406 -17.86 29.06 -7.47
CA VAL D 406 -17.75 30.33 -8.17
C VAL D 406 -18.71 30.35 -9.36
N SER D 407 -19.39 31.47 -9.55
CA SER D 407 -20.39 31.57 -10.59
C SER D 407 -19.75 31.55 -11.97
N SER D 408 -20.57 31.25 -12.98
CA SER D 408 -20.09 31.26 -14.35
C SER D 408 -19.63 32.65 -14.77
N ARG D 409 -20.27 33.70 -14.25
CA ARG D 409 -19.87 35.06 -14.58
C ARG D 409 -18.54 35.43 -13.93
N SER D 410 -18.32 35.00 -12.69
CA SER D 410 -17.09 35.32 -11.98
C SER D 410 -15.93 34.40 -12.36
N TRP D 411 -16.20 33.28 -13.02
CA TRP D 411 -15.15 32.35 -13.39
C TRP D 411 -14.19 32.99 -14.38
N CYS D 412 -12.90 32.81 -14.14
CA CYS D 412 -11.86 33.37 -14.99
C CYS D 412 -10.65 32.44 -14.96
N VAL D 413 -9.61 32.83 -15.69
CA VAL D 413 -8.40 32.02 -15.75
C VAL D 413 -7.74 31.92 -14.38
N GLU D 414 -7.86 32.98 -13.56
CA GLU D 414 -7.22 32.95 -12.24
C GLU D 414 -7.86 31.90 -11.34
N VAL D 415 -9.19 31.81 -11.36
CA VAL D 415 -9.85 30.79 -10.55
C VAL D 415 -9.48 29.40 -11.03
N GLU D 416 -9.39 29.22 -12.35
CA GLU D 416 -8.99 27.93 -12.89
C GLU D 416 -7.57 27.57 -12.45
N ARG D 417 -6.65 28.52 -12.51
CA ARG D 417 -5.28 28.28 -12.05
C ARG D 417 -5.26 27.89 -10.59
N LEU D 418 -5.95 28.65 -9.75
CA LEU D 418 -5.94 28.38 -8.32
C LEU D 418 -6.55 27.02 -8.02
N ILE D 419 -7.67 26.69 -8.67
CA ILE D 419 -8.31 25.41 -8.44
C ILE D 419 -7.41 24.27 -8.88
N PHE D 420 -6.73 24.42 -10.01
CA PHE D 420 -5.81 23.39 -10.46
C PHE D 420 -4.69 23.19 -9.46
N GLN D 421 -4.14 24.29 -8.93
CA GLN D 421 -3.05 24.18 -7.97
C GLN D 421 -3.51 23.50 -6.68
N MET D 422 -4.65 23.93 -6.14
CA MET D 422 -5.17 23.29 -4.93
C MET D 422 -5.45 21.82 -5.17
N THR D 423 -6.00 21.48 -6.32
CA THR D 423 -6.40 20.11 -6.60
C THR D 423 -5.18 19.19 -6.75
N THR D 424 -4.20 19.61 -7.54
CA THR D 424 -3.13 18.71 -7.94
C THR D 424 -1.88 18.80 -7.07
N GLN D 425 -1.69 19.90 -6.35
CA GLN D 425 -0.53 20.06 -5.50
C GLN D 425 -0.78 19.48 -4.12
N THR D 426 0.24 18.81 -3.58
CA THR D 426 0.18 18.26 -2.22
C THR D 426 0.77 19.31 -1.29
N VAL D 427 -0.11 20.05 -0.59
CA VAL D 427 0.31 21.11 0.32
C VAL D 427 0.40 20.47 1.70
N ALA D 428 1.60 19.98 2.04
CA ALA D 428 1.79 19.31 3.32
C ALA D 428 3.27 19.28 3.65
N LEU D 429 3.56 19.21 4.95
CA LEU D 429 4.92 18.92 5.40
C LEU D 429 5.27 17.48 5.04
N SER D 430 6.57 17.25 4.81
CA SER D 430 7.03 15.95 4.34
C SER D 430 8.31 15.57 5.06
N GLY D 431 8.53 14.26 5.16
CA GLY D 431 9.77 13.73 5.69
C GLY D 431 10.80 13.53 4.61
N LYS D 432 11.40 14.63 4.13
CA LYS D 432 12.36 14.60 3.03
C LYS D 432 11.71 14.07 1.75
N LYS D 433 10.41 14.32 1.58
CA LYS D 433 9.63 13.91 0.42
C LYS D 433 9.53 12.39 0.29
N PHE D 434 9.96 11.65 1.31
CA PHE D 434 9.71 10.21 1.31
C PHE D 434 8.26 9.90 1.62
N TYR D 435 7.62 10.76 2.42
CA TYR D 435 6.21 10.66 2.74
C TYR D 435 5.72 12.06 3.09
N PHE D 436 4.42 12.25 3.04
CA PHE D 436 3.80 13.54 3.32
C PHE D 436 2.87 13.41 4.51
N LEU D 437 2.95 14.37 5.42
CA LEU D 437 2.15 14.33 6.64
C LEU D 437 0.70 14.65 6.34
N THR D 438 -0.10 13.61 6.12
CA THR D 438 -1.52 13.73 5.82
C THR D 438 -2.30 12.76 6.70
N ARG D 439 -3.62 12.89 6.67
CA ARG D 439 -4.47 11.95 7.40
C ARG D 439 -4.31 10.54 6.83
N ARG D 440 -4.18 10.42 5.52
CA ARG D 440 -3.92 9.12 4.91
C ARG D 440 -2.62 8.53 5.43
N LEU D 441 -1.58 9.37 5.59
CA LEU D 441 -0.32 8.88 6.12
C LEU D 441 -0.48 8.40 7.56
N LEU D 442 -1.27 9.10 8.37
CA LEU D 442 -1.48 8.66 9.74
C LEU D 442 -2.23 7.32 9.77
N PHE D 443 -3.23 7.17 8.89
CA PHE D 443 -3.92 5.89 8.80
C PHE D 443 -2.96 4.77 8.38
N GLY D 444 -2.11 5.04 7.40
CA GLY D 444 -1.14 4.04 6.98
C GLY D 444 -0.14 3.71 8.07
N MET D 445 0.26 4.72 8.85
CA MET D 445 1.16 4.48 9.97
C MET D 445 0.49 3.61 11.02
N ALA D 446 -0.79 3.87 11.31
CA ALA D 446 -1.50 3.01 12.26
C ALA D 446 -1.57 1.57 11.74
N GLY D 447 -1.87 1.40 10.45
CA GLY D 447 -1.91 0.05 9.90
C GLY D 447 -0.56 -0.64 9.95
N THR D 448 0.51 0.10 9.63
CA THR D 448 1.86 -0.46 9.69
C THR D 448 2.22 -0.84 11.12
N ILE D 449 1.84 0.00 12.09
CA ILE D 449 2.11 -0.32 13.49
C ILE D 449 1.36 -1.58 13.90
N VAL D 450 0.11 -1.72 13.46
CA VAL D 450 -0.66 -2.92 13.78
C VAL D 450 0.01 -4.15 13.20
N THR D 451 0.45 -4.07 11.94
CA THR D 451 1.12 -5.21 11.31
C THR D 451 2.42 -5.55 12.04
N TYR D 452 3.22 -4.54 12.37
CA TYR D 452 4.47 -4.78 13.07
C TYR D 452 4.21 -5.41 14.44
N GLU D 453 3.20 -4.92 15.16
CA GLU D 453 2.88 -5.49 16.47
C GLU D 453 2.42 -6.92 16.34
N LEU D 454 1.59 -7.22 15.34
CA LEU D 454 1.14 -8.60 15.14
C LEU D 454 2.31 -9.52 14.86
N VAL D 455 3.26 -9.08 14.03
CA VAL D 455 4.40 -9.93 13.71
C VAL D 455 5.35 -10.03 14.90
N LEU D 456 5.44 -8.99 15.71
CA LEU D 456 6.45 -8.93 16.75
C LEU D 456 6.00 -9.55 18.06
N LEU D 457 4.69 -9.62 18.31
CA LEU D 457 4.21 -10.23 19.54
C LEU D 457 4.60 -11.70 19.65
N GLN D 458 4.95 -12.32 18.52
CA GLN D 458 5.49 -13.68 18.55
C GLN D 458 6.93 -13.70 19.06
N PHE D 459 7.69 -12.64 18.78
CA PHE D 459 9.08 -12.60 19.22
C PHE D 459 9.17 -12.63 20.74
N ASP D 460 8.34 -11.84 21.42
CA ASP D 460 8.40 -11.68 22.87
C ASP D 460 7.44 -12.59 23.61
N GLU D 461 6.77 -13.52 22.94
CA GLU D 461 5.89 -14.47 23.62
C GLU D 461 6.62 -15.23 24.72
N PRO D 462 7.81 -15.79 24.49
CA PRO D 462 8.55 -16.40 25.61
C PRO D 462 8.78 -15.44 26.75
N ASN D 463 9.16 -14.20 26.44
CA ASN D 463 9.37 -13.20 27.49
C ASN D 463 8.07 -12.92 28.24
N ARG D 464 6.95 -12.83 27.51
CA ARG D 464 5.67 -12.59 28.16
C ARG D 464 5.31 -13.73 29.10
N ARG D 465 5.56 -14.97 28.69
CA ARG D 465 5.26 -16.10 29.57
C ARG D 465 6.30 -16.28 30.66
N LYS D 466 7.44 -15.60 30.61
CA LYS D 466 8.37 -15.64 31.74
C LYS D 466 7.69 -15.11 33.00
N GLY D 467 6.95 -14.02 32.89
CA GLY D 467 6.25 -13.48 34.03
C GLY D 467 7.14 -12.63 34.91
N LEU D 468 6.53 -12.14 36.00
CA LEU D 468 7.24 -11.30 36.94
C LEU D 468 8.32 -12.09 37.67
N GLN D 469 9.49 -11.48 37.84
CA GLN D 469 10.55 -12.10 38.60
C GLN D 469 10.25 -12.02 40.09
N PRO D 470 10.86 -12.88 40.90
CA PRO D 470 10.66 -12.79 42.35
C PRO D 470 11.11 -11.42 42.87
N LEU D 471 10.34 -10.88 43.83
CA LEU D 471 10.68 -9.58 44.39
C LEU D 471 12.03 -9.61 45.10
N CYS D 472 12.27 -10.68 45.87
CA CYS D 472 13.52 -10.76 46.62
C CYS D 472 14.73 -10.81 45.69
N ALA D 473 14.64 -11.60 44.62
CA ALA D 473 15.74 -11.75 43.68
C ALA D 473 16.01 -10.44 42.96
C2 BGC E . -8.03 -34.05 -10.12
C3 BGC E . -6.97 -33.43 -10.93
C4 BGC E . -6.71 -32.05 -10.54
C5 BGC E . -6.40 -31.94 -9.03
C6 BGC E . -6.23 -30.50 -8.66
C1 BGC E . -7.75 -33.91 -8.61
O1 BGC E . -8.88 -34.35 -7.92
O2 BGC E . -8.11 -35.45 -10.44
O3 BGC E . -7.41 -33.45 -12.37
O4 BGC E . -5.56 -31.59 -11.28
O5 BGC E . -7.47 -32.53 -8.23
O6 BGC E . -6.18 -30.42 -7.28
H2 BGC E . -8.87 -33.63 -10.32
H3 BGC E . -6.16 -33.95 -10.84
H4 BGC E . -7.48 -31.52 -10.72
H5 BGC E . -5.57 -32.42 -8.85
H61 BGC E . -5.42 -30.15 -9.04
H62 BGC E . -7.00 -30.00 -8.99
H1 BGC E . -7.00 -34.47 -8.38
HO1 BGC E . -8.78 -35.17 -7.73
HO2 BGC E . -8.91 -35.65 -10.64
HO3 BGC E . -7.19 -34.19 -12.71
HO6 BGC E . -6.35 -29.62 -7.03
C1 GLC E . -5.80 -30.43 -12.00
C2 GLC E . -5.14 -30.56 -13.38
C3 GLC E . -3.67 -30.57 -13.30
C4 GLC E . -3.15 -29.42 -12.52
C5 GLC E . -3.80 -29.35 -11.14
C6 GLC E . -3.32 -28.12 -10.42
O2 GLC E . -5.57 -31.80 -13.97
O3 GLC E . -3.12 -30.50 -14.66
O4 GLC E . -1.73 -29.57 -12.35
O5 GLC E . -5.26 -29.29 -11.25
O6 GLC E . -3.37 -28.36 -9.05
H1 GLC E . -6.75 -30.29 -12.14
H2 GLC E . -5.42 -29.82 -13.94
H3 GLC E . -3.38 -31.39 -12.88
H4 GLC E . -3.32 -28.61 -13.00
H5 GLC E . -3.56 -30.13 -10.63
H61 GLC E . -2.40 -27.92 -10.68
H62 GLC E . -3.88 -27.36 -10.64
HO2 GLC E . -6.18 -31.65 -14.55
HO3 GLC E . -2.60 -31.17 -14.79
HO4 GLC E . -1.34 -28.84 -12.52
HO6 GLC E . -4.18 -28.36 -8.80
C2 BGC F . 32.51 -15.81 -3.89
C3 BGC F . 32.60 -14.44 -3.35
C4 BGC F . 31.29 -13.79 -3.28
C5 BGC F . 30.29 -14.65 -2.48
C6 BGC F . 28.94 -14.00 -2.53
C1 BGC F . 31.48 -16.67 -3.15
O1 BGC F . 31.32 -17.85 -3.84
O2 BGC F . 33.79 -16.44 -3.78
O3 BGC F . 33.49 -13.63 -4.23
O4 BGC F . 31.46 -12.52 -2.62
O5 BGC F . 30.17 -16.00 -3.03
O6 BGC F . 28.01 -14.89 -2.02
H2 BGC F . 32.26 -15.76 -4.82
H3 BGC F . 32.99 -14.48 -2.46
H4 BGC F . 30.95 -13.68 -4.18
H5 BGC F . 30.60 -14.70 -1.56
H61 BGC F . 28.94 -13.20 -1.98
H62 BGC F . 28.71 -13.77 -3.44
H1 BGC F . 31.81 -16.85 -2.26
HO1 BGC F . 31.92 -18.40 -3.60
HO2 BGC F . 33.69 -17.27 -3.69
HO3 BGC F . 34.08 -13.24 -3.77
HO6 BGC F . 27.23 -14.68 -2.28
C1 GLC F . 30.99 -11.45 -3.36
C2 GLC F . 31.98 -10.30 -3.23
C3 GLC F . 32.03 -9.74 -1.87
C4 GLC F . 30.69 -9.42 -1.34
C5 GLC F . 29.73 -10.61 -1.45
C6 GLC F . 28.36 -10.21 -1.00
O2 GLC F . 33.30 -10.78 -3.59
O3 GLC F . 32.84 -8.53 -1.88
O4 GLC F . 30.80 -9.05 0.05
O5 GLC F . 29.66 -11.09 -2.84
O6 GLC F . 27.73 -11.33 -0.51
H1 GLC F . 30.90 -11.68 -4.30
H2 GLC F . 31.72 -9.59 -3.84
H3 GLC F . 32.45 -10.40 -1.28
H4 GLC F . 30.32 -8.68 -1.85
H5 GLC F . 30.07 -11.33 -0.90
H61 GLC F . 28.43 -9.53 -0.31
H62 GLC F . 27.86 -9.86 -1.75
HO2 GLC F . 33.49 -10.52 -4.37
HO3 GLC F . 33.48 -8.59 -1.31
HO4 GLC F . 30.34 -8.34 0.18
HO6 GLC F . 27.49 -11.84 -1.15
C2 BGC G . -23.66 -11.23 25.31
C3 BGC G . -24.08 -11.54 23.94
C4 BGC G . -23.13 -11.03 22.94
C5 BGC G . -21.71 -11.52 23.22
C6 BGC G . -20.77 -10.90 22.24
C1 BGC G . -22.22 -11.68 25.59
O1 BGC G . -21.83 -11.18 26.82
O2 BGC G . -24.52 -11.91 26.23
O3 BGC G . -25.41 -10.91 23.70
O4 BGC G . -23.55 -11.52 21.65
O5 BGC G . -21.28 -11.18 24.57
O6 BGC G . -19.46 -11.18 22.63
H2 BGC G . -23.72 -10.28 25.46
H3 BGC G . -24.15 -12.50 23.84
H4 BGC G . -23.13 -10.07 22.98
H5 BGC G . -21.68 -12.48 23.11
H61 BGC G . -20.91 -11.26 21.35
H62 BGC G . -20.90 -9.93 22.22
H1 BGC G . -22.18 -12.64 25.61
HO1 BGC G . -21.98 -11.76 27.42
HO2 BGC G . -24.84 -11.35 26.79
HO3 BGC G . -26.02 -11.44 23.96
HO6 BGC G . -18.92 -10.64 22.26
C1 GLC G . -23.75 -10.52 20.72
C2 GLC G . -25.02 -10.83 19.91
C3 GLC G . -24.85 -12.01 19.05
C4 GLC G . -23.63 -11.93 18.20
C5 GLC G . -22.39 -11.66 19.04
C6 GLC G . -21.21 -11.48 18.14
O2 GLC G . -26.09 -11.09 20.84
O3 GLC G . -26.03 -12.13 18.18
O4 GLC G . -23.46 -13.17 17.51
O5 GLC G . -22.56 -10.44 19.85
O6 GLC G . -20.07 -11.85 18.84
H1 GLC G . -23.88 -9.66 21.15
H2 GLC G . -25.24 -10.07 19.35
H3 GLC G . -24.80 -12.80 19.61
H4 GLC G . -23.75 -11.22 17.56
H5 GLC G . -22.23 -12.40 19.63
H61 GLC G . -21.31 -12.03 17.35
H62 GLC G . -21.14 -10.54 17.87
HO2 GLC G . -26.59 -10.40 20.89
HO3 GLC G . -26.38 -12.90 18.28
HO4 GLC G . -23.28 -13.02 16.69
HO6 GLC G . -19.88 -11.26 19.42
C2 BGC H . 16.89 6.96 31.44
C3 BGC H . 15.48 7.39 31.44
C4 BGC H . 14.85 7.17 30.13
C5 BGC H . 14.99 5.71 29.68
C6 BGC H . 14.43 5.56 28.30
C1 BGC H . 17.05 5.51 30.95
O1 BGC H . 18.41 5.26 30.81
O2 BGC H . 17.38 7.04 32.80
O3 BGC H . 15.43 8.84 31.76
O4 BGC H . 13.46 7.51 30.25
O5 BGC H . 16.39 5.27 29.67
O6 BGC H . 14.77 4.29 27.83
H2 BGC H . 17.40 7.54 30.87
H3 BGC H . 15.00 6.89 32.10
H4 BGC H . 15.30 7.73 29.48
H5 BGC H . 14.50 5.15 30.29
H61 BGC H . 13.46 5.65 28.32
H62 BGC H . 14.80 6.24 27.71
H1 BGC H . 16.69 4.91 31.62
HO1 BGC H . 18.74 5.05 31.56
HO2 BGC H . 18.01 6.47 32.90
HO3 BGC H . 14.88 8.97 32.39
HO6 BGC H . 14.71 4.29 26.98
C1 GLC H . 13.03 8.45 29.34
C2 GLC H . 12.10 9.43 30.05
C3 GLC H . 10.84 8.80 30.48
C4 GLC H . 10.18 8.07 29.37
C5 GLC H . 11.13 7.08 28.71
C6 GLC H . 10.45 6.42 27.55
O2 GLC H . 12.78 9.95 31.22
O3 GLC H . 9.94 9.85 30.96
O4 GLC H . 9.06 7.35 29.90
O5 GLC H . 12.35 7.75 28.23
O6 GLC H . 11.00 5.17 27.37
H1 GLC H . 13.78 8.96 28.97
H2 GLC H . 11.90 10.17 29.45
H3 GLC H . 11.03 8.18 31.20
H4 GLC H . 9.88 8.71 28.71
H5 GLC H . 11.38 6.40 29.36
H61 GLC H . 9.50 6.34 27.72
H62 GLC H . 10.60 6.95 26.75
HO2 GLC H . 13.07 10.73 31.06
HO3 GLC H . 9.70 9.67 31.76
HO4 GLC H . 8.38 7.46 29.40
HO6 GLC H . 11.78 5.24 27.05
#